data_3TIK
#
_entry.id   3TIK
#
_cell.length_a   59.722
_cell.length_b   79.715
_cell.length_c   117.521
_cell.angle_alpha   74.47
_cell.angle_beta   81.58
_cell.angle_gamma   68.05
#
_symmetry.space_group_name_H-M   'P 1'
#
loop_
_entity.id
_entity.type
_entity.pdbx_description
1 polymer 'sterol 14-alpha demethylase (CYP51)'
2 non-polymer 'PROTOPORPHYRIN IX CONTAINING FE'
3 non-polymer 6-[(R)-(4-chlorophenyl)(methoxy)(1-methyl-1H-imidazol-5-yl)methyl]-4-(2,6-difluorophenyl)-1-methylquinolin-2(1H)-one
4 water water
#
_entity_poly.entity_id   1
_entity_poly.type   'polypeptide(L)'
_entity_poly.pdbx_seq_one_letter_code
;KGKLPPVYPVTVPILGHIIQFGKSPLGFMQECKRQLKSGIFTINIVGKRVTIVGDPHEHSRFFLPRNEVLSPREVYSFMV
PVFGEGVAYAAPYPRMREQLNFLAEELTIAKFQNFVPAIQHEVRKFMAANWDKDEGEINLLEDCSTMIINTACQCLFGED
LRKRLDARRFAQLLAKMESSLIPAAVFLPILLKLPLPQSARCHEARTELQKILSEIIIARKEEEVNKDSSTSDLLSGLLS
AVYRDGTPMSLHEVCGMIVAAMFAGQHTSSITTTWSMLHLMHPANVKHLEALRKEIEEFPAQLNYNNVMDEMPFAERCAR
ESIRRDPPLLMLMRKVMADVKVGSYVVPKGDIIACSPLLSHHDEEAFPEPRRWDPERDEKVEGAFIGFGAGVHKCIGQKF
GLLQVKTILATAFRSYDFQLLRDEVPDPDYHTMVVGPTASQCRVKYIRRKAAAA
;
_entity_poly.pdbx_strand_id   A,B,C,D
#
loop_
_chem_comp.id
_chem_comp.type
_chem_comp.name
_chem_comp.formula
HEM non-polymer 'PROTOPORPHYRIN IX CONTAINING FE' 'C34 H32 Fe N4 O4'
JKF non-polymer 6-[(R)-(4-chlorophenyl)(methoxy)(1-methyl-1H-imidazol-5-yl)methyl]-4-(2,6-difluorophenyl)-1-methylquinolin-2(1H)-one 'C28 H22 Cl F2 N3 O2'
#
# COMPACT_ATOMS: atom_id res chain seq x y z
N LYS A 1 7.74 28.75 -14.24
CA LYS A 1 6.37 28.52 -13.68
C LYS A 1 6.23 29.05 -12.25
N GLY A 2 7.28 28.89 -11.44
CA GLY A 2 7.23 29.30 -10.04
C GLY A 2 6.28 28.46 -9.19
N LYS A 3 5.90 27.30 -9.69
CA LYS A 3 5.13 26.33 -8.91
C LYS A 3 6.00 25.12 -8.55
N LEU A 4 5.42 24.10 -7.93
CA LEU A 4 6.17 22.91 -7.49
C LEU A 4 6.72 22.11 -8.68
N PRO A 5 7.82 21.37 -8.49
CA PRO A 5 8.27 20.56 -9.62
C PRO A 5 7.22 19.51 -9.98
N PRO A 6 7.24 19.01 -11.23
CA PRO A 6 6.37 17.90 -11.62
C PRO A 6 6.54 16.66 -10.71
N VAL A 7 5.41 16.08 -10.31
CA VAL A 7 5.40 14.93 -9.40
C VAL A 7 5.33 13.66 -10.24
N TYR A 8 6.25 12.72 -10.04
CA TYR A 8 6.12 11.41 -10.68
C TYR A 8 5.05 10.59 -9.95
N PRO A 9 4.05 10.07 -10.69
CA PRO A 9 2.94 9.29 -10.12
C PRO A 9 3.40 8.06 -9.35
N VAL A 10 2.74 7.81 -8.21
CA VAL A 10 3.01 6.66 -7.35
C VAL A 10 1.99 5.57 -7.61
N THR A 11 2.45 4.38 -8.00
CA THR A 11 1.53 3.26 -8.18
C THR A 11 1.67 2.19 -7.10
N VAL A 12 2.68 2.34 -6.24
CA VAL A 12 2.93 1.43 -5.12
C VAL A 12 2.47 2.04 -3.79
N PRO A 13 1.24 1.71 -3.37
CA PRO A 13 0.47 2.32 -2.27
C PRO A 13 1.24 3.05 -1.17
N ILE A 14 2.13 2.37 -0.44
CA ILE A 14 2.74 2.98 0.76
C ILE A 14 4.28 3.02 0.77
N LEU A 15 4.89 2.26 -0.14
CA LEU A 15 6.32 2.32 -0.39
C LEU A 15 6.73 3.52 -1.26
N GLY A 16 5.92 3.81 -2.27
CA GLY A 16 6.29 4.82 -3.26
C GLY A 16 7.17 4.24 -4.36
N HIS A 17 8.29 4.91 -4.64
CA HIS A 17 9.16 4.53 -5.74
C HIS A 17 10.39 3.75 -5.29
N ILE A 18 10.51 3.54 -3.98
CA ILE A 18 11.74 3.00 -3.42
C ILE A 18 12.15 1.65 -4.04
N ILE A 19 11.18 0.88 -4.50
CA ILE A 19 11.47 -0.42 -5.12
C ILE A 19 12.08 -0.29 -6.51
N GLN A 20 11.37 0.41 -7.40
CA GLN A 20 11.86 0.65 -8.75
C GLN A 20 13.23 1.33 -8.69
N PHE A 21 13.41 2.21 -7.72
CA PHE A 21 14.69 2.88 -7.53
C PHE A 21 15.81 1.86 -7.25
N GLY A 22 15.49 0.86 -6.42
CA GLY A 22 16.41 -0.24 -6.11
C GLY A 22 16.76 -1.12 -7.30
N LYS A 23 15.77 -1.58 -8.05
CA LYS A 23 16.08 -2.43 -9.22
C LYS A 23 17.09 -1.75 -10.17
N SER A 24 16.93 -0.45 -10.41
CA SER A 24 17.84 0.29 -11.28
C SER A 24 17.86 1.81 -11.03
N PRO A 25 18.76 2.28 -10.16
CA PRO A 25 18.76 3.70 -9.79
C PRO A 25 18.86 4.66 -10.97
N LEU A 26 19.86 4.47 -11.83
CA LEU A 26 20.05 5.35 -12.98
C LEU A 26 18.86 5.25 -13.94
N GLY A 27 18.54 4.02 -14.34
CA GLY A 27 17.45 3.79 -15.28
C GLY A 27 16.15 4.42 -14.81
N PHE A 28 15.87 4.27 -13.52
CA PHE A 28 14.65 4.85 -12.96
C PHE A 28 14.66 6.39 -13.02
N MET A 29 15.69 7.01 -12.46
CA MET A 29 15.78 8.46 -12.46
C MET A 29 15.70 9.02 -13.88
N GLN A 30 16.33 8.35 -14.83
CA GLN A 30 16.34 8.82 -16.23
C GLN A 30 14.97 8.67 -16.88
N GLU A 31 14.27 7.59 -16.57
CA GLU A 31 12.92 7.45 -17.08
C GLU A 31 12.04 8.53 -16.53
N CYS A 32 12.23 8.88 -15.27
CA CYS A 32 11.44 9.93 -14.72
C CYS A 32 11.70 11.23 -15.45
N LYS A 33 12.97 11.49 -15.70
CA LYS A 33 13.36 12.73 -16.29
C LYS A 33 12.77 12.81 -17.67
N ARG A 34 12.89 11.74 -18.42
CA ARG A 34 12.34 11.70 -19.75
C ARG A 34 10.85 11.79 -19.82
N GLN A 35 10.16 11.02 -19.02
CA GLN A 35 8.70 10.98 -19.08
C GLN A 35 8.10 12.31 -18.59
N LEU A 36 8.77 13.00 -17.69
CA LEU A 36 8.24 14.29 -17.22
C LEU A 36 8.78 15.48 -17.99
N LYS A 37 9.67 15.24 -18.95
CA LYS A 37 10.32 16.31 -19.70
C LYS A 37 10.84 17.43 -18.78
N SER A 38 11.51 17.04 -17.69
CA SER A 38 12.05 18.00 -16.73
C SER A 38 13.21 17.37 -16.00
N GLY A 39 14.25 18.17 -15.76
CA GLY A 39 15.39 17.69 -14.98
C GLY A 39 15.18 17.85 -13.49
N ILE A 40 14.18 18.64 -13.12
CA ILE A 40 13.83 18.80 -11.72
C ILE A 40 12.46 18.14 -11.51
N PHE A 41 12.39 17.18 -10.60
CA PHE A 41 11.15 16.42 -10.44
C PHE A 41 11.10 15.79 -9.06
N THR A 42 9.90 15.37 -8.64
CA THR A 42 9.66 14.89 -7.30
C THR A 42 9.20 13.46 -7.30
N ILE A 43 9.99 12.61 -6.65
CA ILE A 43 9.60 11.25 -6.42
C ILE A 43 9.20 11.08 -4.96
N ASN A 44 8.83 9.86 -4.62
CA ASN A 44 8.24 9.62 -3.32
C ASN A 44 8.84 8.35 -2.71
N ILE A 45 9.55 8.50 -1.59
CA ILE A 45 10.17 7.36 -0.91
C ILE A 45 9.51 7.13 0.47
N VAL A 46 8.71 6.07 0.57
CA VAL A 46 7.95 5.77 1.80
C VAL A 46 7.14 6.96 2.31
N GLY A 47 6.48 7.66 1.41
CA GLY A 47 5.61 8.77 1.80
C GLY A 47 6.29 10.12 1.83
N LYS A 48 7.61 10.12 1.65
CA LYS A 48 8.37 11.37 1.70
C LYS A 48 8.58 11.91 0.31
N ARG A 49 8.26 13.18 0.12
CA ARG A 49 8.59 13.83 -1.14
C ARG A 49 10.10 13.98 -1.21
N VAL A 50 10.67 13.52 -2.32
CA VAL A 50 12.09 13.73 -2.58
C VAL A 50 12.25 14.42 -3.96
N THR A 51 12.59 15.70 -3.92
CA THR A 51 12.75 16.47 -5.14
C THR A 51 14.19 16.36 -5.64
N ILE A 52 14.36 15.81 -6.84
CA ILE A 52 15.68 15.58 -7.43
C ILE A 52 16.12 16.71 -8.37
N VAL A 53 17.29 17.29 -8.11
CA VAL A 53 17.88 18.30 -8.99
C VAL A 53 18.71 17.54 -10.00
N GLY A 54 18.07 17.11 -11.08
CA GLY A 54 18.68 16.21 -12.05
C GLY A 54 19.16 16.94 -13.30
N ASP A 55 19.18 18.27 -13.23
CA ASP A 55 19.69 19.10 -14.32
C ASP A 55 21.04 19.69 -13.88
N PRO A 56 22.14 19.25 -14.52
CA PRO A 56 23.49 19.69 -14.13
C PRO A 56 23.70 21.20 -14.13
N HIS A 57 22.94 21.91 -14.96
CA HIS A 57 23.00 23.37 -15.00
C HIS A 57 22.47 23.96 -13.70
N GLU A 58 21.71 23.17 -12.94
CA GLU A 58 21.13 23.66 -11.70
C GLU A 58 21.85 23.21 -10.44
N HIS A 59 23.03 22.62 -10.58
CA HIS A 59 23.71 22.07 -9.41
C HIS A 59 23.83 23.14 -8.30
N SER A 60 24.18 24.36 -8.66
CA SER A 60 24.45 25.41 -7.67
C SER A 60 23.25 25.67 -6.73
N ARG A 61 22.05 25.39 -7.20
CA ARG A 61 20.86 25.58 -6.40
C ARG A 61 20.78 24.58 -5.24
N PHE A 62 21.50 23.47 -5.36
CA PHE A 62 21.57 22.48 -4.29
C PHE A 62 22.78 22.70 -3.38
N PHE A 63 23.94 22.98 -3.98
CA PHE A 63 25.20 22.96 -3.25
C PHE A 63 25.57 24.31 -2.65
N LEU A 64 25.04 25.39 -3.22
CA LEU A 64 25.43 26.74 -2.78
C LEU A 64 24.58 27.42 -1.70
N PRO A 65 23.30 27.04 -1.54
CA PRO A 65 22.52 27.75 -0.52
C PRO A 65 23.04 27.53 0.90
N ARG A 66 22.78 28.50 1.78
CA ARG A 66 23.12 28.38 3.21
C ARG A 66 22.49 27.17 3.92
N ASN A 67 23.11 26.72 5.01
CA ASN A 67 22.56 25.66 5.88
C ASN A 67 21.16 25.97 6.38
N GLU A 68 20.95 27.23 6.73
CA GLU A 68 19.65 27.69 7.23
C GLU A 68 18.55 27.36 6.24
N VAL A 69 18.93 27.15 4.98
CA VAL A 69 17.94 26.96 3.92
C VAL A 69 17.86 25.51 3.44
N LEU A 70 19.01 24.93 3.11
CA LEU A 70 19.10 23.50 2.86
C LEU A 70 20.02 22.87 3.90
N SER A 71 19.48 22.07 4.81
CA SER A 71 20.32 21.44 5.83
C SER A 71 20.42 19.93 5.69
N PRO A 72 21.64 19.40 5.86
CA PRO A 72 21.76 17.94 5.82
C PRO A 72 21.55 17.31 7.20
N ARG A 73 21.37 18.12 8.23
CA ARG A 73 21.31 17.57 9.59
C ARG A 73 20.31 16.43 9.73
N GLU A 74 19.06 16.68 9.34
CA GLU A 74 18.03 15.65 9.51
C GLU A 74 18.28 14.44 8.62
N VAL A 75 18.95 14.64 7.50
CA VAL A 75 19.31 13.57 6.58
C VAL A 75 20.40 12.66 7.12
N TYR A 76 21.26 13.19 7.98
CA TYR A 76 22.35 12.41 8.56
C TYR A 76 22.06 12.09 10.01
N SER A 77 20.80 12.20 10.39
CA SER A 77 20.34 11.87 11.72
C SER A 77 20.70 10.44 12.12
N PHE A 78 20.63 9.52 11.16
CA PHE A 78 20.85 8.12 11.48
C PHE A 78 22.30 7.85 11.93
N MET A 79 23.20 8.80 11.66
CA MET A 79 24.60 8.60 12.02
C MET A 79 24.97 9.21 13.36
N VAL A 80 24.02 9.85 14.02
CA VAL A 80 24.28 10.37 15.36
C VAL A 80 24.92 9.32 16.28
N PRO A 81 24.49 8.05 16.21
CA PRO A 81 25.10 7.09 17.15
C PRO A 81 26.59 6.84 16.88
N VAL A 82 27.05 7.19 15.70
CA VAL A 82 28.45 6.95 15.34
C VAL A 82 29.30 8.18 15.63
N PHE A 83 28.88 9.33 15.09
CA PHE A 83 29.54 10.59 15.35
C PHE A 83 29.36 10.99 16.80
N GLY A 84 28.14 10.78 17.31
CA GLY A 84 27.84 11.13 18.70
C GLY A 84 27.00 12.39 18.79
N GLU A 85 26.31 12.55 19.92
CA GLU A 85 25.45 13.71 20.13
C GLU A 85 26.20 15.02 20.00
N GLY A 86 25.60 15.98 19.31
CA GLY A 86 26.22 17.29 19.07
C GLY A 86 27.54 17.28 18.33
N VAL A 87 27.83 16.21 17.59
CA VAL A 87 29.02 16.18 16.74
C VAL A 87 28.65 16.34 15.28
N ALA A 88 29.45 17.09 14.53
CA ALA A 88 29.18 17.32 13.12
C ALA A 88 27.79 17.92 12.93
N TYR A 89 26.97 17.34 12.05
CA TYR A 89 25.68 17.95 11.71
C TYR A 89 24.71 18.05 12.90
N ALA A 90 24.90 17.21 13.92
CA ALA A 90 24.07 17.24 15.12
C ALA A 90 24.29 18.51 15.95
N ALA A 91 25.51 19.02 15.92
CA ALA A 91 25.83 20.28 16.61
C ALA A 91 25.22 21.48 15.89
N PRO A 92 25.09 22.61 16.60
CA PRO A 92 24.72 23.87 15.94
C PRO A 92 25.73 24.28 14.86
N TYR A 93 25.25 24.89 13.77
CA TYR A 93 26.04 25.00 12.54
C TYR A 93 27.38 25.73 12.62
N PRO A 94 27.44 26.86 13.36
CA PRO A 94 28.72 27.50 13.61
C PRO A 94 29.70 26.55 14.29
N ARG A 95 29.17 25.70 15.16
CA ARG A 95 29.97 24.74 15.91
C ARG A 95 30.35 23.53 15.04
N MET A 96 29.36 23.00 14.32
CA MET A 96 29.62 22.04 13.24
C MET A 96 30.80 22.51 12.40
N ARG A 97 30.71 23.76 11.94
CA ARG A 97 31.67 24.31 10.98
C ARG A 97 33.04 24.34 11.63
N GLU A 98 33.08 24.74 12.91
CA GLU A 98 34.35 24.75 13.65
C GLU A 98 34.95 23.37 13.75
N GLN A 99 34.11 22.35 13.95
CA GLN A 99 34.61 20.99 14.08
C GLN A 99 35.19 20.46 12.78
N LEU A 100 34.48 20.69 11.67
CA LEU A 100 34.94 20.25 10.36
C LEU A 100 36.21 20.98 9.89
N ASN A 101 36.30 22.28 10.22
CA ASN A 101 37.51 23.08 9.97
C ASN A 101 38.76 22.53 10.65
N PHE A 102 38.61 22.13 11.92
CA PHE A 102 39.68 21.44 12.65
C PHE A 102 40.11 20.14 11.95
N LEU A 103 39.14 19.42 11.40
CA LEU A 103 39.49 18.16 10.77
C LEU A 103 40.18 18.43 9.45
N ALA A 104 39.60 19.30 8.64
CA ALA A 104 40.17 19.68 7.36
C ALA A 104 41.62 20.15 7.55
N GLU A 105 41.85 20.90 8.64
CA GLU A 105 43.19 21.42 8.89
C GLU A 105 44.20 20.31 9.15
N GLU A 106 43.70 19.14 9.55
CA GLU A 106 44.57 17.98 9.73
C GLU A 106 44.82 17.24 8.42
N LEU A 107 44.14 17.69 7.38
CA LEU A 107 44.22 17.03 6.09
C LEU A 107 44.72 17.98 5.01
N THR A 108 45.37 19.08 5.42
CA THR A 108 45.93 20.01 4.46
C THR A 108 47.19 19.44 3.80
N ILE A 109 47.55 19.99 2.65
CA ILE A 109 48.65 19.48 1.86
C ILE A 109 49.96 19.67 2.61
N ALA A 110 49.95 20.59 3.57
CA ALA A 110 51.12 20.85 4.41
C ALA A 110 51.51 19.64 5.26
N LYS A 111 50.52 18.81 5.59
CA LYS A 111 50.72 17.54 6.31
C LYS A 111 51.25 16.44 5.38
N PHE A 112 51.12 16.65 4.07
CA PHE A 112 51.33 15.59 3.09
C PHE A 112 52.79 15.16 2.94
N GLN A 113 53.71 16.02 3.37
CA GLN A 113 55.13 15.75 3.18
C GLN A 113 55.45 14.35 3.70
N ASN A 114 55.13 14.11 4.97
CA ASN A 114 55.41 12.83 5.59
C ASN A 114 54.44 11.73 5.18
N PHE A 115 53.28 12.12 4.67
CA PHE A 115 52.23 11.15 4.29
C PHE A 115 52.69 10.20 3.18
N VAL A 116 53.44 10.73 2.22
CA VAL A 116 53.77 9.94 1.02
C VAL A 116 54.66 8.72 1.30
N PRO A 117 55.78 8.92 2.05
CA PRO A 117 56.57 7.74 2.39
C PRO A 117 55.90 6.86 3.46
N ALA A 118 55.05 7.44 4.29
CA ALA A 118 54.30 6.64 5.26
C ALA A 118 53.31 5.72 4.53
N ILE A 119 52.75 6.20 3.42
CA ILE A 119 51.83 5.43 2.59
C ILE A 119 52.56 4.39 1.75
N GLN A 120 53.73 4.75 1.22
CA GLN A 120 54.51 3.79 0.44
C GLN A 120 54.95 2.60 1.29
N HIS A 121 55.52 2.90 2.45
CA HIS A 121 55.92 1.89 3.43
C HIS A 121 54.83 0.84 3.66
N GLU A 122 53.58 1.27 3.84
CA GLU A 122 52.48 0.35 4.10
C GLU A 122 52.07 -0.42 2.86
N VAL A 123 52.10 0.23 1.70
CA VAL A 123 51.73 -0.42 0.47
C VAL A 123 52.72 -1.54 0.20
N ARG A 124 54.00 -1.17 0.21
CA ARG A 124 55.05 -2.12 -0.11
C ARG A 124 55.13 -3.28 0.90
N LYS A 125 54.90 -3.01 2.18
CA LYS A 125 54.81 -4.09 3.17
C LYS A 125 53.68 -5.04 2.84
N PHE A 126 52.48 -4.52 2.58
CA PHE A 126 51.36 -5.35 2.14
C PHE A 126 51.69 -6.15 0.89
N MET A 127 52.22 -5.48 -0.13
CA MET A 127 52.57 -6.16 -1.38
C MET A 127 53.63 -7.24 -1.13
N ALA A 128 54.55 -6.95 -0.22
CA ALA A 128 55.65 -7.88 0.10
C ALA A 128 55.10 -9.16 0.70
N ALA A 129 54.19 -9.03 1.65
CA ALA A 129 53.72 -10.16 2.42
C ALA A 129 52.61 -10.92 1.70
N ASN A 130 51.95 -10.25 0.75
CA ASN A 130 50.73 -10.76 0.15
C ASN A 130 50.82 -10.98 -1.35
N TRP A 131 51.69 -10.21 -2.00
CA TRP A 131 51.85 -10.33 -3.44
C TRP A 131 53.25 -10.86 -3.78
N ASP A 132 53.72 -11.83 -3.00
CA ASP A 132 55.15 -12.19 -3.02
C ASP A 132 55.56 -13.32 -3.96
N LYS A 133 54.72 -13.62 -4.97
CA LYS A 133 55.07 -14.63 -5.96
C LYS A 133 55.22 -14.00 -7.35
N ASP A 134 55.69 -14.79 -8.32
CA ASP A 134 55.83 -14.34 -9.70
C ASP A 134 54.45 -14.02 -10.28
N GLU A 135 53.45 -14.74 -9.78
CA GLU A 135 52.05 -14.48 -10.10
C GLU A 135 51.16 -15.23 -9.09
N GLY A 136 50.01 -14.65 -8.82
CA GLY A 136 49.06 -15.23 -7.88
C GLY A 136 47.68 -14.67 -8.14
N GLU A 137 46.71 -15.07 -7.33
CA GLU A 137 45.35 -14.60 -7.52
C GLU A 137 44.85 -13.92 -6.25
N ILE A 138 44.19 -12.76 -6.43
CA ILE A 138 43.72 -11.97 -5.31
C ILE A 138 42.34 -11.36 -5.56
N ASN A 139 41.71 -10.92 -4.48
CA ASN A 139 40.58 -10.04 -4.60
C ASN A 139 41.05 -8.59 -4.51
N LEU A 140 41.00 -7.90 -5.64
CA LEU A 140 41.58 -6.56 -5.71
C LEU A 140 40.87 -5.59 -4.76
N LEU A 141 39.54 -5.62 -4.79
CA LEU A 141 38.74 -4.80 -3.90
C LEU A 141 39.13 -5.03 -2.45
N GLU A 142 39.19 -6.29 -2.02
CA GLU A 142 39.56 -6.58 -0.64
C GLU A 142 40.96 -6.04 -0.36
N ASP A 143 41.84 -6.19 -1.33
CA ASP A 143 43.24 -5.87 -1.11
C ASP A 143 43.49 -4.35 -1.09
N CYS A 144 42.84 -3.62 -1.99
CA CYS A 144 42.86 -2.16 -1.90
C CYS A 144 42.24 -1.65 -0.60
N SER A 145 41.16 -2.30 -0.17
CA SER A 145 40.52 -1.92 1.05
C SER A 145 41.50 -2.06 2.23
N THR A 146 42.26 -3.16 2.25
CA THR A 146 43.23 -3.36 3.30
C THR A 146 44.35 -2.30 3.24
N MET A 147 44.86 -2.04 2.05
CA MET A 147 45.94 -1.06 1.90
C MET A 147 45.50 0.32 2.40
N ILE A 148 44.28 0.70 2.05
CA ILE A 148 43.72 2.01 2.39
C ILE A 148 43.61 2.21 3.90
N ILE A 149 43.10 1.23 4.63
CA ILE A 149 43.00 1.38 6.07
C ILE A 149 44.39 1.38 6.71
N ASN A 150 45.28 0.53 6.19
CA ASN A 150 46.66 0.44 6.70
C ASN A 150 47.42 1.74 6.42
N THR A 151 47.30 2.24 5.20
CA THR A 151 47.93 3.52 4.85
C THR A 151 47.37 4.70 5.67
N ALA A 152 46.05 4.75 5.83
CA ALA A 152 45.42 5.82 6.60
C ALA A 152 45.93 5.87 8.03
N CYS A 153 45.96 4.71 8.68
CA CYS A 153 46.36 4.64 10.09
C CYS A 153 47.82 5.01 10.29
N GLN A 154 48.67 4.66 9.32
CA GLN A 154 50.09 5.03 9.36
C GLN A 154 50.28 6.54 9.17
N CYS A 155 49.48 7.13 8.30
CA CYS A 155 49.49 8.59 8.08
C CYS A 155 48.98 9.35 9.29
N LEU A 156 47.81 8.93 9.78
CA LEU A 156 47.00 9.77 10.64
C LEU A 156 47.33 9.64 12.11
N PHE A 157 47.87 8.50 12.51
CA PHE A 157 48.06 8.17 13.91
C PHE A 157 49.51 7.86 14.25
N GLY A 158 49.95 8.35 15.40
CA GLY A 158 51.30 8.08 15.89
C GLY A 158 51.47 6.62 16.25
N GLU A 159 52.73 6.20 16.30
CA GLU A 159 53.09 4.82 16.60
C GLU A 159 52.38 4.26 17.85
N ASP A 160 52.40 5.04 18.93
CA ASP A 160 51.88 4.58 20.21
C ASP A 160 50.40 4.27 20.12
N LEU A 161 49.69 5.04 19.29
CA LEU A 161 48.28 4.81 19.04
C LEU A 161 48.14 3.52 18.23
N ARG A 162 49.02 3.33 17.26
CA ARG A 162 49.01 2.13 16.43
C ARG A 162 49.36 0.87 17.21
N LYS A 163 49.89 1.04 18.42
CA LYS A 163 50.26 -0.10 19.26
C LYS A 163 49.07 -0.72 19.98
N ARG A 164 48.25 0.12 20.62
CA ARG A 164 47.05 -0.36 21.30
C ARG A 164 45.96 -0.70 20.28
N LEU A 165 45.88 0.10 19.23
CA LEU A 165 44.83 -0.05 18.22
C LEU A 165 45.41 -0.13 16.82
N ASP A 166 45.80 -1.34 16.40
CA ASP A 166 46.30 -1.54 15.03
C ASP A 166 45.16 -1.41 14.02
N ALA A 167 45.48 -1.50 12.74
CA ALA A 167 44.48 -1.36 11.68
C ALA A 167 43.35 -2.38 11.78
N ARG A 168 43.70 -3.62 12.09
CA ARG A 168 42.72 -4.70 12.28
C ARG A 168 41.70 -4.37 13.37
N ARG A 169 42.16 -4.14 14.60
CA ARG A 169 41.26 -3.84 15.72
C ARG A 169 40.39 -2.64 15.38
N PHE A 170 41.00 -1.67 14.70
CA PHE A 170 40.31 -0.46 14.31
C PHE A 170 39.19 -0.81 13.35
N ALA A 171 39.52 -1.58 12.31
CA ALA A 171 38.57 -1.97 11.30
C ALA A 171 37.40 -2.76 11.93
N GLN A 172 37.72 -3.61 12.89
CA GLN A 172 36.73 -4.39 13.62
C GLN A 172 35.75 -3.50 14.37
N LEU A 173 36.26 -2.50 15.09
CA LEU A 173 35.41 -1.56 15.81
C LEU A 173 34.59 -0.71 14.87
N LEU A 174 35.21 -0.24 13.78
CA LEU A 174 34.48 0.51 12.77
C LEU A 174 33.36 -0.33 12.14
N ALA A 175 33.66 -1.59 11.84
CA ALA A 175 32.64 -2.50 11.30
C ALA A 175 31.47 -2.71 12.28
N LYS A 176 31.79 -2.86 13.57
CA LYS A 176 30.74 -3.03 14.57
C LYS A 176 29.82 -1.80 14.56
N MET A 177 30.41 -0.60 14.52
CA MET A 177 29.63 0.62 14.48
C MET A 177 28.79 0.70 13.21
N GLU A 178 29.43 0.41 12.09
CA GLU A 178 28.78 0.51 10.78
C GLU A 178 27.59 -0.43 10.61
N SER A 179 27.65 -1.61 11.21
CA SER A 179 26.64 -2.66 11.01
C SER A 179 25.32 -2.27 11.63
N SER A 180 25.37 -1.29 12.53
CA SER A 180 24.23 -0.87 13.30
C SER A 180 23.40 0.18 12.59
N LEU A 181 23.94 0.72 11.49
CA LEU A 181 23.38 1.90 10.83
C LEU A 181 22.32 1.59 9.79
N ILE A 182 21.27 2.40 9.77
CA ILE A 182 20.24 2.27 8.75
C ILE A 182 19.90 3.61 8.11
N PRO A 183 20.43 3.85 6.91
CA PRO A 183 20.14 4.98 6.03
C PRO A 183 18.65 5.21 5.87
N ALA A 184 17.89 4.13 5.78
CA ALA A 184 16.45 4.19 5.63
C ALA A 184 15.73 4.92 6.78
N ALA A 185 16.37 5.03 7.94
CA ALA A 185 15.82 5.82 9.04
C ALA A 185 15.52 7.26 8.61
N VAL A 186 16.18 7.72 7.55
CA VAL A 186 15.87 9.02 6.95
C VAL A 186 14.38 9.10 6.58
N PHE A 187 13.88 8.04 5.97
CA PHE A 187 12.50 8.01 5.52
C PHE A 187 11.51 7.37 6.52
N LEU A 188 12.05 6.64 7.50
CA LEU A 188 11.28 6.12 8.62
C LEU A 188 11.93 6.59 9.90
N PRO A 189 11.75 7.85 10.26
CA PRO A 189 12.51 8.34 11.40
C PRO A 189 12.13 7.66 12.74
N ILE A 190 10.97 7.02 12.79
CA ILE A 190 10.61 6.28 13.99
C ILE A 190 11.72 5.31 14.41
N LEU A 191 12.43 4.75 13.43
CA LEU A 191 13.58 3.88 13.72
C LEU A 191 14.59 4.52 14.66
N LEU A 192 14.83 5.82 14.51
CA LEU A 192 15.80 6.51 15.34
C LEU A 192 15.48 6.43 16.82
N LYS A 193 14.22 6.15 17.15
CA LYS A 193 13.73 6.25 18.53
C LYS A 193 13.57 4.90 19.23
N LEU A 194 13.68 3.82 18.47
CA LEU A 194 13.42 2.49 19.03
C LEU A 194 14.65 1.87 19.68
N PRO A 195 14.46 1.27 20.87
CA PRO A 195 15.49 0.44 21.48
C PRO A 195 15.75 -0.76 20.58
N LEU A 196 16.88 -0.75 19.88
CA LEU A 196 17.24 -1.85 19.01
C LEU A 196 18.55 -2.53 19.42
N PRO A 197 18.69 -3.83 19.07
CA PRO A 197 19.93 -4.58 19.28
C PRO A 197 21.14 -3.80 18.80
N GLN A 198 20.98 -3.15 17.64
CA GLN A 198 22.05 -2.42 16.97
C GLN A 198 22.64 -1.31 17.82
N SER A 199 21.76 -0.54 18.47
CA SER A 199 22.17 0.65 19.21
C SER A 199 23.15 0.27 20.30
N ALA A 200 22.86 -0.85 20.96
CA ALA A 200 23.71 -1.39 22.01
C ALA A 200 25.12 -1.72 21.51
N ARG A 201 25.20 -2.48 20.42
CA ARG A 201 26.49 -2.77 19.78
C ARG A 201 27.20 -1.47 19.42
N CYS A 202 26.45 -0.54 18.85
CA CYS A 202 27.05 0.69 18.39
C CYS A 202 27.61 1.52 19.55
N HIS A 203 26.78 1.73 20.57
CA HIS A 203 27.21 2.50 21.72
C HIS A 203 28.46 1.88 22.33
N GLU A 204 28.45 0.55 22.43
CA GLU A 204 29.57 -0.20 23.00
C GLU A 204 30.88 0.02 22.25
N ALA A 205 30.83 -0.13 20.92
CA ALA A 205 32.00 0.09 20.09
C ALA A 205 32.55 1.52 20.22
N ARG A 206 31.68 2.51 20.09
CA ARG A 206 32.12 3.91 20.23
C ARG A 206 32.72 4.15 21.63
N THR A 207 32.15 3.49 22.64
CA THR A 207 32.64 3.60 24.02
C THR A 207 33.98 2.89 24.23
N GLU A 208 34.20 1.79 23.52
CA GLU A 208 35.50 1.12 23.58
C GLU A 208 36.57 1.93 22.87
N LEU A 209 36.24 2.39 21.66
CA LEU A 209 37.14 3.28 20.94
C LEU A 209 37.50 4.48 21.82
N GLN A 210 36.49 5.15 22.37
CA GLN A 210 36.72 6.35 23.15
C GLN A 210 37.62 6.02 24.35
N LYS A 211 37.42 4.83 24.91
CA LYS A 211 38.19 4.40 26.05
C LYS A 211 39.67 4.17 25.67
N ILE A 212 39.88 3.52 24.53
CA ILE A 212 41.24 3.35 24.03
C ILE A 212 41.93 4.71 23.88
N LEU A 213 41.22 5.68 23.32
CA LEU A 213 41.79 7.01 23.08
C LEU A 213 42.14 7.73 24.39
N SER A 214 41.27 7.62 25.39
CA SER A 214 41.47 8.30 26.66
C SER A 214 42.79 7.85 27.30
N GLU A 215 43.05 6.56 27.22
CA GLU A 215 44.25 5.99 27.81
C GLU A 215 45.52 6.36 27.04
N ILE A 216 45.38 6.55 25.73
CA ILE A 216 46.49 7.05 24.92
C ILE A 216 46.84 8.47 25.35
N ILE A 217 45.80 9.29 25.53
CA ILE A 217 45.96 10.70 25.92
C ILE A 217 46.61 10.87 27.30
N ILE A 218 46.21 10.04 28.24
CA ILE A 218 46.81 10.05 29.57
C ILE A 218 48.27 9.61 29.48
N ALA A 219 48.54 8.55 28.72
CA ALA A 219 49.93 8.10 28.49
C ALA A 219 50.80 9.18 27.84
N ARG A 220 50.25 9.89 26.87
CA ARG A 220 50.96 10.98 26.21
C ARG A 220 51.23 12.16 27.15
N LYS A 221 50.22 12.57 27.92
CA LYS A 221 50.35 13.68 28.86
C LYS A 221 51.49 13.43 29.84
N GLU A 222 51.50 12.24 30.43
CA GLU A 222 52.52 11.87 31.39
C GLU A 222 53.87 11.66 30.71
N GLU A 223 53.84 11.19 29.46
CA GLU A 223 55.05 10.97 28.68
C GLU A 223 55.50 12.26 27.96
N GLU A 224 54.79 13.37 28.24
CA GLU A 224 55.17 14.69 27.74
C GLU A 224 55.76 15.57 28.85
N VAL A 225 55.39 15.29 30.10
CA VAL A 225 55.99 15.95 31.26
C VAL A 225 57.25 15.20 31.73
N ASN A 226 57.60 14.16 30.98
CA ASN A 226 58.88 13.46 31.11
C ASN A 226 59.60 13.44 29.76
N LYS A 227 58.93 13.94 28.73
CA LYS A 227 59.56 14.42 27.49
C LYS A 227 60.52 13.46 26.78
N ASP A 228 60.18 12.18 26.73
CA ASP A 228 60.98 11.21 25.96
C ASP A 228 60.96 11.52 24.46
N SER A 229 59.78 11.93 24.01
CA SER A 229 59.40 12.06 22.59
C SER A 229 58.28 13.10 22.34
N SER A 230 57.80 13.17 21.11
CA SER A 230 56.88 14.22 20.67
C SER A 230 55.97 13.76 19.52
N THR A 231 54.86 13.12 19.87
CA THR A 231 53.96 12.53 18.88
C THR A 231 53.06 13.59 18.22
N SER A 232 53.17 13.69 16.90
CA SER A 232 52.35 14.64 16.16
C SER A 232 51.44 13.90 15.17
N ASP A 233 50.13 13.94 15.42
CA ASP A 233 49.20 13.22 14.56
C ASP A 233 47.81 13.84 14.54
N LEU A 234 46.89 13.15 13.84
CA LEU A 234 45.50 13.59 13.79
C LEU A 234 44.97 13.85 15.18
N LEU A 235 45.28 12.92 16.09
CA LEU A 235 44.82 12.99 17.46
C LEU A 235 45.36 14.22 18.18
N SER A 236 46.68 14.32 18.32
CA SER A 236 47.23 15.48 18.99
C SER A 236 46.69 16.75 18.36
N GLY A 237 46.52 16.73 17.03
CA GLY A 237 46.00 17.89 16.31
C GLY A 237 44.63 18.33 16.78
N LEU A 238 43.67 17.42 16.76
CA LEU A 238 42.33 17.73 17.25
C LEU A 238 42.35 18.14 18.72
N LEU A 239 43.23 17.52 19.49
CA LEU A 239 43.37 17.85 20.90
C LEU A 239 43.84 19.29 21.13
N SER A 240 44.69 19.78 20.23
CA SER A 240 45.24 21.12 20.37
C SER A 240 44.25 22.19 19.93
N ALA A 241 43.08 21.75 19.48
CA ALA A 241 42.04 22.64 18.96
C ALA A 241 41.31 23.39 20.07
N VAL A 242 40.97 24.64 19.81
CA VAL A 242 40.19 25.45 20.75
C VAL A 242 39.19 26.28 19.97
N TYR A 243 37.94 26.28 20.43
CA TYR A 243 36.88 26.99 19.69
C TYR A 243 37.04 28.51 19.74
N ARG A 244 36.23 29.22 18.97
CA ARG A 244 36.25 30.67 18.98
C ARG A 244 35.91 31.15 20.39
N ASP A 245 35.01 30.41 21.04
CA ASP A 245 34.54 30.72 22.39
C ASP A 245 35.63 30.52 23.46
N GLY A 246 36.76 29.96 23.06
CA GLY A 246 37.90 29.79 23.97
C GLY A 246 38.15 28.39 24.51
N THR A 247 37.11 27.58 24.59
CA THR A 247 37.20 26.25 25.21
C THR A 247 37.65 25.16 24.22
N PRO A 248 38.27 24.08 24.74
CA PRO A 248 38.86 23.08 23.86
C PRO A 248 37.81 22.11 23.34
N MET A 249 38.21 21.24 22.41
CA MET A 249 37.39 20.13 21.97
C MET A 249 37.30 19.11 23.09
N SER A 250 36.08 18.69 23.41
CA SER A 250 35.86 17.61 24.37
C SER A 250 36.37 16.30 23.79
N LEU A 251 36.68 15.36 24.68
CA LEU A 251 37.12 14.04 24.24
C LEU A 251 36.07 13.39 23.35
N HIS A 252 34.81 13.57 23.73
CA HIS A 252 33.69 13.03 22.98
C HIS A 252 33.74 13.46 21.51
N GLU A 253 33.94 14.76 21.31
CA GLU A 253 34.04 15.35 19.99
C GLU A 253 35.25 14.85 19.23
N VAL A 254 36.42 14.87 19.86
CA VAL A 254 37.63 14.33 19.24
C VAL A 254 37.36 12.96 18.64
N CYS A 255 36.79 12.09 19.47
CA CYS A 255 36.49 10.73 19.07
C CYS A 255 35.50 10.69 17.92
N GLY A 256 34.51 11.58 17.97
CA GLY A 256 33.54 11.70 16.88
C GLY A 256 34.20 12.05 15.56
N MET A 257 35.15 12.98 15.60
CA MET A 257 35.77 13.43 14.35
C MET A 257 36.65 12.31 13.79
N ILE A 258 37.38 11.60 14.64
CA ILE A 258 38.17 10.48 14.16
C ILE A 258 37.32 9.42 13.45
N VAL A 259 36.21 9.04 14.07
CA VAL A 259 35.25 8.14 13.44
C VAL A 259 34.77 8.66 12.08
N ALA A 260 34.42 9.94 12.04
CA ALA A 260 33.94 10.52 10.81
C ALA A 260 35.05 10.41 9.76
N ALA A 261 36.28 10.70 10.15
CA ALA A 261 37.38 10.65 9.18
C ALA A 261 37.56 9.24 8.66
N MET A 262 37.48 8.27 9.55
CA MET A 262 37.65 6.88 9.18
C MET A 262 36.55 6.34 8.27
N PHE A 263 35.28 6.50 8.66
CA PHE A 263 34.15 6.15 7.78
C PHE A 263 34.19 6.87 6.42
N ALA A 264 34.58 8.14 6.42
CA ALA A 264 34.51 8.94 5.21
C ALA A 264 35.35 8.31 4.09
N GLY A 265 36.61 8.02 4.40
CA GLY A 265 37.60 7.62 3.39
C GLY A 265 37.72 6.12 3.20
N GLN A 266 37.27 5.33 4.19
CA GLN A 266 37.47 3.89 4.13
C GLN A 266 36.98 3.23 2.83
N HIS A 267 35.69 3.28 2.53
CA HIS A 267 35.23 2.59 1.32
C HIS A 267 35.47 3.41 0.04
N THR A 268 35.16 4.71 0.11
CA THR A 268 35.31 5.59 -1.05
C THR A 268 36.70 5.50 -1.69
N SER A 269 37.77 5.67 -0.91
CA SER A 269 39.12 5.72 -1.46
C SER A 269 39.50 4.33 -1.98
N SER A 270 39.13 3.32 -1.23
CA SER A 270 39.34 1.94 -1.61
C SER A 270 38.61 1.58 -2.92
N ILE A 271 37.36 2.03 -3.05
CA ILE A 271 36.61 1.79 -4.28
C ILE A 271 37.20 2.56 -5.47
N THR A 272 37.69 3.76 -5.19
CA THR A 272 38.26 4.61 -6.22
C THR A 272 39.53 3.99 -6.80
N THR A 273 40.38 3.49 -5.91
CA THR A 273 41.61 2.82 -6.30
C THR A 273 41.28 1.56 -7.09
N THR A 274 40.31 0.80 -6.60
CA THR A 274 39.95 -0.44 -7.23
C THR A 274 39.37 -0.24 -8.63
N TRP A 275 38.40 0.65 -8.78
CA TRP A 275 37.89 0.93 -10.12
C TRP A 275 39.05 1.36 -11.01
N SER A 276 39.93 2.22 -10.49
CA SER A 276 40.99 2.78 -11.33
C SER A 276 41.84 1.66 -11.90
N MET A 277 42.26 0.73 -11.03
CA MET A 277 43.07 -0.40 -11.44
C MET A 277 42.30 -1.35 -12.36
N LEU A 278 40.99 -1.46 -12.15
CA LEU A 278 40.21 -2.35 -13.00
C LEU A 278 40.09 -1.81 -14.42
N HIS A 279 39.94 -0.50 -14.54
CA HIS A 279 39.92 0.15 -15.84
C HIS A 279 41.27 0.09 -16.55
N LEU A 280 42.34 0.31 -15.77
CA LEU A 280 43.68 0.44 -16.32
C LEU A 280 44.24 -0.87 -16.85
N MET A 281 43.91 -1.97 -16.18
CA MET A 281 44.42 -3.30 -16.55
C MET A 281 43.63 -3.91 -17.71
N HIS A 282 42.48 -3.33 -18.02
CA HIS A 282 41.62 -3.81 -19.10
C HIS A 282 42.31 -3.59 -20.44
N PRO A 283 42.13 -4.54 -21.38
CA PRO A 283 42.70 -4.40 -22.72
C PRO A 283 42.25 -3.12 -23.41
N ALA A 284 40.95 -2.82 -23.33
CA ALA A 284 40.39 -1.65 -24.02
C ALA A 284 41.13 -0.37 -23.66
N ASN A 285 41.92 -0.41 -22.59
CA ASN A 285 42.49 0.79 -22.01
C ASN A 285 44.03 0.85 -22.02
N VAL A 286 44.68 -0.17 -22.59
CA VAL A 286 46.15 -0.22 -22.58
C VAL A 286 46.83 1.10 -22.94
N LYS A 287 46.19 1.93 -23.76
CA LYS A 287 46.70 3.26 -24.08
C LYS A 287 46.77 4.16 -22.85
N HIS A 288 45.76 4.05 -22.00
CA HIS A 288 45.73 4.83 -20.77
C HIS A 288 46.72 4.24 -19.77
N LEU A 289 46.96 2.94 -19.88
CA LEU A 289 47.95 2.30 -19.02
C LEU A 289 49.35 2.76 -19.40
N GLU A 290 49.58 2.95 -20.70
CA GLU A 290 50.89 3.37 -21.20
C GLU A 290 51.27 4.77 -20.69
N ALA A 291 50.31 5.70 -20.78
CA ALA A 291 50.47 7.06 -20.23
C ALA A 291 50.83 7.08 -18.74
N LEU A 292 50.26 6.15 -17.98
CA LEU A 292 50.57 6.06 -16.55
C LEU A 292 51.99 5.56 -16.33
N ARG A 293 52.35 4.45 -16.97
CA ARG A 293 53.74 3.99 -16.98
C ARG A 293 54.68 5.13 -17.35
N LYS A 294 54.30 5.88 -18.39
CA LYS A 294 55.07 7.02 -18.84
C LYS A 294 55.16 8.11 -17.78
N GLU A 295 54.01 8.46 -17.19
CA GLU A 295 53.94 9.54 -16.22
C GLU A 295 54.85 9.25 -15.01
N ILE A 296 54.91 7.98 -14.62
CA ILE A 296 55.64 7.60 -13.42
C ILE A 296 57.02 7.05 -13.75
N GLU A 297 57.38 7.08 -15.04
CA GLU A 297 58.54 6.33 -15.54
C GLU A 297 59.88 6.65 -14.88
N GLU A 298 60.18 7.93 -14.70
CA GLU A 298 61.46 8.34 -14.11
C GLU A 298 61.31 8.88 -12.68
N PHE A 299 60.29 8.38 -11.96
CA PHE A 299 60.12 8.60 -10.54
C PHE A 299 61.08 7.71 -9.74
N PRO A 300 61.60 8.21 -8.61
CA PRO A 300 62.44 7.40 -7.73
C PRO A 300 61.67 6.31 -7.00
N ALA A 301 62.38 5.29 -6.51
CA ALA A 301 61.77 4.21 -5.72
C ALA A 301 61.24 4.71 -4.38
N GLN A 302 61.87 5.75 -3.84
CA GLN A 302 61.37 6.41 -2.63
C GLN A 302 60.63 7.69 -2.98
N LEU A 303 59.34 7.55 -3.33
CA LEU A 303 58.53 8.70 -3.76
C LEU A 303 58.45 9.80 -2.72
N ASN A 304 58.30 11.04 -3.20
CA ASN A 304 58.22 12.21 -2.36
C ASN A 304 56.98 13.02 -2.67
N TYR A 305 56.75 14.06 -1.89
CA TYR A 305 55.62 14.97 -2.09
C TYR A 305 55.43 15.43 -3.54
N ASN A 306 56.51 15.87 -4.18
CA ASN A 306 56.39 16.51 -5.49
C ASN A 306 55.93 15.56 -6.59
N ASN A 307 56.45 14.34 -6.55
CA ASN A 307 56.03 13.32 -7.51
C ASN A 307 54.52 13.17 -7.52
N VAL A 308 53.94 12.97 -6.34
CA VAL A 308 52.52 12.61 -6.27
C VAL A 308 51.61 13.82 -6.47
N MET A 309 51.95 14.92 -5.83
CA MET A 309 51.10 16.12 -5.85
C MET A 309 51.16 16.91 -7.16
N ASP A 310 52.34 16.96 -7.77
CA ASP A 310 52.57 17.82 -8.93
C ASP A 310 52.83 17.03 -10.20
N GLU A 311 53.47 15.87 -10.07
CA GLU A 311 53.90 15.11 -11.23
C GLU A 311 53.05 13.86 -11.49
N MET A 312 51.80 13.85 -11.00
CA MET A 312 50.85 12.80 -11.40
C MET A 312 49.47 13.30 -11.83
N PRO A 313 49.44 14.27 -12.78
CA PRO A 313 48.20 14.83 -13.31
C PRO A 313 47.31 13.82 -14.04
N PHE A 314 47.91 12.83 -14.68
CA PHE A 314 47.12 11.83 -15.38
C PHE A 314 46.53 10.77 -14.43
N ALA A 315 47.32 10.32 -13.48
CA ALA A 315 46.86 9.38 -12.48
C ALA A 315 45.68 10.02 -11.77
N GLU A 316 45.79 11.31 -11.48
CA GLU A 316 44.69 12.02 -10.88
C GLU A 316 43.45 11.97 -11.78
N ARG A 317 43.65 12.13 -13.08
CA ARG A 317 42.53 12.12 -14.02
C ARG A 317 41.88 10.73 -14.02
N CYS A 318 42.71 9.70 -13.90
CA CYS A 318 42.16 8.35 -13.86
C CYS A 318 41.25 8.20 -12.66
N ALA A 319 41.71 8.64 -11.49
CA ALA A 319 40.91 8.48 -10.29
C ALA A 319 39.59 9.25 -10.38
N ARG A 320 39.66 10.49 -10.85
CA ARG A 320 38.47 11.34 -10.99
C ARG A 320 37.46 10.76 -11.98
N GLU A 321 37.95 10.25 -13.12
CA GLU A 321 37.06 9.63 -14.11
C GLU A 321 36.46 8.31 -13.62
N SER A 322 37.11 7.64 -12.67
CA SER A 322 36.53 6.44 -12.06
C SER A 322 35.34 6.82 -11.20
N ILE A 323 35.52 7.88 -10.41
CA ILE A 323 34.46 8.47 -9.63
C ILE A 323 33.36 9.03 -10.52
N ARG A 324 33.74 9.69 -11.62
CA ARG A 324 32.77 10.22 -12.56
C ARG A 324 31.83 9.14 -13.07
N ARG A 325 32.40 8.05 -13.57
CA ARG A 325 31.64 6.92 -14.11
C ARG A 325 30.83 6.20 -13.06
N ASP A 326 31.45 5.92 -11.92
CA ASP A 326 30.79 5.12 -10.87
C ASP A 326 30.96 5.77 -9.52
N PRO A 327 30.20 6.84 -9.27
CA PRO A 327 30.41 7.55 -8.02
C PRO A 327 30.03 6.69 -6.81
N PRO A 328 30.93 6.59 -5.81
CA PRO A 328 30.65 5.77 -4.63
C PRO A 328 29.40 6.25 -3.87
N LEU A 329 29.10 7.55 -3.93
CA LEU A 329 27.90 8.07 -3.28
C LEU A 329 26.91 8.51 -4.34
N LEU A 330 25.78 7.81 -4.41
CA LEU A 330 24.86 7.96 -5.53
C LEU A 330 23.95 9.17 -5.42
N MET A 331 23.68 9.61 -4.19
CA MET A 331 22.62 10.55 -3.89
C MET A 331 23.02 11.36 -2.68
N LEU A 332 22.93 12.67 -2.81
CA LEU A 332 23.24 13.59 -1.72
C LEU A 332 21.90 14.25 -1.41
N MET A 333 21.62 14.50 -0.14
CA MET A 333 20.32 15.03 0.23
C MET A 333 20.44 16.16 1.23
N ARG A 334 19.43 17.03 1.24
CA ARG A 334 19.26 18.06 2.23
C ARG A 334 17.79 18.12 2.62
N LYS A 335 17.52 18.58 3.84
CA LYS A 335 16.17 18.98 4.20
C LYS A 335 15.92 20.43 3.79
N VAL A 336 14.81 20.68 3.11
CA VAL A 336 14.45 22.02 2.70
C VAL A 336 13.85 22.78 3.88
N MET A 337 14.55 23.81 4.36
CA MET A 337 14.15 24.51 5.58
C MET A 337 13.30 25.74 5.30
N ALA A 338 13.31 26.20 4.05
CA ALA A 338 12.47 27.29 3.58
C ALA A 338 12.33 27.14 2.07
N ASP A 339 11.19 27.57 1.53
CA ASP A 339 10.95 27.46 0.09
C ASP A 339 12.18 27.94 -0.66
N VAL A 340 12.61 27.19 -1.67
CA VAL A 340 13.73 27.60 -2.50
C VAL A 340 13.45 27.46 -3.98
N LYS A 341 13.93 28.45 -4.75
CA LYS A 341 13.90 28.40 -6.20
C LYS A 341 14.93 27.38 -6.71
N VAL A 342 14.53 26.55 -7.68
CA VAL A 342 15.44 25.62 -8.35
C VAL A 342 14.93 25.50 -9.77
N GLY A 343 15.76 25.87 -10.74
CA GLY A 343 15.29 26.02 -12.10
C GLY A 343 14.10 26.95 -12.10
N SER A 344 13.03 26.55 -12.74
CA SER A 344 11.89 27.46 -12.85
C SER A 344 10.93 27.29 -11.67
N TYR A 345 11.24 26.32 -10.80
CA TYR A 345 10.32 25.87 -9.75
C TYR A 345 10.65 26.37 -8.36
N VAL A 346 9.70 26.18 -7.45
CA VAL A 346 9.93 26.35 -6.03
C VAL A 346 9.82 25.01 -5.32
N VAL A 347 10.86 24.65 -4.59
CA VAL A 347 10.80 23.44 -3.79
C VAL A 347 10.37 23.87 -2.40
N PRO A 348 9.24 23.31 -1.92
CA PRO A 348 8.58 23.78 -0.72
C PRO A 348 9.28 23.32 0.55
N LYS A 349 9.31 24.21 1.54
CA LYS A 349 9.75 23.87 2.88
C LYS A 349 9.20 22.51 3.34
N GLY A 350 10.06 21.66 3.88
CA GLY A 350 9.63 20.32 4.32
C GLY A 350 10.01 19.20 3.37
N ASP A 351 10.20 19.52 2.08
CA ASP A 351 10.67 18.53 1.11
C ASP A 351 12.05 18.04 1.51
N ILE A 352 12.39 16.84 1.08
CA ILE A 352 13.79 16.46 0.96
C ILE A 352 14.24 16.83 -0.45
N ILE A 353 15.35 17.53 -0.56
CA ILE A 353 15.88 17.82 -1.88
C ILE A 353 17.13 16.99 -2.07
N ALA A 354 17.30 16.46 -3.29
CA ALA A 354 18.41 15.60 -3.60
C ALA A 354 19.12 16.00 -4.91
N CYS A 355 20.43 15.77 -4.95
CA CYS A 355 21.22 15.95 -6.16
C CYS A 355 22.05 14.69 -6.33
N SER A 356 21.99 14.07 -7.50
CA SER A 356 22.55 12.72 -7.62
C SER A 356 23.78 12.66 -8.49
N PRO A 357 24.95 12.40 -7.87
CA PRO A 357 26.12 12.20 -8.70
C PRO A 357 25.93 11.14 -9.76
N LEU A 358 25.18 10.09 -9.45
CA LEU A 358 24.97 9.04 -10.43
C LEU A 358 24.19 9.58 -11.63
N LEU A 359 23.07 10.26 -11.36
CA LEU A 359 22.23 10.78 -12.43
C LEU A 359 22.99 11.85 -13.22
N SER A 360 23.66 12.76 -12.51
CA SER A 360 24.35 13.86 -13.16
C SER A 360 25.58 13.45 -13.98
N HIS A 361 26.32 12.47 -13.48
CA HIS A 361 27.49 11.97 -14.19
C HIS A 361 27.11 11.19 -15.43
N HIS A 362 25.82 10.98 -15.64
CA HIS A 362 25.37 10.29 -16.85
C HIS A 362 24.53 11.14 -17.79
N ASP A 363 24.48 12.43 -17.52
CA ASP A 363 23.81 13.35 -18.42
C ASP A 363 24.63 13.44 -19.71
N GLU A 364 23.97 13.21 -20.84
CA GLU A 364 24.65 12.95 -22.09
C GLU A 364 25.23 14.21 -22.73
N GLU A 365 24.67 15.36 -22.36
CA GLU A 365 25.23 16.65 -22.78
C GLU A 365 26.54 16.93 -22.04
N ALA A 366 26.55 16.62 -20.74
CA ALA A 366 27.72 16.91 -19.90
C ALA A 366 28.81 15.85 -20.03
N PHE A 367 28.42 14.59 -20.18
CA PHE A 367 29.38 13.52 -20.37
C PHE A 367 28.87 12.56 -21.45
N PRO A 368 29.24 12.81 -22.72
CA PRO A 368 28.82 11.90 -23.81
C PRO A 368 29.38 10.49 -23.62
N GLU A 369 28.63 9.48 -24.08
CA GLU A 369 28.96 8.07 -23.82
C GLU A 369 29.29 7.84 -22.34
N PRO A 370 28.36 8.24 -21.45
CA PRO A 370 28.50 8.17 -20.01
C PRO A 370 29.25 6.93 -19.52
N ARG A 371 28.97 5.78 -20.12
CA ARG A 371 29.52 4.51 -19.60
C ARG A 371 30.95 4.24 -20.05
N ARG A 372 31.42 4.99 -21.03
CA ARG A 372 32.81 4.81 -21.46
C ARG A 372 33.72 5.48 -20.47
N TRP A 373 34.67 4.75 -19.93
CA TRP A 373 35.71 5.30 -19.08
C TRP A 373 36.83 5.98 -19.90
N ASP A 374 37.03 7.27 -19.69
CA ASP A 374 37.96 8.06 -20.51
C ASP A 374 38.58 9.15 -19.66
N PRO A 375 39.75 8.89 -19.08
CA PRO A 375 40.43 9.83 -18.18
C PRO A 375 40.86 11.13 -18.85
N GLU A 376 40.99 11.13 -20.18
CA GLU A 376 41.34 12.36 -20.92
C GLU A 376 40.12 13.26 -21.15
N ARG A 377 38.93 12.84 -20.71
CA ARG A 377 37.72 13.61 -20.98
C ARG A 377 37.60 14.84 -20.07
N ASP A 378 36.74 15.78 -20.48
CA ASP A 378 36.42 16.95 -19.69
C ASP A 378 34.94 17.16 -19.70
N GLU A 379 34.41 17.64 -18.57
CA GLU A 379 33.00 18.02 -18.46
C GLU A 379 32.68 19.14 -19.45
N LYS A 380 31.48 19.04 -20.02
CA LYS A 380 31.06 19.95 -21.08
C LYS A 380 29.87 20.78 -20.59
N VAL A 381 29.49 20.57 -19.34
CA VAL A 381 28.70 21.52 -18.58
C VAL A 381 29.51 21.88 -17.32
N GLU A 382 29.57 23.17 -16.99
CA GLU A 382 30.30 23.62 -15.83
C GLU A 382 29.72 23.06 -14.53
N GLY A 383 30.56 22.50 -13.67
CA GLY A 383 30.10 22.02 -12.36
C GLY A 383 29.34 20.70 -12.42
N ALA A 384 29.39 20.05 -13.58
CA ALA A 384 28.72 18.77 -13.77
C ALA A 384 29.27 17.64 -12.90
N PHE A 385 30.58 17.62 -12.70
CA PHE A 385 31.21 16.63 -11.85
C PHE A 385 30.97 16.98 -10.39
N ILE A 386 30.35 16.06 -9.65
CA ILE A 386 30.02 16.31 -8.24
C ILE A 386 30.38 15.11 -7.38
N GLY A 387 31.41 14.38 -7.79
CA GLY A 387 31.85 13.16 -7.10
C GLY A 387 32.31 13.39 -5.67
N PHE A 388 32.78 14.60 -5.40
CA PHE A 388 33.16 15.01 -4.05
C PHE A 388 32.24 16.12 -3.58
N GLY A 389 31.03 16.20 -4.14
CA GLY A 389 30.12 17.28 -3.74
C GLY A 389 30.66 18.64 -4.13
N ALA A 390 30.13 19.69 -3.52
CA ALA A 390 30.47 21.06 -3.89
C ALA A 390 29.94 22.02 -2.85
N GLY A 391 30.39 23.26 -2.92
CA GLY A 391 29.85 24.34 -2.08
C GLY A 391 29.96 24.10 -0.59
N VAL A 392 28.85 24.32 0.10
CA VAL A 392 28.88 24.46 1.53
C VAL A 392 29.40 23.17 2.18
N HIS A 393 29.01 22.03 1.63
CA HIS A 393 29.42 20.77 2.22
C HIS A 393 30.34 19.96 1.33
N LYS A 394 31.21 20.64 0.61
CA LYS A 394 32.15 19.96 -0.28
C LYS A 394 33.10 19.06 0.54
N CYS A 395 33.52 17.95 -0.05
CA CYS A 395 34.40 17.00 0.63
C CYS A 395 35.69 17.66 1.11
N ILE A 396 35.99 17.58 2.40
CA ILE A 396 37.25 18.13 2.91
C ILE A 396 38.39 17.12 2.81
N GLY A 397 38.06 15.90 2.44
CA GLY A 397 39.06 14.83 2.47
C GLY A 397 39.51 14.44 1.08
N GLN A 398 39.07 15.17 0.07
CA GLN A 398 39.30 14.74 -1.30
C GLN A 398 40.80 14.73 -1.70
N LYS A 399 41.56 15.73 -1.25
CA LYS A 399 42.99 15.72 -1.51
C LYS A 399 43.68 14.53 -0.84
N PHE A 400 43.34 14.24 0.41
CA PHE A 400 43.93 13.09 1.09
C PHE A 400 43.52 11.77 0.43
N GLY A 401 42.26 11.67 0.01
CA GLY A 401 41.77 10.46 -0.67
C GLY A 401 42.55 10.24 -1.95
N LEU A 402 42.64 11.28 -2.76
CA LEU A 402 43.43 11.20 -4.01
C LEU A 402 44.90 10.89 -3.78
N LEU A 403 45.48 11.46 -2.73
CA LEU A 403 46.88 11.17 -2.40
C LEU A 403 47.06 9.67 -2.18
N GLN A 404 46.15 9.06 -1.43
CA GLN A 404 46.19 7.62 -1.22
C GLN A 404 46.03 6.88 -2.54
N VAL A 405 45.03 7.26 -3.32
CA VAL A 405 44.76 6.53 -4.57
C VAL A 405 45.98 6.59 -5.47
N LYS A 406 46.49 7.80 -5.69
CA LYS A 406 47.61 8.03 -6.61
C LYS A 406 48.90 7.34 -6.17
N THR A 407 49.20 7.38 -4.87
CA THR A 407 50.40 6.76 -4.40
C THR A 407 50.34 5.27 -4.65
N ILE A 408 49.16 4.69 -4.39
CA ILE A 408 48.96 3.26 -4.59
C ILE A 408 49.07 2.87 -6.07
N LEU A 409 48.50 3.70 -6.94
CA LEU A 409 48.54 3.43 -8.38
C LEU A 409 49.99 3.44 -8.85
N ALA A 410 50.74 4.43 -8.40
CA ALA A 410 52.16 4.53 -8.76
C ALA A 410 52.90 3.33 -8.22
N THR A 411 52.69 3.02 -6.95
CA THR A 411 53.47 2.02 -6.26
C THR A 411 53.14 0.61 -6.76
N ALA A 412 51.86 0.34 -6.97
CA ALA A 412 51.44 -0.95 -7.50
C ALA A 412 51.97 -1.17 -8.91
N PHE A 413 51.60 -0.30 -9.83
CA PHE A 413 51.93 -0.49 -11.24
C PHE A 413 53.44 -0.44 -11.51
N ARG A 414 54.20 0.11 -10.56
CA ARG A 414 55.66 0.16 -10.70
C ARG A 414 56.25 -1.24 -10.64
N SER A 415 55.76 -2.03 -9.68
CA SER A 415 56.29 -3.36 -9.44
C SER A 415 55.50 -4.46 -10.15
N TYR A 416 54.24 -4.18 -10.50
CA TYR A 416 53.36 -5.23 -10.99
C TYR A 416 52.63 -4.90 -12.28
N ASP A 417 52.10 -5.94 -12.91
CA ASP A 417 51.09 -5.80 -13.96
C ASP A 417 49.88 -6.59 -13.49
N PHE A 418 48.73 -6.38 -14.13
CA PHE A 418 47.51 -7.03 -13.67
C PHE A 418 46.67 -7.54 -14.83
N GLN A 419 45.96 -8.63 -14.61
CA GLN A 419 45.07 -9.16 -15.63
C GLN A 419 43.66 -9.41 -15.11
N LEU A 420 42.66 -8.97 -15.88
CA LEU A 420 41.26 -9.11 -15.48
C LEU A 420 40.76 -10.50 -15.87
N LEU A 421 40.14 -11.20 -14.93
CA LEU A 421 39.68 -12.56 -15.16
C LEU A 421 38.28 -12.55 -15.76
N ARG A 422 37.98 -11.46 -16.46
CA ARG A 422 36.68 -11.26 -17.08
C ARG A 422 36.91 -10.51 -18.36
N ASP A 423 36.01 -10.67 -19.32
CA ASP A 423 36.09 -9.90 -20.54
C ASP A 423 35.78 -8.43 -20.26
N GLU A 424 34.79 -8.18 -19.43
CA GLU A 424 34.38 -6.81 -19.15
C GLU A 424 34.78 -6.35 -17.76
N VAL A 425 34.80 -5.03 -17.60
CA VAL A 425 34.96 -4.43 -16.29
C VAL A 425 33.75 -4.81 -15.42
N PRO A 426 34.00 -5.13 -14.12
CA PRO A 426 32.94 -5.51 -13.19
C PRO A 426 31.77 -4.54 -13.20
N ASP A 427 30.56 -5.07 -12.97
CA ASP A 427 29.41 -4.20 -12.76
C ASP A 427 29.47 -3.52 -11.40
N PRO A 428 28.84 -2.36 -11.30
CA PRO A 428 28.73 -1.66 -10.02
C PRO A 428 27.69 -2.38 -9.16
N ASP A 429 27.96 -2.52 -7.87
CA ASP A 429 26.99 -3.20 -7.02
C ASP A 429 26.19 -2.18 -6.20
N TYR A 430 24.95 -1.95 -6.62
CA TYR A 430 24.11 -0.91 -6.03
C TYR A 430 23.49 -1.27 -4.66
N HIS A 431 23.83 -2.43 -4.11
CA HIS A 431 23.20 -2.90 -2.87
C HIS A 431 23.79 -2.36 -1.57
N THR A 432 24.97 -1.74 -1.64
CA THR A 432 25.66 -1.24 -0.44
C THR A 432 25.52 0.29 -0.28
N MET A 433 25.86 0.81 0.89
CA MET A 433 25.69 2.25 1.19
C MET A 433 26.70 3.06 0.39
N VAL A 434 27.91 2.53 0.35
CA VAL A 434 28.91 3.05 -0.54
C VAL A 434 29.10 2.07 -1.67
N VAL A 435 28.89 2.58 -2.88
CA VAL A 435 28.85 1.75 -4.08
C VAL A 435 30.23 1.55 -4.70
N GLY A 436 30.57 0.28 -4.93
CA GLY A 436 31.80 -0.08 -5.60
C GLY A 436 31.52 -1.12 -6.67
N PRO A 437 32.57 -1.64 -7.31
CA PRO A 437 32.40 -2.75 -8.23
C PRO A 437 32.02 -4.02 -7.45
N THR A 438 31.24 -4.89 -8.08
CA THR A 438 30.79 -6.12 -7.44
C THR A 438 31.98 -6.95 -6.96
N ALA A 439 32.04 -7.18 -5.65
CA ALA A 439 33.23 -7.70 -5.00
C ALA A 439 33.60 -9.08 -5.55
N SER A 440 32.59 -9.90 -5.82
CA SER A 440 32.80 -11.26 -6.32
C SER A 440 33.38 -11.26 -7.73
N GLN A 441 33.29 -10.11 -8.40
CA GLN A 441 33.77 -9.97 -9.77
C GLN A 441 35.17 -9.32 -9.82
N CYS A 442 35.77 -9.11 -8.66
CA CYS A 442 37.02 -8.34 -8.57
C CYS A 442 38.25 -9.20 -8.43
N ARG A 443 38.10 -10.49 -8.74
CA ARG A 443 39.24 -11.39 -8.74
C ARG A 443 40.15 -11.10 -9.92
N VAL A 444 41.44 -11.02 -9.61
CA VAL A 444 42.44 -10.50 -10.50
C VAL A 444 43.73 -11.28 -10.21
N LYS A 445 44.55 -11.49 -11.23
CA LYS A 445 45.86 -12.12 -11.06
C LYS A 445 46.95 -11.05 -11.11
N TYR A 446 47.88 -11.11 -10.17
CA TYR A 446 49.01 -10.18 -10.18
C TYR A 446 50.24 -10.77 -10.88
N ILE A 447 50.79 -10.02 -11.83
CA ILE A 447 52.00 -10.44 -12.54
C ILE A 447 53.16 -9.51 -12.19
N ARG A 448 54.09 -10.02 -11.38
CA ARG A 448 55.32 -9.29 -11.05
C ARG A 448 56.02 -8.78 -12.32
N ARG A 449 56.77 -7.69 -12.18
CA ARG A 449 57.50 -7.11 -13.30
C ARG A 449 58.97 -6.89 -12.96
N LYS A 450 59.84 -7.63 -13.62
CA LYS A 450 61.24 -7.68 -13.23
C LYS A 450 62.13 -6.86 -14.15
N LYS B 1 -52.81 9.83 -13.56
CA LYS B 1 -53.61 10.95 -14.17
C LYS B 1 -53.33 11.13 -15.67
N GLY B 2 -52.14 11.63 -16.01
CA GLY B 2 -51.92 12.25 -17.32
C GLY B 2 -52.62 13.59 -17.27
N LYS B 3 -52.89 14.00 -16.04
CA LYS B 3 -53.26 15.38 -15.74
C LYS B 3 -52.14 15.99 -14.88
N LEU B 4 -52.37 17.22 -14.49
CA LEU B 4 -51.38 18.00 -13.79
C LEU B 4 -51.10 17.45 -12.41
N PRO B 5 -49.89 17.67 -11.90
CA PRO B 5 -49.67 17.46 -10.47
C PRO B 5 -50.63 18.34 -9.66
N PRO B 6 -50.82 18.00 -8.38
CA PRO B 6 -51.66 18.83 -7.53
C PRO B 6 -51.04 20.20 -7.34
N VAL B 7 -51.88 21.19 -7.03
CA VAL B 7 -51.51 22.61 -7.02
C VAL B 7 -51.67 23.23 -5.63
N TYR B 8 -50.58 23.69 -5.04
CA TYR B 8 -50.67 24.31 -3.73
C TYR B 8 -51.46 25.62 -3.79
N PRO B 9 -52.50 25.73 -2.95
CA PRO B 9 -53.39 26.90 -3.01
C PRO B 9 -52.61 28.20 -2.97
N VAL B 10 -52.96 29.13 -3.85
CA VAL B 10 -52.34 30.45 -3.87
C VAL B 10 -53.20 31.46 -3.10
N THR B 11 -52.66 31.99 -2.01
CA THR B 11 -53.37 33.02 -1.23
C THR B 11 -53.02 34.45 -1.64
N VAL B 12 -51.72 34.80 -1.59
CA VAL B 12 -51.23 36.12 -2.05
C VAL B 12 -51.16 36.16 -3.57
N PRO B 13 -52.21 36.69 -4.22
CA PRO B 13 -52.47 36.43 -5.64
C PRO B 13 -51.28 36.66 -6.58
N ILE B 14 -50.61 37.80 -6.43
CA ILE B 14 -49.62 38.24 -7.42
C ILE B 14 -48.18 37.78 -7.11
N LEU B 15 -47.86 37.64 -5.83
CA LEU B 15 -46.56 37.13 -5.42
C LEU B 15 -46.54 35.61 -5.47
N GLY B 16 -47.70 35.00 -5.28
CA GLY B 16 -47.81 33.56 -5.10
C GLY B 16 -47.16 33.13 -3.79
N HIS B 17 -46.24 32.17 -3.89
CA HIS B 17 -45.68 31.54 -2.69
C HIS B 17 -44.25 32.01 -2.38
N ILE B 18 -43.78 33.04 -3.06
CA ILE B 18 -42.38 33.40 -2.93
C ILE B 18 -42.00 33.86 -1.53
N ILE B 19 -42.87 34.64 -0.89
CA ILE B 19 -42.66 35.03 0.52
C ILE B 19 -42.53 33.81 1.43
N GLN B 20 -43.53 32.93 1.39
CA GLN B 20 -43.48 31.71 2.19
C GLN B 20 -42.20 30.90 1.92
N PHE B 21 -41.86 30.71 0.65
CA PHE B 21 -40.62 30.03 0.27
C PHE B 21 -39.40 30.67 0.92
N GLY B 22 -39.30 31.99 0.80
CA GLY B 22 -38.17 32.76 1.34
C GLY B 22 -37.98 32.64 2.84
N LYS B 23 -39.07 32.80 3.59
CA LYS B 23 -39.00 32.69 5.06
C LYS B 23 -38.41 31.36 5.51
N SER B 24 -38.87 30.26 4.92
CA SER B 24 -38.45 28.93 5.34
C SER B 24 -38.63 27.91 4.21
N PRO B 25 -37.60 27.78 3.34
CA PRO B 25 -37.72 27.00 2.11
C PRO B 25 -38.02 25.53 2.38
N LEU B 26 -37.32 24.95 3.34
CA LEU B 26 -37.51 23.56 3.73
C LEU B 26 -38.89 23.30 4.33
N GLY B 27 -39.17 23.96 5.46
CA GLY B 27 -40.51 23.97 6.05
C GLY B 27 -41.62 24.12 5.02
N PHE B 28 -41.52 25.14 4.18
CA PHE B 28 -42.60 25.43 3.24
C PHE B 28 -42.80 24.30 2.22
N MET B 29 -41.70 23.77 1.70
CA MET B 29 -41.78 22.72 0.71
C MET B 29 -42.30 21.44 1.36
N GLN B 30 -41.76 21.07 2.52
CA GLN B 30 -42.28 19.93 3.28
C GLN B 30 -43.77 20.06 3.61
N GLU B 31 -44.17 21.22 4.09
CA GLU B 31 -45.59 21.43 4.38
C GLU B 31 -46.43 21.17 3.13
N CYS B 32 -45.96 21.67 1.98
CA CYS B 32 -46.65 21.38 0.71
C CYS B 32 -46.77 19.86 0.47
N LYS B 33 -45.67 19.15 0.72
CA LYS B 33 -45.56 17.73 0.38
C LYS B 33 -46.48 16.89 1.28
N ARG B 34 -46.53 17.22 2.56
CA ARG B 34 -47.47 16.62 3.49
C ARG B 34 -48.91 16.92 3.04
N GLN B 35 -49.26 18.21 3.02
CA GLN B 35 -50.61 18.67 2.70
C GLN B 35 -51.22 18.09 1.43
N LEU B 36 -50.48 18.06 0.34
CA LEU B 36 -51.03 17.57 -0.92
C LEU B 36 -50.89 16.07 -1.06
N LYS B 37 -50.29 15.45 -0.04
CA LYS B 37 -49.98 14.03 -0.05
C LYS B 37 -49.28 13.60 -1.35
N SER B 38 -48.30 14.41 -1.78
CA SER B 38 -47.58 14.13 -3.04
C SER B 38 -46.19 14.77 -3.07
N GLY B 39 -45.22 13.99 -3.55
CA GLY B 39 -43.86 14.50 -3.78
C GLY B 39 -43.72 15.35 -5.03
N ILE B 40 -44.66 15.17 -5.97
CA ILE B 40 -44.74 16.00 -7.15
C ILE B 40 -45.86 16.99 -6.96
N PHE B 41 -45.50 18.27 -6.86
CA PHE B 41 -46.49 19.30 -6.61
C PHE B 41 -46.08 20.61 -7.25
N THR B 42 -47.05 21.46 -7.54
CA THR B 42 -46.80 22.72 -8.23
C THR B 42 -47.09 23.90 -7.32
N ILE B 43 -46.12 24.80 -7.21
CA ILE B 43 -46.35 26.03 -6.48
C ILE B 43 -46.33 27.18 -7.48
N ASN B 44 -46.51 28.39 -6.99
CA ASN B 44 -46.59 29.55 -7.85
C ASN B 44 -45.64 30.65 -7.42
N ILE B 45 -44.68 31.00 -8.27
CA ILE B 45 -43.73 32.06 -7.96
C ILE B 45 -43.94 33.25 -8.89
N VAL B 46 -44.44 34.36 -8.34
CA VAL B 46 -44.71 35.57 -9.12
C VAL B 46 -45.57 35.31 -10.35
N GLY B 47 -46.59 34.49 -10.22
CA GLY B 47 -47.46 34.18 -11.36
C GLY B 47 -47.02 33.00 -12.21
N LYS B 48 -45.81 32.48 -11.97
CA LYS B 48 -45.30 31.37 -12.78
C LYS B 48 -45.43 30.01 -12.10
N ARG B 49 -46.00 29.06 -12.82
CA ARG B 49 -46.08 27.68 -12.35
C ARG B 49 -44.69 27.08 -12.23
N VAL B 50 -44.39 26.55 -11.04
CA VAL B 50 -43.14 25.87 -10.79
C VAL B 50 -43.49 24.50 -10.22
N THR B 51 -43.24 23.48 -11.02
CA THR B 51 -43.53 22.11 -10.62
C THR B 51 -42.29 21.47 -10.05
N ILE B 52 -42.39 21.14 -8.77
CA ILE B 52 -41.30 20.53 -8.04
C ILE B 52 -41.41 19.00 -8.10
N VAL B 53 -40.33 18.38 -8.56
CA VAL B 53 -40.18 16.96 -8.46
C VAL B 53 -39.59 16.63 -7.09
N GLY B 54 -40.45 16.55 -6.08
CA GLY B 54 -40.02 16.28 -4.70
C GLY B 54 -40.12 14.83 -4.26
N ASP B 55 -40.34 13.92 -5.21
CA ASP B 55 -40.24 12.49 -4.94
C ASP B 55 -38.92 11.98 -5.51
N PRO B 56 -37.98 11.63 -4.63
CA PRO B 56 -36.65 11.21 -5.06
C PRO B 56 -36.70 10.04 -6.03
N HIS B 57 -37.75 9.22 -5.95
CA HIS B 57 -37.90 8.12 -6.87
C HIS B 57 -37.99 8.63 -8.31
N GLU B 58 -38.40 9.88 -8.47
CA GLU B 58 -38.64 10.43 -9.81
C GLU B 58 -37.58 11.43 -10.30
N HIS B 59 -36.47 11.53 -9.57
CA HIS B 59 -35.36 12.42 -9.98
C HIS B 59 -34.92 12.32 -11.45
N SER B 60 -34.91 11.11 -12.00
CA SER B 60 -34.42 10.92 -13.38
C SER B 60 -35.27 11.67 -14.43
N ARG B 61 -36.54 11.93 -14.10
CA ARG B 61 -37.44 12.65 -14.99
C ARG B 61 -37.07 14.14 -15.13
N PHE B 62 -36.30 14.64 -14.16
CA PHE B 62 -35.76 15.99 -14.21
C PHE B 62 -34.36 16.04 -14.86
N PHE B 63 -33.48 15.13 -14.43
CA PHE B 63 -32.06 15.23 -14.76
C PHE B 63 -31.68 14.60 -16.11
N LEU B 64 -32.45 13.62 -16.59
CA LEU B 64 -32.09 12.91 -17.83
C LEU B 64 -32.57 13.53 -19.17
N PRO B 65 -33.76 14.13 -19.20
CA PRO B 65 -34.21 14.59 -20.52
C PRO B 65 -33.24 15.59 -21.14
N ARG B 66 -33.11 15.57 -22.46
CA ARG B 66 -32.21 16.47 -23.21
C ARG B 66 -32.56 17.95 -23.03
N ASN B 67 -31.60 18.82 -23.37
CA ASN B 67 -31.74 20.27 -23.26
C ASN B 67 -32.92 20.78 -24.07
N GLU B 68 -33.14 20.14 -25.22
CA GLU B 68 -34.23 20.51 -26.11
C GLU B 68 -35.59 20.24 -25.46
N VAL B 69 -35.59 19.44 -24.40
CA VAL B 69 -36.83 19.06 -23.72
C VAL B 69 -36.95 19.80 -22.39
N LEU B 70 -35.91 19.68 -21.55
CA LEU B 70 -35.78 20.51 -20.35
C LEU B 70 -34.55 21.40 -20.47
N SER B 71 -34.77 22.70 -20.55
CA SER B 71 -33.72 23.62 -20.98
C SER B 71 -33.29 24.54 -19.85
N PRO B 72 -31.99 24.59 -19.56
CA PRO B 72 -31.54 25.45 -18.47
C PRO B 72 -31.34 26.90 -18.89
N ARG B 73 -31.31 27.17 -20.20
CA ARG B 73 -30.98 28.51 -20.68
C ARG B 73 -31.78 29.63 -19.98
N GLU B 74 -33.10 29.49 -20.00
CA GLU B 74 -33.99 30.52 -19.49
C GLU B 74 -33.88 30.74 -18.00
N VAL B 75 -33.56 29.68 -17.28
CA VAL B 75 -33.45 29.76 -15.83
C VAL B 75 -32.10 30.36 -15.38
N TYR B 76 -31.10 30.28 -16.26
CA TYR B 76 -29.78 30.84 -15.96
C TYR B 76 -29.52 32.16 -16.70
N SER B 77 -30.56 32.67 -17.34
CA SER B 77 -30.57 33.98 -17.97
C SER B 77 -29.91 35.07 -17.14
N PHE B 78 -30.27 35.10 -15.86
CA PHE B 78 -29.82 36.20 -15.02
C PHE B 78 -28.31 36.17 -14.86
N MET B 79 -27.67 35.06 -15.24
CA MET B 79 -26.21 34.94 -15.14
C MET B 79 -25.42 35.40 -16.36
N VAL B 80 -26.13 35.76 -17.43
CA VAL B 80 -25.50 36.20 -18.67
C VAL B 80 -24.52 37.38 -18.49
N PRO B 81 -24.86 38.36 -17.61
CA PRO B 81 -23.93 39.48 -17.42
C PRO B 81 -22.60 39.03 -16.82
N VAL B 82 -22.57 37.85 -16.24
CA VAL B 82 -21.34 37.36 -15.66
C VAL B 82 -20.61 36.42 -16.61
N PHE B 83 -21.32 35.44 -17.16
CA PHE B 83 -20.70 34.50 -18.10
C PHE B 83 -20.28 35.19 -19.40
N GLY B 84 -21.07 36.16 -19.84
CA GLY B 84 -20.90 36.76 -21.14
C GLY B 84 -21.94 36.24 -22.09
N GLU B 85 -22.31 37.07 -23.06
CA GLU B 85 -23.22 36.61 -24.10
C GLU B 85 -22.50 35.54 -24.93
N GLY B 86 -23.24 34.50 -25.30
CA GLY B 86 -22.68 33.40 -26.09
C GLY B 86 -21.80 32.46 -25.28
N VAL B 87 -21.89 32.53 -23.95
CA VAL B 87 -21.07 31.66 -23.12
C VAL B 87 -22.00 30.76 -22.29
N ALA B 88 -21.58 29.51 -22.13
CA ALA B 88 -22.32 28.50 -21.38
C ALA B 88 -23.77 28.42 -21.86
N TYR B 89 -24.75 28.49 -20.95
CA TYR B 89 -26.16 28.27 -21.33
C TYR B 89 -26.66 29.28 -22.36
N ALA B 90 -26.00 30.43 -22.46
CA ALA B 90 -26.37 31.43 -23.48
C ALA B 90 -25.94 31.06 -24.90
N ALA B 91 -25.00 30.15 -25.06
CA ALA B 91 -24.60 29.69 -26.39
C ALA B 91 -25.54 28.61 -26.92
N PRO B 92 -25.53 28.36 -28.24
CA PRO B 92 -26.26 27.17 -28.69
C PRO B 92 -25.73 25.93 -27.95
N TYR B 93 -26.59 24.94 -27.77
CA TYR B 93 -26.31 23.89 -26.80
C TYR B 93 -25.09 23.05 -27.16
N PRO B 94 -24.90 22.73 -28.44
CA PRO B 94 -23.67 22.04 -28.85
C PRO B 94 -22.38 22.82 -28.53
N ARG B 95 -22.37 24.13 -28.80
CA ARG B 95 -21.21 24.96 -28.46
C ARG B 95 -21.03 25.04 -26.93
N MET B 96 -22.13 25.13 -26.19
CA MET B 96 -22.09 25.13 -24.73
C MET B 96 -21.36 23.88 -24.21
N ARG B 97 -21.77 22.73 -24.74
CA ARG B 97 -21.15 21.47 -24.37
C ARG B 97 -19.65 21.49 -24.63
N GLU B 98 -19.25 22.02 -25.78
CA GLU B 98 -17.83 22.07 -26.09
C GLU B 98 -17.08 22.89 -25.05
N GLN B 99 -17.62 24.05 -24.71
CA GLN B 99 -17.02 24.93 -23.72
C GLN B 99 -16.86 24.21 -22.39
N LEU B 100 -17.92 23.53 -21.94
CA LEU B 100 -17.86 22.85 -20.64
C LEU B 100 -16.90 21.65 -20.69
N ASN B 101 -16.80 21.00 -21.84
CA ASN B 101 -15.80 19.92 -22.01
C ASN B 101 -14.36 20.44 -21.89
N PHE B 102 -14.10 21.61 -22.46
CA PHE B 102 -12.78 22.23 -22.35
C PHE B 102 -12.45 22.55 -20.91
N LEU B 103 -13.42 23.09 -20.19
CA LEU B 103 -13.19 23.42 -18.80
C LEU B 103 -12.93 22.15 -17.98
N ALA B 104 -13.67 21.08 -18.30
CA ALA B 104 -13.53 19.79 -17.63
C ALA B 104 -12.14 19.18 -17.83
N GLU B 105 -11.60 19.29 -19.04
CA GLU B 105 -10.24 18.81 -19.31
C GLU B 105 -9.19 19.55 -18.48
N GLU B 106 -9.50 20.79 -18.08
CA GLU B 106 -8.58 21.55 -17.26
C GLU B 106 -8.62 21.12 -15.80
N LEU B 107 -9.58 20.26 -15.48
CA LEU B 107 -9.77 19.82 -14.12
C LEU B 107 -9.57 18.31 -13.93
N THR B 108 -8.94 17.62 -14.88
CA THR B 108 -8.83 16.16 -14.77
C THR B 108 -7.93 15.74 -13.59
N ILE B 109 -8.22 14.57 -13.02
CA ILE B 109 -7.42 14.06 -11.90
C ILE B 109 -5.94 13.86 -12.24
N ALA B 110 -5.63 13.66 -13.52
CA ALA B 110 -4.22 13.65 -13.92
C ALA B 110 -3.46 14.86 -13.36
N LYS B 111 -4.11 16.02 -13.34
CA LYS B 111 -3.52 17.25 -12.81
C LYS B 111 -3.41 17.22 -11.29
N PHE B 112 -4.17 16.31 -10.66
CA PHE B 112 -4.18 16.23 -9.20
C PHE B 112 -2.86 15.75 -8.62
N GLN B 113 -2.03 15.13 -9.44
CA GLN B 113 -0.73 14.67 -8.96
C GLN B 113 -0.01 15.85 -8.30
N ASN B 114 -0.07 16.99 -8.98
CA ASN B 114 0.57 18.21 -8.49
C ASN B 114 -0.37 19.07 -7.66
N PHE B 115 -1.66 18.99 -7.92
CA PHE B 115 -2.65 19.82 -7.21
C PHE B 115 -2.59 19.56 -5.72
N VAL B 116 -2.45 18.29 -5.32
CA VAL B 116 -2.55 17.96 -3.89
C VAL B 116 -1.46 18.64 -3.06
N PRO B 117 -0.17 18.48 -3.43
CA PRO B 117 0.78 19.20 -2.57
C PRO B 117 0.78 20.73 -2.79
N ALA B 118 0.30 21.18 -3.94
CA ALA B 118 0.13 22.61 -4.19
C ALA B 118 -0.96 23.17 -3.26
N ILE B 119 -2.07 22.43 -3.18
CA ILE B 119 -3.17 22.81 -2.29
C ILE B 119 -2.69 22.76 -0.83
N GLN B 120 -1.99 21.70 -0.45
CA GLN B 120 -1.64 21.59 0.97
C GLN B 120 -0.65 22.67 1.42
N HIS B 121 0.25 23.03 0.51
CA HIS B 121 1.22 24.08 0.78
C HIS B 121 0.51 25.40 1.04
N GLU B 122 -0.43 25.78 0.16
CA GLU B 122 -1.24 26.99 0.39
C GLU B 122 -1.98 26.92 1.71
N VAL B 123 -2.54 25.75 2.02
CA VAL B 123 -3.27 25.55 3.28
C VAL B 123 -2.36 25.72 4.50
N ARG B 124 -1.16 25.13 4.47
CA ARG B 124 -0.23 25.29 5.60
C ARG B 124 0.27 26.72 5.72
N LYS B 125 0.40 27.41 4.61
CA LYS B 125 0.83 28.80 4.63
C LYS B 125 -0.20 29.72 5.26
N PHE B 126 -1.48 29.33 5.14
CA PHE B 126 -2.55 30.12 5.77
C PHE B 126 -2.63 29.85 7.26
N MET B 127 -2.56 28.58 7.64
CA MET B 127 -2.73 28.18 9.04
C MET B 127 -1.59 28.72 9.87
N ALA B 128 -0.39 28.68 9.30
CA ALA B 128 0.81 29.15 9.98
C ALA B 128 0.82 30.66 10.13
N ALA B 129 0.22 31.36 9.16
CA ALA B 129 0.18 32.81 9.20
C ALA B 129 -0.97 33.32 10.07
N ASN B 130 -2.06 32.55 10.13
CA ASN B 130 -3.29 33.02 10.77
C ASN B 130 -3.72 32.22 12.01
N TRP B 131 -3.28 30.97 12.12
CA TRP B 131 -3.55 30.16 13.31
C TRP B 131 -2.23 29.84 14.02
N ASP B 132 -1.47 30.86 14.36
CA ASP B 132 -0.07 30.67 14.74
C ASP B 132 0.13 30.43 16.23
N LYS B 133 -0.90 30.69 17.02
CA LYS B 133 -0.78 30.53 18.47
C LYS B 133 -1.11 29.10 18.90
N ASP B 134 -1.21 28.89 20.21
CA ASP B 134 -1.55 27.56 20.73
C ASP B 134 -3.07 27.39 20.88
N GLU B 135 -3.76 28.51 21.11
CA GLU B 135 -5.21 28.58 20.88
C GLU B 135 -5.60 30.00 20.50
N GLY B 136 -6.83 30.18 20.01
CA GLY B 136 -7.29 31.48 19.52
C GLY B 136 -8.65 31.40 18.85
N GLU B 137 -9.26 32.55 18.56
CA GLU B 137 -10.62 32.59 18.03
C GLU B 137 -10.64 33.04 16.56
N ILE B 138 -11.55 32.45 15.77
CA ILE B 138 -11.68 32.78 14.35
C ILE B 138 -13.11 32.53 13.86
N ASN B 139 -13.48 33.21 12.79
CA ASN B 139 -14.68 32.84 12.06
C ASN B 139 -14.31 31.79 11.01
N LEU B 140 -14.69 30.54 11.27
CA LEU B 140 -14.22 29.43 10.46
C LEU B 140 -14.73 29.54 9.01
N LEU B 141 -15.93 30.07 8.81
CA LEU B 141 -16.44 30.28 7.47
C LEU B 141 -15.54 31.23 6.66
N GLU B 142 -15.15 32.36 7.24
CA GLU B 142 -14.28 33.31 6.54
C GLU B 142 -12.94 32.67 6.21
N ASP B 143 -12.39 31.92 7.16
CA ASP B 143 -11.10 31.25 6.96
C ASP B 143 -11.13 30.15 5.90
N CYS B 144 -12.12 29.27 5.96
CA CYS B 144 -12.25 28.26 4.93
C CYS B 144 -12.41 28.95 3.57
N SER B 145 -13.23 30.00 3.55
CA SER B 145 -13.47 30.72 2.30
C SER B 145 -12.18 31.37 1.76
N THR B 146 -11.33 31.87 2.66
CA THR B 146 -10.00 32.37 2.28
C THR B 146 -9.06 31.28 1.74
N MET B 147 -9.01 30.14 2.41
CA MET B 147 -8.19 29.02 1.94
C MET B 147 -8.61 28.48 0.57
N ILE B 148 -9.92 28.38 0.35
CA ILE B 148 -10.44 27.91 -0.94
C ILE B 148 -10.03 28.77 -2.12
N ILE B 149 -10.11 30.09 -1.97
CA ILE B 149 -9.76 30.89 -3.11
C ILE B 149 -8.24 30.90 -3.31
N ASN B 150 -7.49 30.84 -2.20
CA ASN B 150 -6.05 30.80 -2.26
C ASN B 150 -5.60 29.53 -2.96
N THR B 151 -6.21 28.40 -2.60
CA THR B 151 -5.82 27.12 -3.18
C THR B 151 -6.26 26.94 -4.63
N ALA B 152 -7.46 27.41 -4.95
CA ALA B 152 -7.92 27.36 -6.33
C ALA B 152 -6.94 28.12 -7.22
N CYS B 153 -6.55 29.31 -6.78
CA CYS B 153 -5.69 30.14 -7.58
C CYS B 153 -4.29 29.54 -7.74
N GLN B 154 -3.74 28.96 -6.67
CA GLN B 154 -2.48 28.21 -6.75
C GLN B 154 -2.53 27.13 -7.85
N CYS B 155 -3.67 26.44 -7.91
CA CYS B 155 -3.84 25.31 -8.80
C CYS B 155 -4.04 25.77 -10.24
N LEU B 156 -4.80 26.84 -10.42
CA LEU B 156 -5.40 27.12 -11.73
C LEU B 156 -4.75 28.29 -12.47
N PHE B 157 -4.06 29.16 -11.72
CA PHE B 157 -3.49 30.34 -12.33
C PHE B 157 -1.97 30.30 -12.26
N GLY B 158 -1.32 30.62 -13.37
CA GLY B 158 0.12 30.80 -13.36
C GLY B 158 0.52 31.93 -12.42
N GLU B 159 1.75 31.89 -11.96
CA GLU B 159 2.25 32.87 -11.03
C GLU B 159 2.24 34.30 -11.58
N ASP B 160 2.44 34.47 -12.89
CA ASP B 160 2.26 35.80 -13.49
C ASP B 160 0.83 36.34 -13.24
N LEU B 161 -0.18 35.51 -13.49
CA LEU B 161 -1.56 35.92 -13.20
C LEU B 161 -1.75 36.20 -11.71
N ARG B 162 -1.28 35.31 -10.86
CA ARG B 162 -1.47 35.48 -9.43
C ARG B 162 -0.91 36.81 -8.92
N LYS B 163 0.24 37.21 -9.44
CA LYS B 163 0.83 38.49 -9.08
C LYS B 163 -0.05 39.68 -9.47
N ARG B 164 -0.55 39.68 -10.69
CA ARG B 164 -1.43 40.73 -11.18
C ARG B 164 -2.81 40.74 -10.56
N LEU B 165 -3.27 39.57 -10.19
CA LEU B 165 -4.64 39.36 -9.77
C LEU B 165 -4.61 38.47 -8.54
N ASP B 166 -4.19 39.01 -7.41
CA ASP B 166 -4.02 38.18 -6.23
C ASP B 166 -5.39 37.83 -5.60
N ALA B 167 -5.36 37.00 -4.58
CA ALA B 167 -6.57 36.46 -3.96
C ALA B 167 -7.53 37.56 -3.49
N ARG B 168 -7.00 38.58 -2.82
CA ARG B 168 -7.84 39.68 -2.37
C ARG B 168 -8.49 40.38 -3.56
N ARG B 169 -7.67 40.75 -4.54
CA ARG B 169 -8.19 41.48 -5.70
C ARG B 169 -9.19 40.60 -6.45
N PHE B 170 -8.91 39.31 -6.56
CA PHE B 170 -9.80 38.44 -7.33
C PHE B 170 -11.16 38.30 -6.64
N ALA B 171 -11.13 38.15 -5.32
CA ALA B 171 -12.36 38.12 -4.53
C ALA B 171 -13.16 39.42 -4.61
N GLN B 172 -12.48 40.56 -4.61
CA GLN B 172 -13.17 41.83 -4.78
C GLN B 172 -13.90 41.89 -6.12
N LEU B 173 -13.23 41.52 -7.20
CA LEU B 173 -13.86 41.53 -8.51
C LEU B 173 -15.07 40.60 -8.58
N LEU B 174 -14.95 39.40 -8.02
CA LEU B 174 -16.06 38.43 -8.07
C LEU B 174 -17.24 38.87 -7.21
N ALA B 175 -16.95 39.48 -6.06
CA ALA B 175 -17.98 40.04 -5.20
C ALA B 175 -18.76 41.14 -5.90
N LYS B 176 -18.05 42.01 -6.62
CA LYS B 176 -18.72 43.05 -7.40
C LYS B 176 -19.61 42.43 -8.49
N MET B 177 -19.12 41.39 -9.15
CA MET B 177 -20.00 40.65 -10.06
C MET B 177 -21.18 39.97 -9.36
N GLU B 178 -20.90 39.24 -8.27
CA GLU B 178 -21.95 38.50 -7.55
C GLU B 178 -23.04 39.44 -7.02
N SER B 179 -22.63 40.51 -6.38
CA SER B 179 -23.59 41.40 -5.72
C SER B 179 -24.53 42.10 -6.72
N SER B 180 -24.21 41.99 -8.01
CA SER B 180 -25.05 42.60 -9.04
C SER B 180 -26.17 41.66 -9.56
N LEU B 181 -26.13 40.39 -9.19
CA LEU B 181 -27.05 39.41 -9.77
C LEU B 181 -28.41 39.38 -9.06
N ILE B 182 -29.45 39.04 -9.81
CA ILE B 182 -30.80 38.94 -9.25
C ILE B 182 -31.50 37.71 -9.81
N PRO B 183 -31.45 36.58 -9.09
CA PRO B 183 -32.07 35.35 -9.56
C PRO B 183 -33.54 35.53 -9.90
N ALA B 184 -34.19 36.52 -9.26
CA ALA B 184 -35.60 36.82 -9.48
C ALA B 184 -35.91 37.22 -10.92
N ALA B 185 -34.88 37.65 -11.64
CA ALA B 185 -35.05 37.99 -13.03
C ALA B 185 -35.63 36.82 -13.84
N VAL B 186 -35.38 35.59 -13.40
CA VAL B 186 -36.04 34.44 -14.02
C VAL B 186 -37.56 34.61 -14.05
N PHE B 187 -38.11 35.17 -12.98
CA PHE B 187 -39.57 35.32 -12.87
C PHE B 187 -40.05 36.71 -13.27
N LEU B 188 -39.13 37.68 -13.26
CA LEU B 188 -39.36 39.04 -13.78
C LEU B 188 -38.38 39.33 -14.91
N PRO B 189 -38.57 38.72 -16.09
CA PRO B 189 -37.57 38.81 -17.16
C PRO B 189 -37.30 40.23 -17.69
N ILE B 190 -38.20 41.17 -17.43
CA ILE B 190 -37.96 42.57 -17.74
C ILE B 190 -36.66 43.13 -17.11
N LEU B 191 -36.25 42.58 -15.97
CA LEU B 191 -35.07 43.11 -15.27
C LEU B 191 -33.80 43.00 -16.09
N LEU B 192 -33.73 41.99 -16.95
CA LEU B 192 -32.56 41.78 -17.78
C LEU B 192 -32.47 42.80 -18.92
N LYS B 193 -33.52 43.58 -19.10
CA LYS B 193 -33.54 44.55 -20.19
C LYS B 193 -33.39 46.00 -19.71
N LEU B 194 -33.44 46.21 -18.39
CA LEU B 194 -33.28 47.53 -17.81
C LEU B 194 -31.80 47.85 -17.54
N PRO B 195 -31.38 49.10 -17.78
CA PRO B 195 -30.04 49.53 -17.35
C PRO B 195 -29.93 49.82 -15.84
N LEU B 196 -29.95 48.79 -15.02
CA LEU B 196 -29.87 48.99 -13.57
C LEU B 196 -28.45 49.31 -13.15
N PRO B 197 -28.29 49.90 -11.95
CA PRO B 197 -26.92 50.15 -11.48
C PRO B 197 -26.15 48.84 -11.33
N GLN B 198 -26.86 47.75 -11.02
CA GLN B 198 -26.22 46.43 -10.89
C GLN B 198 -25.59 46.01 -12.22
N SER B 199 -26.22 46.44 -13.31
CA SER B 199 -25.82 46.07 -14.65
C SER B 199 -24.46 46.67 -15.00
N ALA B 200 -24.32 47.96 -14.71
CA ALA B 200 -23.09 48.69 -14.98
C ALA B 200 -21.91 48.17 -14.15
N ARG B 201 -22.17 47.88 -12.88
CA ARG B 201 -21.12 47.39 -12.01
C ARG B 201 -20.66 45.99 -12.43
N CYS B 202 -21.60 45.16 -12.84
CA CYS B 202 -21.26 43.85 -13.32
C CYS B 202 -20.36 43.97 -14.54
N HIS B 203 -20.77 44.79 -15.51
CA HIS B 203 -19.97 45.05 -16.70
C HIS B 203 -18.59 45.62 -16.41
N GLU B 204 -18.48 46.55 -15.47
CA GLU B 204 -17.16 47.09 -15.10
C GLU B 204 -16.26 46.00 -14.54
N ALA B 205 -16.77 45.19 -13.63
CA ALA B 205 -15.95 44.14 -13.04
C ALA B 205 -15.53 43.09 -14.07
N ARG B 206 -16.46 42.67 -14.93
CA ARG B 206 -16.12 41.62 -15.88
C ARG B 206 -15.07 42.14 -16.87
N THR B 207 -15.20 43.41 -17.26
CA THR B 207 -14.28 44.10 -18.15
C THR B 207 -12.90 44.22 -17.53
N GLU B 208 -12.83 44.65 -16.28
CA GLU B 208 -11.53 44.75 -15.63
C GLU B 208 -10.83 43.38 -15.47
N LEU B 209 -11.60 42.34 -15.19
CA LEU B 209 -11.01 40.99 -15.19
C LEU B 209 -10.52 40.59 -16.59
N GLN B 210 -11.36 40.76 -17.61
CA GLN B 210 -10.89 40.45 -18.95
C GLN B 210 -9.64 41.29 -19.35
N LYS B 211 -9.57 42.53 -18.89
CA LYS B 211 -8.42 43.40 -19.14
C LYS B 211 -7.14 42.81 -18.53
N ILE B 212 -7.22 42.39 -17.28
CA ILE B 212 -6.10 41.71 -16.66
C ILE B 212 -5.68 40.43 -17.44
N LEU B 213 -6.64 39.59 -17.82
CA LEU B 213 -6.31 38.38 -18.57
C LEU B 213 -5.58 38.76 -19.86
N SER B 214 -6.13 39.73 -20.59
CA SER B 214 -5.52 40.22 -21.84
C SER B 214 -4.07 40.71 -21.66
N GLU B 215 -3.80 41.51 -20.64
CA GLU B 215 -2.42 41.95 -20.38
C GLU B 215 -1.48 40.77 -20.09
N ILE B 216 -2.00 39.77 -19.37
CA ILE B 216 -1.22 38.59 -19.04
C ILE B 216 -0.89 37.80 -20.32
N ILE B 217 -1.89 37.60 -21.16
CA ILE B 217 -1.69 36.91 -22.44
C ILE B 217 -0.68 37.64 -23.33
N ILE B 218 -0.85 38.94 -23.46
CA ILE B 218 0.09 39.72 -24.26
C ILE B 218 1.52 39.61 -23.73
N ALA B 219 1.72 39.70 -22.41
CA ALA B 219 3.05 39.58 -21.84
C ALA B 219 3.70 38.20 -22.08
N ARG B 220 2.90 37.15 -21.99
CA ARG B 220 3.37 35.78 -22.30
C ARG B 220 3.83 35.66 -23.76
N LYS B 221 3.06 36.23 -24.68
CA LYS B 221 3.42 36.18 -26.11
C LYS B 221 4.61 37.08 -26.43
N GLU B 222 4.79 38.15 -25.68
CA GLU B 222 5.93 39.01 -25.88
C GLU B 222 7.20 38.24 -25.53
N GLU B 223 7.13 37.46 -24.46
CA GLU B 223 8.25 36.81 -23.85
C GLU B 223 8.37 35.35 -24.20
N GLU B 224 7.43 34.96 -25.07
CA GLU B 224 6.98 33.61 -25.37
C GLU B 224 7.89 32.60 -26.07
N VAL B 225 8.71 33.06 -27.00
CA VAL B 225 9.13 32.26 -28.15
C VAL B 225 9.81 30.96 -27.74
N ASN B 226 10.64 31.00 -26.72
CA ASN B 226 11.25 29.80 -26.23
C ASN B 226 10.18 28.79 -25.77
N LYS B 227 10.59 27.62 -25.27
CA LYS B 227 9.77 26.81 -24.37
C LYS B 227 9.81 27.43 -22.99
N ASP B 228 10.42 28.61 -22.92
CA ASP B 228 10.41 29.43 -21.71
C ASP B 228 8.99 29.83 -21.32
N SER B 229 8.22 30.33 -22.28
CA SER B 229 6.86 30.68 -21.90
C SER B 229 6.14 29.36 -21.99
N SER B 230 6.49 28.54 -21.03
CA SER B 230 5.76 27.33 -20.88
C SER B 230 4.73 27.60 -19.83
N THR B 231 4.50 28.84 -19.42
CA THR B 231 3.53 29.00 -18.35
C THR B 231 2.28 28.21 -18.73
N SER B 232 1.97 27.20 -17.95
CA SER B 232 0.87 26.32 -18.29
C SER B 232 -0.17 26.35 -17.19
N ASP B 233 -1.38 26.80 -17.53
CA ASP B 233 -2.42 27.02 -16.53
C ASP B 233 -3.82 26.98 -17.15
N LEU B 234 -4.84 27.27 -16.33
CA LEU B 234 -6.22 27.22 -16.82
C LEU B 234 -6.36 28.18 -18.02
N LEU B 235 -5.75 29.34 -17.89
CA LEU B 235 -5.84 30.36 -18.93
C LEU B 235 -5.22 29.87 -20.25
N SER B 236 -3.98 29.40 -20.19
CA SER B 236 -3.35 28.97 -21.43
C SER B 236 -4.05 27.73 -21.98
N GLY B 237 -4.50 26.85 -21.09
CA GLY B 237 -5.25 25.70 -21.55
C GLY B 237 -6.52 26.06 -22.33
N LEU B 238 -7.36 26.92 -21.79
CA LEU B 238 -8.58 27.31 -22.51
C LEU B 238 -8.23 28.07 -23.80
N LEU B 239 -7.17 28.86 -23.77
CA LEU B 239 -6.75 29.60 -24.97
C LEU B 239 -6.29 28.72 -26.12
N SER B 240 -5.87 27.49 -25.82
CA SER B 240 -5.47 26.59 -26.90
C SER B 240 -6.60 25.69 -27.37
N ALA B 241 -7.79 25.84 -26.78
CA ALA B 241 -8.96 25.10 -27.22
C ALA B 241 -9.37 25.53 -28.62
N VAL B 242 -9.72 24.54 -29.44
CA VAL B 242 -10.21 24.82 -30.77
C VAL B 242 -11.52 24.05 -30.94
N TYR B 243 -12.60 24.74 -31.26
CA TYR B 243 -13.89 24.09 -31.42
C TYR B 243 -13.90 23.10 -32.59
N ARG B 244 -15.00 22.37 -32.72
CA ARG B 244 -15.17 21.34 -33.77
C ARG B 244 -15.26 21.98 -35.14
N ASP B 245 -15.63 23.25 -35.17
CA ASP B 245 -15.71 23.99 -36.42
C ASP B 245 -14.37 24.64 -36.79
N GLY B 246 -13.35 24.43 -35.96
CA GLY B 246 -12.01 24.87 -36.28
C GLY B 246 -11.61 26.23 -35.71
N THR B 247 -12.55 26.91 -35.07
CA THR B 247 -12.26 28.22 -34.47
C THR B 247 -11.78 28.07 -33.04
N PRO B 248 -10.92 28.99 -32.59
CA PRO B 248 -10.43 28.98 -31.21
C PRO B 248 -11.41 29.69 -30.27
N MET B 249 -11.34 29.37 -28.97
CA MET B 249 -12.08 30.11 -27.96
C MET B 249 -11.61 31.56 -27.94
N SER B 250 -12.55 32.50 -27.88
CA SER B 250 -12.16 33.90 -27.79
C SER B 250 -11.82 34.23 -26.35
N LEU B 251 -11.09 35.32 -26.17
CA LEU B 251 -10.77 35.77 -24.84
C LEU B 251 -12.07 36.08 -24.07
N HIS B 252 -13.09 36.59 -24.77
CA HIS B 252 -14.38 36.80 -24.15
C HIS B 252 -14.92 35.50 -23.53
N GLU B 253 -14.89 34.43 -24.30
CA GLU B 253 -15.35 33.12 -23.85
C GLU B 253 -14.46 32.54 -22.75
N VAL B 254 -13.15 32.72 -22.88
CA VAL B 254 -12.23 32.25 -21.87
C VAL B 254 -12.47 32.93 -20.53
N CYS B 255 -12.65 34.26 -20.58
CA CYS B 255 -12.97 35.04 -19.41
C CYS B 255 -14.24 34.51 -18.73
N GLY B 256 -15.26 34.28 -19.54
CA GLY B 256 -16.51 33.70 -19.09
C GLY B 256 -16.38 32.34 -18.40
N MET B 257 -15.58 31.43 -18.94
CA MET B 257 -15.39 30.12 -18.34
C MET B 257 -14.59 30.22 -17.07
N ILE B 258 -13.67 31.18 -17.01
CA ILE B 258 -12.91 31.39 -15.82
C ILE B 258 -13.78 31.93 -14.70
N VAL B 259 -14.64 32.90 -15.04
CA VAL B 259 -15.58 33.46 -14.07
C VAL B 259 -16.52 32.36 -13.62
N ALA B 260 -17.06 31.60 -14.57
CA ALA B 260 -17.92 30.47 -14.22
C ALA B 260 -17.26 29.51 -13.23
N ALA B 261 -16.00 29.19 -13.46
CA ALA B 261 -15.29 28.23 -12.62
C ALA B 261 -15.11 28.73 -11.20
N MET B 262 -14.77 30.01 -11.07
CA MET B 262 -14.55 30.64 -9.78
C MET B 262 -15.85 30.77 -9.03
N PHE B 263 -16.90 31.21 -9.72
CA PHE B 263 -18.22 31.30 -9.11
C PHE B 263 -18.67 29.93 -8.65
N ALA B 264 -18.39 28.90 -9.45
CA ALA B 264 -18.93 27.58 -9.18
C ALA B 264 -18.35 27.07 -7.88
N GLY B 265 -17.02 27.10 -7.79
CA GLY B 265 -16.32 26.53 -6.67
C GLY B 265 -16.22 27.35 -5.40
N GLN B 266 -16.37 28.67 -5.48
CA GLN B 266 -15.86 29.52 -4.40
C GLN B 266 -16.61 29.30 -3.11
N HIS B 267 -17.88 29.68 -3.11
CA HIS B 267 -18.70 29.49 -1.94
C HIS B 267 -19.01 28.02 -1.65
N THR B 268 -19.42 27.26 -2.66
CA THR B 268 -19.76 25.84 -2.45
C THR B 268 -18.67 25.03 -1.72
N SER B 269 -17.45 25.10 -2.22
CA SER B 269 -16.36 24.33 -1.63
C SER B 269 -16.01 24.83 -0.24
N SER B 270 -16.07 26.15 0.01
CA SER B 270 -15.79 26.60 1.38
C SER B 270 -16.90 26.33 2.38
N ILE B 271 -18.15 26.49 1.96
CA ILE B 271 -19.26 26.08 2.78
C ILE B 271 -19.16 24.58 3.13
N THR B 272 -18.85 23.75 2.14
CA THR B 272 -18.76 22.32 2.34
C THR B 272 -17.69 22.00 3.37
N THR B 273 -16.55 22.69 3.29
CA THR B 273 -15.47 22.51 4.24
C THR B 273 -15.93 22.98 5.62
N THR B 274 -16.55 24.16 5.66
CA THR B 274 -16.96 24.78 6.91
C THR B 274 -17.93 23.89 7.68
N TRP B 275 -19.02 23.49 7.03
CA TRP B 275 -19.90 22.48 7.62
C TRP B 275 -19.12 21.28 8.15
N SER B 276 -18.32 20.64 7.29
CA SER B 276 -17.64 19.43 7.72
C SER B 276 -16.87 19.64 9.01
N MET B 277 -16.11 20.72 9.07
CA MET B 277 -15.35 21.02 10.28
C MET B 277 -16.27 21.27 11.46
N LEU B 278 -17.42 21.86 11.20
CA LEU B 278 -18.37 22.17 12.25
C LEU B 278 -18.96 20.88 12.85
N HIS B 279 -19.42 19.97 11.98
CA HIS B 279 -19.94 18.67 12.41
C HIS B 279 -18.85 17.85 13.10
N LEU B 280 -17.67 17.79 12.51
CA LEU B 280 -16.56 17.00 13.08
C LEU B 280 -16.06 17.45 14.46
N MET B 281 -16.05 18.75 14.70
CA MET B 281 -15.51 19.28 15.97
C MET B 281 -16.55 19.27 17.09
N HIS B 282 -17.81 19.06 16.72
CA HIS B 282 -18.92 18.97 17.65
C HIS B 282 -18.75 17.75 18.58
N PRO B 283 -18.84 17.96 19.91
CA PRO B 283 -18.62 16.86 20.87
C PRO B 283 -19.44 15.61 20.52
N ALA B 284 -20.69 15.80 20.12
CA ALA B 284 -21.56 14.71 19.66
C ALA B 284 -20.90 13.79 18.62
N ASN B 285 -19.95 14.31 17.87
CA ASN B 285 -19.47 13.59 16.70
C ASN B 285 -18.07 13.03 16.92
N VAL B 286 -17.72 12.71 18.17
CA VAL B 286 -16.35 12.29 18.47
C VAL B 286 -16.03 10.97 17.79
N LYS B 287 -17.04 10.14 17.58
CA LYS B 287 -16.83 8.84 16.94
C LYS B 287 -16.54 9.05 15.46
N HIS B 288 -16.97 10.19 14.93
CA HIS B 288 -16.65 10.54 13.56
C HIS B 288 -15.29 11.20 13.48
N LEU B 289 -15.03 12.14 14.38
CA LEU B 289 -13.73 12.79 14.46
C LEU B 289 -12.62 11.76 14.67
N GLU B 290 -12.92 10.76 15.50
CA GLU B 290 -12.02 9.66 15.77
C GLU B 290 -11.73 8.87 14.50
N ALA B 291 -12.79 8.46 13.82
CA ALA B 291 -12.68 7.76 12.54
C ALA B 291 -11.90 8.53 11.46
N LEU B 292 -12.12 9.86 11.36
CA LEU B 292 -11.28 10.68 10.48
C LEU B 292 -9.83 10.61 10.94
N ARG B 293 -9.62 10.76 12.25
CA ARG B 293 -8.26 10.73 12.82
C ARG B 293 -7.52 9.41 12.54
N LYS B 294 -8.23 8.28 12.59
CA LYS B 294 -7.66 6.97 12.23
C LYS B 294 -7.36 6.82 10.75
N GLU B 295 -8.28 7.29 9.91
CA GLU B 295 -8.11 7.27 8.46
C GLU B 295 -6.83 8.00 8.05
N ILE B 296 -6.50 9.09 8.76
CA ILE B 296 -5.37 9.95 8.39
C ILE B 296 -4.15 9.73 9.26
N GLU B 297 -4.27 8.88 10.26
CA GLU B 297 -3.22 8.67 11.25
C GLU B 297 -1.84 8.38 10.65
N GLU B 298 -1.80 7.54 9.62
CA GLU B 298 -0.52 7.12 9.05
C GLU B 298 -0.09 7.86 7.77
N PHE B 299 -0.79 8.95 7.44
CA PHE B 299 -0.36 9.80 6.33
C PHE B 299 0.97 10.49 6.66
N PRO B 300 1.81 10.74 5.63
CA PRO B 300 2.97 11.60 5.80
C PRO B 300 2.55 13.03 6.08
N ALA B 301 3.49 13.83 6.59
CA ALA B 301 3.30 15.27 6.76
C ALA B 301 2.91 15.92 5.43
N GLN B 302 3.51 15.45 4.34
CA GLN B 302 3.16 15.92 3.01
C GLN B 302 2.16 14.96 2.39
N LEU B 303 0.90 15.37 2.38
CA LEU B 303 -0.12 14.61 1.71
C LEU B 303 0.31 14.46 0.26
N ASN B 304 0.01 13.30 -0.30
CA ASN B 304 0.25 13.09 -1.71
C ASN B 304 -1.04 12.68 -2.41
N TYR B 305 -0.98 12.59 -3.72
CA TYR B 305 -2.12 12.19 -4.53
C TYR B 305 -2.84 10.97 -3.96
N ASN B 306 -2.10 9.90 -3.72
CA ASN B 306 -2.70 8.66 -3.27
C ASN B 306 -3.42 8.80 -1.94
N ASN B 307 -2.84 9.57 -1.03
CA ASN B 307 -3.43 9.78 0.28
C ASN B 307 -4.83 10.31 0.11
N VAL B 308 -4.97 11.38 -0.68
CA VAL B 308 -6.24 12.09 -0.77
C VAL B 308 -7.21 11.37 -1.70
N MET B 309 -6.70 10.84 -2.81
CA MET B 309 -7.56 10.23 -3.82
C MET B 309 -7.98 8.81 -3.49
N ASP B 310 -7.05 8.02 -2.95
CA ASP B 310 -7.33 6.61 -2.72
C ASP B 310 -7.55 6.26 -1.25
N GLU B 311 -7.09 7.12 -0.35
CA GLU B 311 -7.02 6.72 1.06
C GLU B 311 -7.89 7.57 2.00
N MET B 312 -8.87 8.30 1.46
CA MET B 312 -9.73 9.10 2.31
C MET B 312 -11.23 8.94 2.02
N PRO B 313 -11.72 7.69 2.02
CA PRO B 313 -13.13 7.46 1.75
C PRO B 313 -14.02 8.05 2.85
N PHE B 314 -13.57 7.96 4.10
CA PHE B 314 -14.38 8.49 5.18
C PHE B 314 -14.48 10.02 5.13
N ALA B 315 -13.35 10.70 5.00
CA ALA B 315 -13.39 12.16 4.88
C ALA B 315 -14.29 12.59 3.74
N GLU B 316 -14.25 11.84 2.64
CA GLU B 316 -15.13 12.13 1.53
C GLU B 316 -16.59 11.96 1.91
N ARG B 317 -16.89 10.95 2.74
CA ARG B 317 -18.25 10.78 3.26
C ARG B 317 -18.69 11.97 4.11
N CYS B 318 -17.75 12.51 4.88
CA CYS B 318 -18.06 13.65 5.73
C CYS B 318 -18.47 14.86 4.88
N ALA B 319 -17.72 15.13 3.83
CA ALA B 319 -18.06 16.22 2.91
C ALA B 319 -19.39 16.02 2.22
N ARG B 320 -19.65 14.82 1.70
CA ARG B 320 -20.89 14.56 1.00
C ARG B 320 -22.13 14.61 1.90
N GLU B 321 -22.02 14.10 3.13
CA GLU B 321 -23.13 14.18 4.10
C GLU B 321 -23.38 15.63 4.52
N SER B 322 -22.31 16.42 4.61
CA SER B 322 -22.49 17.83 4.96
C SER B 322 -23.26 18.54 3.86
N ILE B 323 -22.97 18.17 2.62
CA ILE B 323 -23.74 18.67 1.48
C ILE B 323 -25.13 18.04 1.43
N ARG B 324 -25.25 16.80 1.90
CA ARG B 324 -26.56 16.15 1.92
C ARG B 324 -27.46 16.93 2.88
N ARG B 325 -26.97 17.17 4.08
CA ARG B 325 -27.80 17.79 5.12
C ARG B 325 -28.14 19.26 4.83
N ASP B 326 -27.15 20.02 4.35
CA ASP B 326 -27.35 21.43 4.02
C ASP B 326 -26.77 21.74 2.65
N PRO B 327 -27.53 21.41 1.60
CA PRO B 327 -27.00 21.60 0.24
C PRO B 327 -26.81 23.09 -0.05
N PRO B 328 -25.65 23.47 -0.59
CA PRO B 328 -25.37 24.89 -0.85
C PRO B 328 -26.28 25.47 -1.93
N LEU B 329 -26.68 24.63 -2.88
CA LEU B 329 -27.65 25.05 -3.88
C LEU B 329 -29.00 24.37 -3.61
N LEU B 330 -30.00 25.16 -3.22
CA LEU B 330 -31.28 24.62 -2.73
C LEU B 330 -32.17 24.08 -3.81
N MET B 331 -32.10 24.67 -4.99
CA MET B 331 -33.13 24.50 -6.00
C MET B 331 -32.52 24.52 -7.39
N LEU B 332 -32.78 23.46 -8.17
CA LEU B 332 -32.34 23.41 -9.58
C LEU B 332 -33.58 23.57 -10.45
N MET B 333 -33.43 24.26 -11.59
CA MET B 333 -34.60 24.56 -12.42
C MET B 333 -34.32 24.32 -13.90
N ARG B 334 -35.36 23.95 -14.64
CA ARG B 334 -35.33 23.87 -16.10
C ARG B 334 -36.59 24.52 -16.65
N LYS B 335 -36.53 24.99 -17.88
CA LYS B 335 -37.73 25.39 -18.61
C LYS B 335 -38.32 24.20 -19.39
N VAL B 336 -39.59 23.90 -19.19
CA VAL B 336 -40.20 22.77 -19.89
C VAL B 336 -40.58 23.20 -21.30
N MET B 337 -39.90 22.62 -22.27
CA MET B 337 -40.01 23.03 -23.66
C MET B 337 -40.96 22.11 -24.42
N ALA B 338 -41.24 20.95 -23.83
CA ALA B 338 -42.24 20.03 -24.35
C ALA B 338 -42.83 19.25 -23.19
N ASP B 339 -44.09 18.83 -23.31
CA ASP B 339 -44.76 18.12 -22.23
C ASP B 339 -43.91 16.96 -21.71
N VAL B 340 -43.86 16.79 -20.39
CA VAL B 340 -43.11 15.67 -19.82
C VAL B 340 -43.82 14.87 -18.74
N LYS B 341 -43.65 13.55 -18.81
CA LYS B 341 -44.19 12.65 -17.81
C LYS B 341 -43.31 12.69 -16.58
N VAL B 342 -43.96 12.83 -15.44
CA VAL B 342 -43.28 12.73 -14.16
C VAL B 342 -44.23 12.02 -13.22
N GLY B 343 -43.79 10.90 -12.65
CA GLY B 343 -44.67 10.05 -11.85
C GLY B 343 -46.01 9.86 -12.54
N SER B 344 -47.10 10.02 -11.79
CA SER B 344 -48.44 9.79 -12.34
C SER B 344 -48.90 10.91 -13.27
N TYR B 345 -48.04 11.92 -13.44
CA TYR B 345 -48.50 13.22 -13.97
C TYR B 345 -47.86 13.63 -15.28
N VAL B 346 -48.44 14.66 -15.88
CA VAL B 346 -47.78 15.37 -16.95
C VAL B 346 -47.44 16.79 -16.50
N VAL B 347 -46.20 17.18 -16.72
CA VAL B 347 -45.76 18.54 -16.48
C VAL B 347 -45.81 19.25 -17.81
N PRO B 348 -46.72 20.23 -17.93
CA PRO B 348 -46.97 20.81 -19.24
C PRO B 348 -45.84 21.69 -19.74
N LYS B 349 -45.66 21.68 -21.06
CA LYS B 349 -44.81 22.64 -21.73
C LYS B 349 -45.05 24.03 -21.16
N GLY B 350 -43.98 24.76 -20.88
CA GLY B 350 -44.11 26.15 -20.47
C GLY B 350 -43.98 26.34 -18.98
N ASP B 351 -44.19 25.28 -18.20
CA ASP B 351 -43.86 25.31 -16.78
C ASP B 351 -42.36 25.50 -16.59
N ILE B 352 -42.01 25.91 -15.38
CA ILE B 352 -40.68 25.68 -14.86
C ILE B 352 -40.75 24.38 -14.06
N ILE B 353 -39.86 23.45 -14.35
CA ILE B 353 -39.77 22.27 -13.51
C ILE B 353 -38.58 22.45 -12.59
N ALA B 354 -38.71 22.01 -11.34
CA ALA B 354 -37.63 22.18 -10.41
C ALA B 354 -37.33 20.87 -9.74
N CYS B 355 -36.10 20.74 -9.28
CA CYS B 355 -35.78 19.64 -8.41
C CYS B 355 -34.88 20.23 -7.34
N SER B 356 -35.20 19.96 -6.08
CA SER B 356 -34.59 20.66 -4.94
C SER B 356 -33.76 19.74 -4.06
N PRO B 357 -32.42 19.91 -4.10
CA PRO B 357 -31.57 19.19 -3.16
C PRO B 357 -32.00 19.35 -1.71
N LEU B 358 -32.50 20.53 -1.36
CA LEU B 358 -32.96 20.78 0.01
C LEU B 358 -34.09 19.84 0.39
N LEU B 359 -35.10 19.80 -0.47
CA LEU B 359 -36.29 19.00 -0.21
C LEU B 359 -35.96 17.50 -0.30
N SER B 360 -35.28 17.09 -1.36
CA SER B 360 -35.03 15.69 -1.59
C SER B 360 -34.12 15.12 -0.49
N HIS B 361 -33.17 15.92 -0.01
CA HIS B 361 -32.22 15.47 1.00
C HIS B 361 -32.89 15.29 2.36
N HIS B 362 -34.19 15.58 2.40
CA HIS B 362 -34.92 15.46 3.64
C HIS B 362 -36.12 14.54 3.51
N ASP B 363 -36.24 13.88 2.38
CA ASP B 363 -37.27 12.85 2.21
C ASP B 363 -36.99 11.70 3.17
N GLU B 364 -37.96 11.44 4.04
CA GLU B 364 -37.67 10.68 5.25
C GLU B 364 -37.48 9.19 4.95
N GLU B 365 -38.02 8.72 3.82
CA GLU B 365 -37.64 7.41 3.28
C GLU B 365 -36.16 7.39 2.85
N ALA B 366 -35.77 8.31 1.98
CA ALA B 366 -34.39 8.33 1.46
C ALA B 366 -33.35 8.60 2.55
N PHE B 367 -33.66 9.54 3.44
CA PHE B 367 -32.72 9.94 4.48
C PHE B 367 -33.44 10.06 5.82
N PRO B 368 -33.59 8.94 6.56
CA PRO B 368 -34.37 9.08 7.80
C PRO B 368 -33.61 9.89 8.85
N GLU B 369 -34.34 10.57 9.75
CA GLU B 369 -33.75 11.59 10.63
C GLU B 369 -32.84 12.58 9.87
N PRO B 370 -33.37 13.20 8.80
CA PRO B 370 -32.45 13.86 7.86
C PRO B 370 -31.70 15.06 8.45
N ARG B 371 -32.14 15.58 9.61
CA ARG B 371 -31.42 16.66 10.28
C ARG B 371 -30.20 16.14 11.04
N ARG B 372 -30.10 14.83 11.20
CA ARG B 372 -28.92 14.24 11.84
C ARG B 372 -27.77 14.10 10.85
N TRP B 373 -26.61 14.65 11.20
CA TRP B 373 -25.44 14.50 10.37
C TRP B 373 -24.83 13.10 10.56
N ASP B 374 -24.94 12.24 9.54
CA ASP B 374 -24.46 10.87 9.66
C ASP B 374 -23.60 10.49 8.44
N PRO B 375 -22.28 10.69 8.53
CA PRO B 375 -21.39 10.35 7.40
C PRO B 375 -21.32 8.86 7.10
N GLU B 376 -21.84 8.02 8.00
CA GLU B 376 -21.89 6.58 7.70
C GLU B 376 -23.21 6.14 7.10
N ARG B 377 -24.18 7.05 6.98
CA ARG B 377 -25.41 6.66 6.30
C ARG B 377 -25.15 6.41 4.84
N ASP B 378 -26.02 5.60 4.25
CA ASP B 378 -26.09 5.50 2.83
C ASP B 378 -27.50 5.85 2.42
N GLU B 379 -27.65 6.55 1.30
CA GLU B 379 -28.97 6.77 0.73
C GLU B 379 -29.69 5.43 0.64
N LYS B 380 -31.01 5.46 0.81
CA LYS B 380 -31.84 4.25 0.81
C LYS B 380 -32.77 4.30 -0.39
N VAL B 381 -32.72 5.40 -1.13
CA VAL B 381 -33.37 5.47 -2.42
C VAL B 381 -32.31 5.83 -3.49
N GLU B 382 -32.33 5.07 -4.59
CA GLU B 382 -31.36 5.25 -5.65
C GLU B 382 -31.44 6.65 -6.26
N GLY B 383 -30.27 7.30 -6.36
CA GLY B 383 -30.18 8.64 -6.95
C GLY B 383 -30.73 9.73 -6.05
N ALA B 384 -30.89 9.45 -4.75
CA ALA B 384 -31.58 10.40 -3.90
C ALA B 384 -30.69 11.60 -3.59
N PHE B 385 -29.38 11.38 -3.54
CA PHE B 385 -28.46 12.45 -3.25
C PHE B 385 -28.18 13.25 -4.54
N ILE B 386 -28.45 14.54 -4.50
CA ILE B 386 -28.34 15.34 -5.71
C ILE B 386 -27.63 16.66 -5.45
N GLY B 387 -26.74 16.65 -4.46
CA GLY B 387 -26.01 17.83 -4.06
C GLY B 387 -25.14 18.42 -5.17
N PHE B 388 -24.69 17.56 -6.08
CA PHE B 388 -23.94 17.98 -7.27
C PHE B 388 -24.75 17.82 -8.56
N GLY B 389 -26.08 17.79 -8.43
CA GLY B 389 -26.92 17.56 -9.61
C GLY B 389 -26.76 16.15 -10.14
N ALA B 390 -27.16 15.94 -11.38
CA ALA B 390 -27.15 14.60 -11.95
C ALA B 390 -27.44 14.68 -13.42
N GLY B 391 -27.33 13.54 -14.10
CA GLY B 391 -27.74 13.42 -15.50
C GLY B 391 -27.05 14.39 -16.44
N VAL B 392 -27.82 15.04 -17.29
CA VAL B 392 -27.25 15.83 -18.37
C VAL B 392 -26.34 16.97 -17.89
N HIS B 393 -26.68 17.55 -16.74
CA HIS B 393 -25.92 18.68 -16.21
C HIS B 393 -25.26 18.42 -14.87
N LYS B 394 -24.80 17.19 -14.66
CA LYS B 394 -24.01 16.86 -13.45
C LYS B 394 -22.81 17.80 -13.29
N CYS B 395 -22.44 18.09 -12.05
CA CYS B 395 -21.34 18.99 -11.77
C CYS B 395 -20.03 18.45 -12.33
N ILE B 396 -19.31 19.27 -13.08
CA ILE B 396 -18.01 18.83 -13.62
C ILE B 396 -16.88 19.18 -12.65
N GLY B 397 -17.14 19.99 -11.64
CA GLY B 397 -16.09 20.42 -10.74
C GLY B 397 -16.11 19.65 -9.43
N GLN B 398 -16.96 18.64 -9.36
CA GLN B 398 -17.14 17.86 -8.13
C GLN B 398 -15.81 17.30 -7.54
N LYS B 399 -15.03 16.59 -8.35
CA LYS B 399 -13.78 15.99 -7.85
C LYS B 399 -12.81 17.07 -7.37
N PHE B 400 -12.77 18.18 -8.07
CA PHE B 400 -11.84 19.25 -7.74
C PHE B 400 -12.24 19.96 -6.46
N GLY B 401 -13.52 20.29 -6.34
CA GLY B 401 -14.03 20.82 -5.09
C GLY B 401 -13.74 19.88 -3.92
N LEU B 402 -14.08 18.60 -4.05
CA LEU B 402 -13.83 17.64 -2.95
C LEU B 402 -12.35 17.44 -2.66
N LEU B 403 -11.51 17.49 -3.69
CA LEU B 403 -10.06 17.46 -3.48
C LEU B 403 -9.62 18.58 -2.52
N GLN B 404 -10.10 19.79 -2.74
CA GLN B 404 -9.75 20.89 -1.85
C GLN B 404 -10.27 20.60 -0.43
N VAL B 405 -11.54 20.21 -0.33
CA VAL B 405 -12.15 20.00 0.98
C VAL B 405 -11.35 18.97 1.75
N LYS B 406 -11.07 17.83 1.10
CA LYS B 406 -10.38 16.71 1.76
C LYS B 406 -8.97 17.07 2.21
N THR B 407 -8.26 17.85 1.39
CA THR B 407 -6.89 18.23 1.73
C THR B 407 -6.89 19.18 2.93
N ILE B 408 -7.82 20.14 2.93
CA ILE B 408 -8.01 20.99 4.11
C ILE B 408 -8.40 20.18 5.36
N LEU B 409 -9.31 19.21 5.22
CA LEU B 409 -9.69 18.39 6.39
C LEU B 409 -8.53 17.59 6.98
N ALA B 410 -7.78 16.89 6.12
CA ALA B 410 -6.63 16.12 6.58
C ALA B 410 -5.54 16.99 7.19
N THR B 411 -5.37 18.18 6.64
CA THR B 411 -4.36 19.12 7.13
C THR B 411 -4.81 19.83 8.40
N ALA B 412 -6.09 20.16 8.47
CA ALA B 412 -6.64 20.83 9.64
C ALA B 412 -6.66 19.93 10.86
N PHE B 413 -7.34 18.79 10.77
CA PHE B 413 -7.53 17.93 11.95
C PHE B 413 -6.26 17.18 12.34
N ARG B 414 -5.27 17.18 11.45
CA ARG B 414 -3.96 16.64 11.80
C ARG B 414 -3.26 17.50 12.86
N SER B 415 -3.23 18.82 12.63
CA SER B 415 -2.49 19.72 13.52
C SER B 415 -3.32 20.46 14.56
N TYR B 416 -4.64 20.36 14.47
CA TYR B 416 -5.50 21.15 15.34
C TYR B 416 -6.68 20.37 15.90
N ASP B 417 -7.15 20.83 17.05
CA ASP B 417 -8.48 20.51 17.51
C ASP B 417 -9.31 21.77 17.36
N PHE B 418 -10.63 21.63 17.40
CA PHE B 418 -11.50 22.80 17.34
C PHE B 418 -12.66 22.73 18.31
N GLN B 419 -12.99 23.86 18.90
CA GLN B 419 -14.18 23.96 19.73
C GLN B 419 -15.19 24.95 19.18
N LEU B 420 -16.40 24.45 18.96
CA LEU B 420 -17.53 25.24 18.51
C LEU B 420 -18.08 26.03 19.70
N LEU B 421 -18.25 27.33 19.52
CA LEU B 421 -18.68 28.19 20.61
C LEU B 421 -20.20 28.34 20.70
N ARG B 422 -20.90 27.21 20.79
CA ARG B 422 -22.36 27.16 20.95
C ARG B 422 -22.79 25.70 21.07
N ASP B 423 -23.96 25.46 21.64
CA ASP B 423 -24.39 24.08 21.90
C ASP B 423 -24.66 23.31 20.62
N GLU B 424 -25.25 24.00 19.64
CA GLU B 424 -25.70 23.35 18.43
C GLU B 424 -24.85 23.81 17.25
N VAL B 425 -24.71 22.93 16.26
CA VAL B 425 -24.21 23.32 14.97
C VAL B 425 -25.06 24.50 14.50
N PRO B 426 -24.43 25.50 13.86
CA PRO B 426 -25.10 26.68 13.32
C PRO B 426 -26.29 26.32 12.46
N ASP B 427 -27.29 27.20 12.45
CA ASP B 427 -28.37 27.09 11.49
C ASP B 427 -27.88 27.49 10.11
N PRO B 428 -28.42 26.85 9.06
CA PRO B 428 -28.16 27.33 7.71
C PRO B 428 -28.78 28.72 7.56
N ASP B 429 -28.16 29.57 6.74
CA ASP B 429 -28.70 30.90 6.44
C ASP B 429 -29.27 30.89 5.02
N TYR B 430 -30.58 30.87 4.91
CA TYR B 430 -31.23 30.68 3.62
C TYR B 430 -31.34 31.96 2.82
N HIS B 431 -30.78 33.05 3.32
CA HIS B 431 -31.01 34.35 2.69
C HIS B 431 -30.00 34.71 1.60
N THR B 432 -29.00 33.87 1.38
CA THR B 432 -28.01 34.11 0.36
C THR B 432 -28.15 33.13 -0.80
N MET B 433 -27.56 33.50 -1.93
CA MET B 433 -27.70 32.73 -3.16
C MET B 433 -27.11 31.34 -3.04
N VAL B 434 -25.91 31.25 -2.48
CA VAL B 434 -25.34 29.96 -2.14
C VAL B 434 -25.41 29.85 -0.61
N VAL B 435 -26.04 28.79 -0.13
CA VAL B 435 -26.41 28.71 1.28
C VAL B 435 -25.34 28.03 2.10
N GLY B 436 -24.94 28.69 3.19
CA GLY B 436 -23.91 28.16 4.08
C GLY B 436 -24.37 28.25 5.52
N PRO B 437 -23.51 27.83 6.46
CA PRO B 437 -23.87 28.01 7.87
C PRO B 437 -23.94 29.51 8.18
N THR B 438 -24.83 29.92 9.08
CA THR B 438 -24.98 31.34 9.42
C THR B 438 -23.60 31.83 9.86
N ALA B 439 -23.09 32.84 9.15
CA ALA B 439 -21.70 33.29 9.35
C ALA B 439 -21.38 33.71 10.78
N SER B 440 -22.31 34.40 11.43
CA SER B 440 -22.05 34.92 12.78
C SER B 440 -22.11 33.81 13.85
N GLN B 441 -22.54 32.63 13.44
CA GLN B 441 -22.56 31.48 14.33
C GLN B 441 -21.35 30.58 14.10
N CYS B 442 -20.43 31.02 13.25
CA CYS B 442 -19.31 30.18 12.85
C CYS B 442 -18.04 30.58 13.57
N ARG B 443 -18.18 31.27 14.69
CA ARG B 443 -16.99 31.56 15.48
C ARG B 443 -16.56 30.29 16.22
N VAL B 444 -15.26 30.11 16.31
CA VAL B 444 -14.68 28.83 16.69
C VAL B 444 -13.30 29.02 17.29
N LYS B 445 -12.97 28.20 18.29
CA LYS B 445 -11.64 28.20 18.86
C LYS B 445 -10.82 27.04 18.27
N TYR B 446 -9.67 27.36 17.68
CA TYR B 446 -8.73 26.33 17.26
C TYR B 446 -7.78 26.06 18.42
N ILE B 447 -7.26 24.83 18.49
CA ILE B 447 -6.25 24.47 19.49
C ILE B 447 -5.14 23.60 18.87
N ARG B 448 -3.93 24.16 18.85
CA ARG B 448 -2.73 23.44 18.42
C ARG B 448 -2.56 22.13 19.19
N ARG B 449 -2.12 21.08 18.49
CA ARG B 449 -1.89 19.78 19.12
C ARG B 449 -0.42 19.38 19.10
N LYS B 450 0.20 19.27 20.27
CA LYS B 450 1.58 18.78 20.37
C LYS B 450 1.63 17.27 20.52
N LYS C 1 -61.51 -5.70 -40.72
CA LYS C 1 -61.55 -6.97 -39.91
C LYS C 1 -61.47 -6.67 -38.41
N GLY C 2 -60.49 -7.29 -37.76
CA GLY C 2 -60.13 -6.92 -36.39
C GLY C 2 -60.63 -7.84 -35.29
N LYS C 3 -60.95 -9.09 -35.63
CA LYS C 3 -61.35 -10.06 -34.59
C LYS C 3 -60.15 -10.80 -34.01
N LEU C 4 -59.56 -11.69 -34.81
CA LEU C 4 -58.31 -12.36 -34.41
C LEU C 4 -57.17 -11.70 -35.18
N PRO C 5 -55.96 -11.71 -34.59
CA PRO C 5 -54.78 -11.31 -35.34
C PRO C 5 -54.62 -12.21 -36.57
N PRO C 6 -53.99 -11.68 -37.63
CA PRO C 6 -53.76 -12.50 -38.82
C PRO C 6 -52.90 -13.72 -38.51
N VAL C 7 -53.25 -14.85 -39.11
CA VAL C 7 -52.61 -16.13 -38.84
C VAL C 7 -51.67 -16.50 -39.99
N TYR C 8 -50.38 -16.62 -39.69
CA TYR C 8 -49.38 -17.04 -40.67
C TYR C 8 -49.59 -18.49 -41.10
N PRO C 9 -49.65 -18.73 -42.43
CA PRO C 9 -49.94 -20.06 -42.98
C PRO C 9 -48.99 -21.15 -42.54
N VAL C 10 -49.54 -22.24 -42.05
CA VAL C 10 -48.78 -23.43 -41.72
C VAL C 10 -48.71 -24.30 -42.97
N THR C 11 -47.51 -24.59 -43.44
CA THR C 11 -47.34 -25.53 -44.54
C THR C 11 -46.75 -26.87 -44.08
N VAL C 12 -45.91 -26.85 -43.05
CA VAL C 12 -45.46 -28.08 -42.40
C VAL C 12 -46.31 -28.36 -41.16
N PRO C 13 -47.14 -29.42 -41.23
CA PRO C 13 -48.34 -29.59 -40.42
C PRO C 13 -48.14 -29.76 -38.91
N ILE C 14 -47.63 -30.92 -38.47
CA ILE C 14 -47.65 -31.25 -37.05
C ILE C 14 -46.69 -30.38 -36.22
N LEU C 15 -45.65 -29.86 -36.87
CA LEU C 15 -44.69 -28.98 -36.23
C LEU C 15 -45.13 -27.53 -36.28
N GLY C 16 -45.60 -27.11 -37.44
CA GLY C 16 -45.85 -25.70 -37.73
C GLY C 16 -44.57 -24.95 -38.05
N HIS C 17 -44.28 -23.93 -37.25
CA HIS C 17 -43.25 -22.96 -37.55
C HIS C 17 -42.00 -23.12 -36.68
N ILE C 18 -42.10 -23.97 -35.66
CA ILE C 18 -41.04 -24.07 -34.67
C ILE C 18 -39.66 -24.26 -35.31
N ILE C 19 -39.59 -25.06 -36.38
CA ILE C 19 -38.33 -25.26 -37.10
C ILE C 19 -37.81 -24.00 -37.80
N GLN C 20 -38.66 -23.32 -38.57
CA GLN C 20 -38.26 -22.07 -39.21
C GLN C 20 -37.83 -21.04 -38.16
N PHE C 21 -38.66 -20.87 -37.13
CA PHE C 21 -38.33 -19.99 -36.02
C PHE C 21 -36.96 -20.36 -35.44
N GLY C 22 -36.77 -21.65 -35.17
CA GLY C 22 -35.53 -22.14 -34.56
C GLY C 22 -34.29 -21.75 -35.34
N LYS C 23 -34.35 -21.93 -36.67
CA LYS C 23 -33.24 -21.60 -37.54
C LYS C 23 -32.88 -20.12 -37.45
N SER C 24 -33.85 -19.25 -37.76
CA SER C 24 -33.62 -17.81 -37.82
C SER C 24 -34.77 -17.01 -37.20
N PRO C 25 -34.77 -16.88 -35.87
CA PRO C 25 -35.90 -16.30 -35.15
C PRO C 25 -36.24 -14.90 -35.63
N LEU C 26 -35.23 -14.03 -35.68
CA LEU C 26 -35.46 -12.65 -36.06
C LEU C 26 -35.96 -12.59 -37.50
N GLY C 27 -35.25 -13.29 -38.39
CA GLY C 27 -35.64 -13.37 -39.80
C GLY C 27 -37.07 -13.83 -40.00
N PHE C 28 -37.41 -14.97 -39.37
CA PHE C 28 -38.72 -15.59 -39.54
C PHE C 28 -39.86 -14.70 -39.03
N MET C 29 -39.60 -14.00 -37.92
CA MET C 29 -40.61 -13.15 -37.30
C MET C 29 -40.87 -11.88 -38.12
N GLN C 30 -39.81 -11.25 -38.61
CA GLN C 30 -39.94 -10.07 -39.46
C GLN C 30 -40.67 -10.41 -40.76
N GLU C 31 -40.35 -11.55 -41.34
CA GLU C 31 -41.06 -12.04 -42.51
C GLU C 31 -42.56 -12.18 -42.24
N CYS C 32 -42.92 -12.68 -41.06
CA CYS C 32 -44.32 -12.71 -40.65
C CYS C 32 -44.91 -11.30 -40.52
N LYS C 33 -44.14 -10.38 -39.96
CA LYS C 33 -44.60 -9.00 -39.75
C LYS C 33 -44.94 -8.36 -41.10
N ARG C 34 -43.98 -8.45 -42.03
CA ARG C 34 -44.13 -7.96 -43.39
C ARG C 34 -45.29 -8.66 -44.10
N GLN C 35 -45.14 -9.96 -44.31
CA GLN C 35 -46.10 -10.77 -45.06
C GLN C 35 -47.55 -10.48 -44.66
N LEU C 36 -47.78 -10.23 -43.38
CA LEU C 36 -49.13 -10.09 -42.87
C LEU C 36 -49.50 -8.62 -42.67
N LYS C 37 -48.53 -7.75 -42.94
CA LYS C 37 -48.66 -6.31 -42.70
C LYS C 37 -49.25 -6.01 -41.33
N SER C 38 -48.66 -6.60 -40.30
CA SER C 38 -49.11 -6.39 -38.92
C SER C 38 -47.99 -6.70 -37.93
N GLY C 39 -47.89 -5.88 -36.88
CA GLY C 39 -47.00 -6.16 -35.77
C GLY C 39 -47.63 -7.13 -34.80
N ILE C 40 -48.94 -7.32 -34.91
CA ILE C 40 -49.65 -8.34 -34.15
C ILE C 40 -50.00 -9.49 -35.09
N PHE C 41 -49.59 -10.70 -34.72
CA PHE C 41 -49.82 -11.87 -35.56
C PHE C 41 -49.64 -13.19 -34.82
N THR C 42 -50.19 -14.27 -35.38
CA THR C 42 -50.18 -15.56 -34.72
C THR C 42 -49.47 -16.66 -35.53
N ILE C 43 -48.49 -17.30 -34.90
CA ILE C 43 -47.81 -18.42 -35.53
C ILE C 43 -48.20 -19.71 -34.83
N ASN C 44 -47.70 -20.83 -35.32
CA ASN C 44 -48.09 -22.12 -34.78
C ASN C 44 -46.89 -22.96 -34.32
N ILE C 45 -46.86 -23.25 -33.02
CA ILE C 45 -45.77 -24.04 -32.46
C ILE C 45 -46.27 -25.41 -32.01
N VAL C 46 -45.97 -26.43 -32.83
CA VAL C 46 -46.49 -27.79 -32.67
C VAL C 46 -47.98 -27.86 -32.39
N GLY C 47 -48.77 -27.22 -33.26
CA GLY C 47 -50.22 -27.30 -33.17
C GLY C 47 -50.82 -26.27 -32.23
N LYS C 48 -49.97 -25.42 -31.66
CA LYS C 48 -50.38 -24.46 -30.64
C LYS C 48 -50.27 -23.02 -31.14
N ARG C 49 -51.39 -22.32 -31.20
CA ARG C 49 -51.41 -20.89 -31.52
C ARG C 49 -50.54 -20.10 -30.54
N VAL C 50 -49.67 -19.25 -31.09
CA VAL C 50 -48.86 -18.33 -30.29
C VAL C 50 -48.93 -16.94 -30.90
N THR C 51 -49.55 -16.02 -30.16
CA THR C 51 -49.80 -14.67 -30.65
C THR C 51 -48.69 -13.74 -30.21
N ILE C 52 -47.93 -13.24 -31.18
CA ILE C 52 -46.81 -12.36 -30.92
C ILE C 52 -47.20 -10.90 -31.03
N VAL C 53 -46.86 -10.12 -30.01
CA VAL C 53 -47.03 -8.66 -30.05
C VAL C 53 -45.74 -8.01 -30.52
N GLY C 54 -45.62 -7.85 -31.85
CA GLY C 54 -44.40 -7.32 -32.46
C GLY C 54 -44.45 -5.83 -32.75
N ASP C 55 -45.52 -5.20 -32.26
CA ASP C 55 -45.69 -3.76 -32.38
C ASP C 55 -45.39 -3.12 -31.03
N PRO C 56 -44.31 -2.33 -30.94
CA PRO C 56 -43.87 -1.78 -29.67
C PRO C 56 -44.85 -0.83 -29.02
N HIS C 57 -45.64 -0.10 -29.83
CA HIS C 57 -46.68 0.79 -29.29
C HIS C 57 -47.64 -0.01 -28.42
N GLU C 58 -47.72 -1.31 -28.68
CA GLU C 58 -48.68 -2.15 -27.99
C GLU C 58 -48.09 -2.92 -26.81
N HIS C 59 -46.81 -2.69 -26.53
CA HIS C 59 -46.13 -3.39 -25.44
C HIS C 59 -46.94 -3.46 -24.14
N SER C 60 -47.51 -2.33 -23.74
CA SER C 60 -48.13 -2.27 -22.41
C SER C 60 -49.27 -3.28 -22.30
N ARG C 61 -49.84 -3.64 -23.45
CA ARG C 61 -50.94 -4.61 -23.48
C ARG C 61 -50.49 -6.01 -23.08
N PHE C 62 -49.19 -6.26 -23.18
CA PHE C 62 -48.61 -7.54 -22.75
C PHE C 62 -48.16 -7.47 -21.30
N PHE C 63 -47.50 -6.38 -20.93
CA PHE C 63 -46.77 -6.30 -19.67
C PHE C 63 -47.59 -5.82 -18.46
N LEU C 64 -48.71 -5.14 -18.71
CA LEU C 64 -49.49 -4.54 -17.63
C LEU C 64 -50.61 -5.40 -17.02
N PRO C 65 -51.32 -6.20 -17.83
CA PRO C 65 -52.47 -6.95 -17.30
C PRO C 65 -52.10 -7.84 -16.12
N ARG C 66 -52.97 -7.88 -15.11
CA ARG C 66 -52.77 -8.72 -13.92
C ARG C 66 -52.37 -10.16 -14.22
N ASN C 67 -51.74 -10.81 -13.26
CA ASN C 67 -51.39 -12.22 -13.37
C ASN C 67 -52.59 -13.08 -13.71
N GLU C 68 -53.73 -12.74 -13.12
CA GLU C 68 -54.95 -13.49 -13.32
C GLU C 68 -55.47 -13.36 -14.76
N VAL C 69 -55.05 -12.28 -15.43
CA VAL C 69 -55.42 -12.04 -16.84
C VAL C 69 -54.40 -12.65 -17.81
N LEU C 70 -53.14 -12.29 -17.64
CA LEU C 70 -52.03 -12.88 -18.38
C LEU C 70 -51.09 -13.60 -17.42
N SER C 71 -51.11 -14.92 -17.48
CA SER C 71 -50.47 -15.75 -16.48
C SER C 71 -49.15 -16.30 -17.01
N PRO C 72 -48.08 -16.21 -16.20
CA PRO C 72 -46.84 -16.85 -16.63
C PRO C 72 -46.67 -18.29 -16.09
N ARG C 73 -47.62 -18.74 -15.27
CA ARG C 73 -47.44 -20.02 -14.56
C ARG C 73 -47.22 -21.19 -15.51
N GLU C 74 -48.16 -21.40 -16.43
CA GLU C 74 -48.08 -22.52 -17.36
C GLU C 74 -46.84 -22.42 -18.26
N VAL C 75 -46.37 -21.19 -18.48
CA VAL C 75 -45.24 -20.95 -19.37
C VAL C 75 -43.91 -21.25 -18.70
N TYR C 76 -43.84 -21.02 -17.39
CA TYR C 76 -42.59 -21.28 -16.68
C TYR C 76 -42.71 -22.56 -15.88
N SER C 77 -43.71 -23.36 -16.25
CA SER C 77 -44.00 -24.60 -15.57
C SER C 77 -42.82 -25.55 -15.65
N PHE C 78 -42.13 -25.54 -16.79
CA PHE C 78 -41.05 -26.49 -17.02
C PHE C 78 -39.89 -26.30 -16.05
N MET C 79 -39.96 -25.25 -15.23
CA MET C 79 -38.85 -24.96 -14.32
C MET C 79 -39.17 -25.34 -12.88
N VAL C 80 -40.37 -25.88 -12.68
CA VAL C 80 -40.79 -26.30 -11.35
C VAL C 80 -39.79 -27.28 -10.72
N PRO C 81 -39.27 -28.24 -11.49
CA PRO C 81 -38.30 -29.17 -10.89
C PRO C 81 -37.05 -28.44 -10.37
N VAL C 82 -36.73 -27.29 -10.94
CA VAL C 82 -35.58 -26.51 -10.48
C VAL C 82 -35.95 -25.53 -9.36
N PHE C 83 -36.98 -24.71 -9.57
CA PHE C 83 -37.44 -23.81 -8.52
C PHE C 83 -37.99 -24.58 -7.31
N GLY C 84 -38.72 -25.66 -7.59
CA GLY C 84 -39.37 -26.46 -6.54
C GLY C 84 -40.88 -26.31 -6.61
N GLU C 85 -41.61 -27.32 -6.17
CA GLU C 85 -43.07 -27.22 -6.03
C GLU C 85 -43.46 -26.07 -5.09
N GLY C 86 -44.52 -25.34 -5.46
CA GLY C 86 -45.00 -24.22 -4.66
C GLY C 86 -44.05 -23.05 -4.52
N VAL C 87 -43.15 -22.88 -5.49
CA VAL C 87 -42.20 -21.77 -5.46
C VAL C 87 -42.38 -20.90 -6.70
N ALA C 88 -42.24 -19.60 -6.51
CA ALA C 88 -42.31 -18.65 -7.62
C ALA C 88 -43.66 -18.73 -8.34
N TYR C 89 -43.64 -18.82 -9.66
CA TYR C 89 -44.88 -18.78 -10.44
C TYR C 89 -45.80 -19.95 -10.09
N ALA C 90 -45.21 -21.02 -9.57
CA ALA C 90 -45.95 -22.20 -9.12
C ALA C 90 -46.78 -21.96 -7.84
N ALA C 91 -46.36 -21.01 -7.00
CA ALA C 91 -47.14 -20.64 -5.82
C ALA C 91 -48.39 -19.87 -6.22
N PRO C 92 -49.37 -19.80 -5.32
CA PRO C 92 -50.47 -18.88 -5.56
C PRO C 92 -49.94 -17.46 -5.71
N TYR C 93 -50.50 -16.72 -6.66
CA TYR C 93 -49.91 -15.45 -7.10
C TYR C 93 -49.65 -14.45 -5.99
N PRO C 94 -50.60 -14.30 -5.05
CA PRO C 94 -50.31 -13.41 -3.93
C PRO C 94 -49.05 -13.86 -3.18
N ARG C 95 -48.89 -15.17 -3.04
CA ARG C 95 -47.76 -15.74 -2.32
C ARG C 95 -46.48 -15.66 -3.17
N MET C 96 -46.60 -16.02 -4.44
CA MET C 96 -45.51 -15.78 -5.38
C MET C 96 -44.95 -14.37 -5.21
N ARG C 97 -45.84 -13.38 -5.11
CA ARG C 97 -45.43 -11.98 -5.00
C ARG C 97 -44.62 -11.75 -3.75
N GLU C 98 -45.05 -12.34 -2.64
CA GLU C 98 -44.31 -12.21 -1.39
C GLU C 98 -42.92 -12.76 -1.55
N GLN C 99 -42.82 -13.95 -2.13
CA GLN C 99 -41.52 -14.63 -2.26
C GLN C 99 -40.60 -13.77 -3.11
N LEU C 100 -41.13 -13.28 -4.23
CA LEU C 100 -40.35 -12.44 -5.13
C LEU C 100 -39.99 -11.11 -4.48
N ASN C 101 -40.90 -10.53 -3.72
CA ASN C 101 -40.58 -9.35 -2.92
C ASN C 101 -39.40 -9.61 -1.98
N PHE C 102 -39.39 -10.77 -1.32
CA PHE C 102 -38.30 -11.11 -0.41
C PHE C 102 -36.96 -11.22 -1.13
N LEU C 103 -36.99 -11.77 -2.34
CA LEU C 103 -35.77 -11.82 -3.13
C LEU C 103 -35.33 -10.42 -3.49
N ALA C 104 -36.27 -9.58 -3.91
CA ALA C 104 -35.96 -8.20 -4.30
C ALA C 104 -35.35 -7.43 -3.12
N GLU C 105 -35.89 -7.66 -1.93
CA GLU C 105 -35.41 -6.97 -0.76
C GLU C 105 -33.94 -7.29 -0.47
N GLU C 106 -33.45 -8.37 -1.06
CA GLU C 106 -32.04 -8.78 -0.91
C GLU C 106 -31.14 -8.16 -1.99
N LEU C 107 -31.75 -7.47 -2.94
CA LEU C 107 -31.01 -6.95 -4.08
C LEU C 107 -31.25 -5.47 -4.23
N THR C 108 -31.39 -4.78 -3.11
CA THR C 108 -31.62 -3.36 -3.12
C THR C 108 -30.34 -2.57 -2.82
N ILE C 109 -30.44 -1.26 -3.03
CA ILE C 109 -29.29 -0.37 -2.98
C ILE C 109 -28.56 -0.36 -1.63
N ALA C 110 -29.27 -0.65 -0.54
CA ALA C 110 -28.60 -0.77 0.76
C ALA C 110 -27.58 -1.90 0.76
N LYS C 111 -27.91 -3.00 0.08
CA LYS C 111 -26.97 -4.12 -0.05
C LYS C 111 -25.79 -3.80 -0.96
N PHE C 112 -25.99 -2.85 -1.87
CA PHE C 112 -25.01 -2.61 -2.93
C PHE C 112 -23.71 -2.03 -2.40
N GLN C 113 -23.77 -1.45 -1.20
CA GLN C 113 -22.59 -0.83 -0.59
C GLN C 113 -21.53 -1.90 -0.39
N ASN C 114 -21.98 -3.08 0.00
CA ASN C 114 -21.10 -4.23 0.15
C ASN C 114 -20.73 -4.84 -1.19
N PHE C 115 -21.72 -4.91 -2.08
CA PHE C 115 -21.56 -5.61 -3.35
C PHE C 115 -20.42 -5.06 -4.21
N VAL C 116 -20.31 -3.74 -4.32
CA VAL C 116 -19.31 -3.16 -5.22
C VAL C 116 -17.87 -3.59 -4.86
N PRO C 117 -17.46 -3.42 -3.60
CA PRO C 117 -16.14 -3.94 -3.27
C PRO C 117 -16.00 -5.46 -3.44
N ALA C 118 -17.03 -6.21 -3.09
CA ALA C 118 -16.95 -7.66 -3.23
C ALA C 118 -16.74 -8.05 -4.70
N ILE C 119 -17.43 -7.37 -5.62
CA ILE C 119 -17.34 -7.66 -7.06
C ILE C 119 -15.95 -7.30 -7.61
N GLN C 120 -15.47 -6.14 -7.22
CA GLN C 120 -14.19 -5.68 -7.71
C GLN C 120 -13.08 -6.57 -7.18
N HIS C 121 -13.21 -7.01 -5.94
CA HIS C 121 -12.24 -7.94 -5.36
C HIS C 121 -12.12 -9.19 -6.23
N GLU C 122 -13.24 -9.80 -6.57
CA GLU C 122 -13.22 -11.01 -7.37
C GLU C 122 -12.73 -10.81 -8.81
N VAL C 123 -13.07 -9.67 -9.41
CA VAL C 123 -12.62 -9.39 -10.76
C VAL C 123 -11.10 -9.29 -10.76
N ARG C 124 -10.55 -8.51 -9.83
CA ARG C 124 -9.12 -8.33 -9.74
C ARG C 124 -8.40 -9.62 -9.44
N LYS C 125 -8.93 -10.41 -8.52
CA LYS C 125 -8.34 -11.71 -8.23
C LYS C 125 -8.29 -12.54 -9.51
N PHE C 126 -9.37 -12.55 -10.28
CA PHE C 126 -9.42 -13.33 -11.52
C PHE C 126 -8.38 -12.86 -12.55
N MET C 127 -8.33 -11.54 -12.77
CA MET C 127 -7.42 -10.96 -13.75
C MET C 127 -5.96 -11.16 -13.36
N ALA C 128 -5.68 -11.06 -12.06
CA ALA C 128 -4.33 -11.20 -11.55
C ALA C 128 -3.86 -12.65 -11.68
N ALA C 129 -4.82 -13.57 -11.71
CA ALA C 129 -4.52 -14.97 -11.77
C ALA C 129 -4.50 -15.49 -13.21
N ASN C 130 -5.19 -14.80 -14.11
CA ASN C 130 -5.44 -15.33 -15.44
C ASN C 130 -4.96 -14.40 -16.55
N TRP C 131 -5.03 -13.10 -16.31
CA TRP C 131 -4.58 -12.12 -17.29
C TRP C 131 -3.28 -11.48 -16.78
N ASP C 132 -2.29 -12.33 -16.49
CA ASP C 132 -1.13 -11.89 -15.72
C ASP C 132 0.14 -11.60 -16.52
N LYS C 133 0.07 -11.71 -17.85
CA LYS C 133 1.23 -11.40 -18.67
C LYS C 133 1.09 -10.06 -19.36
N ASP C 134 2.12 -9.66 -20.10
CA ASP C 134 2.05 -8.54 -21.01
C ASP C 134 0.86 -8.69 -21.95
N GLU C 135 0.64 -9.93 -22.37
CA GLU C 135 -0.53 -10.29 -23.17
C GLU C 135 -0.77 -11.80 -23.16
N GLY C 136 -1.94 -12.19 -23.69
CA GLY C 136 -2.32 -13.60 -23.72
C GLY C 136 -3.69 -13.80 -24.33
N GLU C 137 -3.95 -15.02 -24.80
CA GLU C 137 -5.20 -15.32 -25.48
C GLU C 137 -6.15 -16.02 -24.50
N ILE C 138 -7.43 -15.68 -24.61
CA ILE C 138 -8.42 -16.21 -23.68
C ILE C 138 -9.71 -16.36 -24.45
N ASN C 139 -10.63 -17.17 -23.95
CA ASN C 139 -12.02 -17.10 -24.41
C ASN C 139 -12.83 -16.17 -23.50
N LEU C 140 -13.21 -15.04 -24.05
CA LEU C 140 -13.80 -13.98 -23.25
C LEU C 140 -15.18 -14.35 -22.69
N LEU C 141 -15.94 -15.17 -23.42
CA LEU C 141 -17.25 -15.62 -22.94
C LEU C 141 -17.01 -16.51 -21.73
N GLU C 142 -16.05 -17.42 -21.81
CA GLU C 142 -15.73 -18.25 -20.65
C GLU C 142 -15.29 -17.43 -19.45
N ASP C 143 -14.32 -16.53 -19.67
CA ASP C 143 -13.77 -15.76 -18.56
C ASP C 143 -14.82 -14.83 -17.93
N CYS C 144 -15.61 -14.16 -18.75
CA CYS C 144 -16.66 -13.33 -18.21
C CYS C 144 -17.64 -14.15 -17.40
N SER C 145 -18.03 -15.29 -17.94
CA SER C 145 -18.94 -16.16 -17.24
C SER C 145 -18.33 -16.71 -15.93
N THR C 146 -17.03 -16.99 -15.92
CA THR C 146 -16.34 -17.33 -14.67
C THR C 146 -16.39 -16.16 -13.67
N MET C 147 -16.00 -14.96 -14.12
CA MET C 147 -16.07 -13.79 -13.26
C MET C 147 -17.50 -13.53 -12.72
N ILE C 148 -18.51 -13.72 -13.55
CA ILE C 148 -19.86 -13.47 -13.09
C ILE C 148 -20.31 -14.43 -11.98
N ILE C 149 -19.96 -15.72 -12.09
CA ILE C 149 -20.32 -16.66 -11.01
C ILE C 149 -19.53 -16.40 -9.73
N ASN C 150 -18.25 -16.08 -9.86
CA ASN C 150 -17.41 -15.72 -8.71
C ASN C 150 -17.84 -14.42 -8.03
N THR C 151 -18.15 -13.41 -8.83
CA THR C 151 -18.61 -12.13 -8.26
C THR C 151 -19.98 -12.29 -7.61
N ALA C 152 -20.90 -12.99 -8.28
CA ALA C 152 -22.24 -13.14 -7.72
C ALA C 152 -22.17 -13.91 -6.39
N CYS C 153 -21.34 -14.94 -6.36
CA CYS C 153 -21.17 -15.72 -5.13
C CYS C 153 -20.54 -14.90 -4.01
N GLN C 154 -19.60 -14.03 -4.34
CA GLN C 154 -18.98 -13.17 -3.32
C GLN C 154 -19.96 -12.12 -2.79
N CYS C 155 -20.90 -11.70 -3.61
CA CYS C 155 -21.89 -10.71 -3.17
C CYS C 155 -22.91 -11.36 -2.27
N LEU C 156 -23.44 -12.48 -2.73
CA LEU C 156 -24.68 -12.99 -2.18
C LEU C 156 -24.49 -13.98 -1.03
N PHE C 157 -23.26 -14.46 -0.85
CA PHE C 157 -23.01 -15.53 0.13
C PHE C 157 -21.83 -15.28 1.04
N GLY C 158 -22.02 -15.55 2.34
CA GLY C 158 -20.95 -15.45 3.31
C GLY C 158 -19.79 -16.36 2.94
N GLU C 159 -18.60 -16.01 3.42
CA GLU C 159 -17.40 -16.79 3.20
C GLU C 159 -17.54 -18.24 3.67
N ASP C 160 -18.32 -18.45 4.73
CA ASP C 160 -18.58 -19.81 5.23
C ASP C 160 -19.27 -20.65 4.17
N LEU C 161 -20.25 -20.08 3.48
CA LEU C 161 -20.98 -20.81 2.46
C LEU C 161 -20.10 -21.11 1.25
N ARG C 162 -19.30 -20.14 0.84
CA ARG C 162 -18.45 -20.33 -0.34
C ARG C 162 -17.37 -21.38 -0.11
N LYS C 163 -16.96 -21.57 1.14
CA LYS C 163 -16.01 -22.63 1.48
C LYS C 163 -16.61 -24.02 1.27
N ARG C 164 -17.83 -24.24 1.78
CA ARG C 164 -18.53 -25.50 1.56
C ARG C 164 -19.12 -25.59 0.15
N LEU C 165 -19.41 -24.44 -0.45
CA LEU C 165 -20.06 -24.40 -1.76
C LEU C 165 -19.40 -23.36 -2.65
N ASP C 166 -18.24 -23.69 -3.20
CA ASP C 166 -17.49 -22.74 -4.01
C ASP C 166 -18.03 -22.63 -5.44
N ALA C 167 -17.50 -21.65 -6.18
CA ALA C 167 -18.04 -21.32 -7.49
C ALA C 167 -18.14 -22.55 -8.41
N ARG C 168 -17.10 -23.37 -8.39
CA ARG C 168 -17.00 -24.56 -9.24
C ARG C 168 -18.08 -25.61 -8.95
N ARG C 169 -18.22 -25.98 -7.68
CA ARG C 169 -19.19 -26.98 -7.26
C ARG C 169 -20.62 -26.46 -7.48
N PHE C 170 -20.82 -25.16 -7.27
CA PHE C 170 -22.12 -24.53 -7.45
C PHE C 170 -22.51 -24.55 -8.93
N ALA C 171 -21.58 -24.19 -9.80
CA ALA C 171 -21.77 -24.28 -11.24
C ALA C 171 -22.10 -25.70 -11.70
N GLN C 172 -21.41 -26.69 -11.14
CA GLN C 172 -21.68 -28.07 -11.53
C GLN C 172 -23.10 -28.48 -11.15
N LEU C 173 -23.56 -28.05 -9.99
CA LEU C 173 -24.90 -28.40 -9.55
C LEU C 173 -25.95 -27.68 -10.39
N LEU C 174 -25.77 -26.38 -10.58
CA LEU C 174 -26.62 -25.59 -11.48
C LEU C 174 -26.66 -26.17 -12.89
N ALA C 175 -25.48 -26.54 -13.40
CA ALA C 175 -25.37 -27.06 -14.77
C ALA C 175 -26.09 -28.40 -14.88
N LYS C 176 -25.98 -29.22 -13.84
CA LYS C 176 -26.75 -30.45 -13.79
C LYS C 176 -28.26 -30.19 -13.85
N MET C 177 -28.75 -29.22 -13.09
CA MET C 177 -30.17 -28.83 -13.15
C MET C 177 -30.52 -28.27 -14.53
N GLU C 178 -29.69 -27.35 -15.01
CA GLU C 178 -29.94 -26.66 -16.28
C GLU C 178 -30.11 -27.65 -17.41
N SER C 179 -29.20 -28.61 -17.51
CA SER C 179 -29.26 -29.52 -18.66
C SER C 179 -30.41 -30.53 -18.58
N SER C 180 -31.18 -30.49 -17.50
CA SER C 180 -32.38 -31.34 -17.44
C SER C 180 -33.65 -30.62 -17.90
N LEU C 181 -33.56 -29.32 -18.18
CA LEU C 181 -34.74 -28.53 -18.54
C LEU C 181 -35.16 -28.76 -19.98
N ILE C 182 -36.46 -28.76 -20.21
CA ILE C 182 -36.97 -28.86 -21.56
C ILE C 182 -38.01 -27.77 -21.79
N PRO C 183 -37.57 -26.63 -22.35
CA PRO C 183 -38.50 -25.52 -22.54
C PRO C 183 -39.67 -25.89 -23.44
N ALA C 184 -39.49 -26.91 -24.27
CA ALA C 184 -40.57 -27.39 -25.15
C ALA C 184 -41.80 -27.88 -24.39
N ALA C 185 -41.63 -28.20 -23.10
CA ALA C 185 -42.74 -28.70 -22.29
C ALA C 185 -43.88 -27.68 -22.23
N VAL C 186 -43.55 -26.41 -22.43
CA VAL C 186 -44.57 -25.38 -22.62
C VAL C 186 -45.63 -25.83 -23.64
N PHE C 187 -45.18 -26.36 -24.76
CA PHE C 187 -46.07 -26.78 -25.80
C PHE C 187 -46.48 -28.22 -25.74
N LEU C 188 -45.78 -29.00 -24.93
CA LEU C 188 -46.09 -30.41 -24.71
C LEU C 188 -46.10 -30.70 -23.22
N PRO C 189 -47.14 -30.26 -22.53
CA PRO C 189 -47.19 -30.29 -21.08
C PRO C 189 -47.08 -31.70 -20.57
N ILE C 190 -47.49 -32.64 -21.39
CA ILE C 190 -47.35 -34.05 -21.05
C ILE C 190 -45.98 -34.34 -20.44
N LEU C 191 -44.96 -33.65 -20.96
CA LEU C 191 -43.56 -33.89 -20.63
C LEU C 191 -43.27 -33.70 -19.15
N LEU C 192 -44.03 -32.83 -18.50
CA LEU C 192 -43.73 -32.54 -17.12
C LEU C 192 -44.40 -33.54 -16.17
N LYS C 193 -45.27 -34.38 -16.72
CA LYS C 193 -45.94 -35.40 -15.90
C LYS C 193 -45.19 -36.72 -15.96
N LEU C 194 -44.45 -36.94 -17.04
CA LEU C 194 -43.71 -38.18 -17.22
C LEU C 194 -42.52 -38.30 -16.26
N PRO C 195 -42.23 -39.52 -15.81
CA PRO C 195 -40.99 -39.80 -15.11
C PRO C 195 -39.83 -39.89 -16.11
N LEU C 196 -39.17 -38.77 -16.37
CA LEU C 196 -38.09 -38.71 -17.33
C LEU C 196 -36.79 -38.85 -16.59
N PRO C 197 -35.74 -39.33 -17.27
CA PRO C 197 -34.42 -39.37 -16.63
C PRO C 197 -34.01 -37.98 -16.18
N GLN C 198 -34.40 -36.97 -16.95
CA GLN C 198 -34.07 -35.57 -16.68
C GLN C 198 -34.62 -35.09 -15.34
N SER C 199 -35.87 -35.48 -15.05
CA SER C 199 -36.55 -35.04 -13.84
C SER C 199 -35.84 -35.63 -12.63
N ALA C 200 -35.34 -36.85 -12.79
CA ALA C 200 -34.61 -37.53 -11.73
C ALA C 200 -33.27 -36.86 -11.45
N ARG C 201 -32.55 -36.53 -12.51
CA ARG C 201 -31.26 -35.84 -12.34
C ARG C 201 -31.42 -34.47 -11.69
N CYS C 202 -32.46 -33.75 -12.08
CA CYS C 202 -32.72 -32.44 -11.52
C CYS C 202 -33.06 -32.51 -10.02
N HIS C 203 -33.83 -33.52 -9.63
CA HIS C 203 -34.19 -33.69 -8.23
C HIS C 203 -32.93 -33.98 -7.43
N GLU C 204 -32.07 -34.81 -7.99
CA GLU C 204 -30.84 -35.21 -7.33
C GLU C 204 -29.92 -34.00 -7.08
N ALA C 205 -29.80 -33.12 -8.09
CA ALA C 205 -28.97 -31.93 -7.96
C ALA C 205 -29.58 -30.92 -6.98
N ARG C 206 -30.89 -30.70 -7.07
CA ARG C 206 -31.57 -29.79 -6.17
C ARG C 206 -31.45 -30.24 -4.71
N THR C 207 -31.70 -31.53 -4.48
CA THR C 207 -31.60 -32.12 -3.15
C THR C 207 -30.20 -31.97 -2.57
N GLU C 208 -29.19 -32.31 -3.36
CA GLU C 208 -27.81 -32.13 -2.90
C GLU C 208 -27.53 -30.66 -2.56
N LEU C 209 -28.08 -29.74 -3.33
CA LEU C 209 -27.92 -28.32 -3.02
C LEU C 209 -28.63 -27.96 -1.72
N GLN C 210 -29.87 -28.41 -1.58
CA GLN C 210 -30.62 -28.12 -0.37
C GLN C 210 -29.95 -28.72 0.85
N LYS C 211 -29.29 -29.87 0.66
CA LYS C 211 -28.60 -30.52 1.75
C LYS C 211 -27.43 -29.66 2.21
N ILE C 212 -26.63 -29.19 1.26
CA ILE C 212 -25.50 -28.31 1.57
C ILE C 212 -25.94 -27.03 2.30
N LEU C 213 -27.03 -26.41 1.85
CA LEU C 213 -27.58 -25.24 2.55
C LEU C 213 -27.97 -25.60 3.99
N SER C 214 -28.61 -26.75 4.18
CA SER C 214 -28.99 -27.15 5.52
C SER C 214 -27.75 -27.31 6.42
N GLU C 215 -26.65 -27.80 5.85
CA GLU C 215 -25.41 -27.97 6.63
C GLU C 215 -24.88 -26.62 7.05
N ILE C 216 -24.86 -25.67 6.10
CA ILE C 216 -24.41 -24.31 6.38
C ILE C 216 -25.30 -23.63 7.43
N ILE C 217 -26.61 -23.76 7.30
CA ILE C 217 -27.52 -23.19 8.28
C ILE C 217 -27.22 -23.71 9.70
N ILE C 218 -27.00 -25.02 9.82
CA ILE C 218 -26.63 -25.60 11.10
C ILE C 218 -25.32 -25.03 11.63
N ALA C 219 -24.26 -25.02 10.79
CA ALA C 219 -23.00 -24.44 11.23
C ALA C 219 -23.17 -22.99 11.64
N ARG C 220 -24.09 -22.28 10.99
CA ARG C 220 -24.32 -20.88 11.36
C ARG C 220 -25.01 -20.73 12.71
N LYS C 221 -26.06 -21.50 12.95
CA LYS C 221 -26.67 -21.58 14.27
C LYS C 221 -25.59 -21.80 15.32
N GLU C 222 -24.66 -22.71 15.04
CA GLU C 222 -23.61 -23.04 16.01
C GLU C 222 -22.64 -21.89 16.23
N GLU C 223 -22.38 -21.13 15.17
CA GLU C 223 -21.61 -19.88 15.28
C GLU C 223 -22.28 -18.81 16.17
N GLU C 224 -23.59 -18.67 16.01
CA GLU C 224 -24.35 -17.70 16.79
C GLU C 224 -24.31 -18.02 18.28
N VAL C 225 -24.23 -19.31 18.60
CA VAL C 225 -24.10 -19.74 19.99
C VAL C 225 -22.73 -19.37 20.59
N ASN C 226 -21.65 -19.61 19.86
CA ASN C 226 -20.36 -19.01 20.21
C ASN C 226 -20.51 -17.51 20.34
N LYS C 227 -21.40 -17.01 19.49
CA LYS C 227 -21.62 -15.61 19.20
C LYS C 227 -20.32 -14.98 18.88
N ASP C 228 -19.49 -15.72 18.16
CA ASP C 228 -18.39 -15.12 17.41
C ASP C 228 -18.91 -14.12 16.38
N SER C 229 -20.12 -14.37 15.83
CA SER C 229 -20.64 -13.59 14.69
C SER C 229 -22.15 -13.75 14.45
N SER C 230 -22.64 -13.01 13.46
CA SER C 230 -23.93 -13.29 12.82
C SER C 230 -23.78 -13.08 11.30
N THR C 231 -23.24 -14.10 10.63
CA THR C 231 -22.87 -14.01 9.22
C THR C 231 -24.07 -13.60 8.36
N SER C 232 -23.96 -12.45 7.68
CA SER C 232 -25.10 -11.90 6.97
C SER C 232 -24.96 -11.96 5.45
N ASP C 233 -25.94 -12.56 4.78
CA ASP C 233 -25.92 -12.69 3.32
C ASP C 233 -27.34 -12.94 2.77
N LEU C 234 -27.42 -13.46 1.55
CA LEU C 234 -28.73 -13.69 0.93
C LEU C 234 -29.47 -14.85 1.59
N LEU C 235 -28.73 -15.90 1.90
CA LEU C 235 -29.28 -17.01 2.68
C LEU C 235 -29.90 -16.56 4.00
N SER C 236 -29.14 -15.83 4.82
CA SER C 236 -29.65 -15.35 6.11
C SER C 236 -30.84 -14.42 5.95
N GLY C 237 -30.77 -13.52 4.96
CA GLY C 237 -31.87 -12.61 4.69
C GLY C 237 -33.15 -13.35 4.32
N LEU C 238 -33.04 -14.30 3.38
CA LEU C 238 -34.21 -15.08 2.98
C LEU C 238 -34.77 -15.89 4.14
N LEU C 239 -33.88 -16.36 5.02
CA LEU C 239 -34.27 -17.19 6.16
C LEU C 239 -35.06 -16.45 7.22
N SER C 240 -34.79 -15.15 7.38
CA SER C 240 -35.57 -14.37 8.35
C SER C 240 -36.84 -13.77 7.73
N ALA C 241 -37.14 -14.13 6.49
CA ALA C 241 -38.39 -13.69 5.87
C ALA C 241 -39.59 -14.31 6.60
N VAL C 242 -40.63 -13.50 6.82
CA VAL C 242 -41.90 -13.99 7.35
C VAL C 242 -43.08 -13.45 6.52
N TYR C 243 -43.87 -14.36 5.93
CA TYR C 243 -45.01 -13.99 5.08
C TYR C 243 -46.09 -13.22 5.86
N ARG C 244 -47.06 -12.67 5.13
CA ARG C 244 -48.19 -11.99 5.75
C ARG C 244 -48.91 -12.90 6.73
N ASP C 245 -49.11 -14.16 6.34
CA ASP C 245 -49.83 -15.10 7.18
C ASP C 245 -49.04 -15.52 8.44
N GLY C 246 -47.84 -14.96 8.61
CA GLY C 246 -47.06 -15.17 9.83
C GLY C 246 -46.05 -16.31 9.81
N THR C 247 -46.04 -17.10 8.74
CA THR C 247 -45.15 -18.26 8.65
C THR C 247 -43.81 -17.90 7.98
N PRO C 248 -42.70 -18.53 8.42
CA PRO C 248 -41.40 -18.25 7.80
C PRO C 248 -41.27 -18.94 6.45
N MET C 249 -40.28 -18.55 5.66
CA MET C 249 -40.00 -19.27 4.42
C MET C 249 -39.41 -20.63 4.79
N SER C 250 -39.88 -21.70 4.14
CA SER C 250 -39.32 -23.01 4.39
C SER C 250 -37.97 -23.12 3.67
N LEU C 251 -37.13 -24.03 4.16
CA LEU C 251 -35.84 -24.27 3.49
C LEU C 251 -36.06 -24.58 2.00
N HIS C 252 -37.12 -25.33 1.69
CA HIS C 252 -37.45 -25.68 0.32
C HIS C 252 -37.59 -24.41 -0.53
N GLU C 253 -38.22 -23.41 0.05
CA GLU C 253 -38.51 -22.18 -0.66
C GLU C 253 -37.25 -21.32 -0.79
N VAL C 254 -36.47 -21.25 0.29
CA VAL C 254 -35.22 -20.50 0.30
C VAL C 254 -34.29 -21.05 -0.77
N CYS C 255 -34.15 -22.37 -0.79
CA CYS C 255 -33.33 -23.04 -1.80
C CYS C 255 -33.82 -22.66 -3.21
N GLY C 256 -35.13 -22.65 -3.38
CA GLY C 256 -35.76 -22.31 -4.65
C GLY C 256 -35.46 -20.89 -5.09
N MET C 257 -35.53 -19.94 -4.16
CA MET C 257 -35.28 -18.55 -4.49
C MET C 257 -33.81 -18.32 -4.81
N ILE C 258 -32.94 -19.09 -4.15
CA ILE C 258 -31.52 -19.01 -4.44
C ILE C 258 -31.22 -19.53 -5.82
N VAL C 259 -31.76 -20.69 -6.14
CA VAL C 259 -31.60 -21.31 -7.45
C VAL C 259 -32.16 -20.35 -8.48
N ALA C 260 -33.27 -19.70 -8.15
CA ALA C 260 -33.87 -18.76 -9.09
C ALA C 260 -32.94 -17.56 -9.30
N ALA C 261 -32.31 -17.10 -8.23
CA ALA C 261 -31.42 -15.96 -8.33
C ALA C 261 -30.20 -16.28 -9.21
N MET C 262 -29.60 -17.45 -9.00
CA MET C 262 -28.42 -17.85 -9.76
C MET C 262 -28.74 -18.09 -11.23
N PHE C 263 -29.78 -18.86 -11.50
CA PHE C 263 -30.22 -19.05 -12.88
C PHE C 263 -30.50 -17.72 -13.57
N ALA C 264 -31.13 -16.80 -12.85
CA ALA C 264 -31.59 -15.57 -13.47
C ALA C 264 -30.42 -14.85 -14.08
N GLY C 265 -29.41 -14.62 -13.25
CA GLY C 265 -28.33 -13.71 -13.61
C GLY C 265 -27.13 -14.33 -14.29
N GLN C 266 -26.97 -15.65 -14.19
CA GLN C 266 -25.69 -16.27 -14.59
C GLN C 266 -25.34 -16.05 -16.06
N HIS C 267 -26.11 -16.62 -16.97
CA HIS C 267 -25.81 -16.40 -18.37
C HIS C 267 -26.09 -14.97 -18.82
N THR C 268 -27.23 -14.43 -18.42
CA THR C 268 -27.61 -13.09 -18.87
C THR C 268 -26.54 -12.06 -18.57
N SER C 269 -25.99 -12.06 -17.37
CA SER C 269 -25.06 -10.99 -17.00
C SER C 269 -23.72 -11.24 -17.68
N SER C 270 -23.41 -12.51 -17.82
CA SER C 270 -22.14 -12.93 -18.35
C SER C 270 -22.11 -12.60 -19.86
N ILE C 271 -23.23 -12.86 -20.52
CA ILE C 271 -23.40 -12.52 -21.92
C ILE C 271 -23.42 -11.00 -22.17
N THR C 272 -24.16 -10.25 -21.37
CA THR C 272 -24.19 -8.80 -21.49
C THR C 272 -22.79 -8.20 -21.38
N THR C 273 -22.02 -8.65 -20.39
CA THR C 273 -20.63 -8.24 -20.26
C THR C 273 -19.83 -8.57 -21.52
N THR C 274 -20.02 -9.78 -22.03
CA THR C 274 -19.18 -10.27 -23.12
C THR C 274 -19.48 -9.49 -24.40
N TRP C 275 -20.76 -9.32 -24.73
CA TRP C 275 -21.13 -8.46 -25.86
C TRP C 275 -20.52 -7.08 -25.67
N SER C 276 -20.73 -6.48 -24.49
CA SER C 276 -20.26 -5.12 -24.27
C SER C 276 -18.78 -4.99 -24.57
N MET C 277 -17.98 -5.95 -24.08
CA MET C 277 -16.54 -5.87 -24.27
C MET C 277 -16.18 -6.08 -25.74
N LEU C 278 -16.85 -7.04 -26.37
CA LEU C 278 -16.64 -7.29 -27.79
C LEU C 278 -16.86 -6.05 -28.64
N HIS C 279 -17.96 -5.33 -28.39
CA HIS C 279 -18.25 -4.09 -29.13
C HIS C 279 -17.16 -3.05 -28.88
N LEU C 280 -16.82 -2.89 -27.61
CA LEU C 280 -15.97 -1.80 -27.18
C LEU C 280 -14.55 -1.99 -27.72
N MET C 281 -14.11 -3.24 -27.86
CA MET C 281 -12.77 -3.52 -28.36
C MET C 281 -12.66 -3.47 -29.89
N HIS C 282 -13.80 -3.53 -30.58
CA HIS C 282 -13.82 -3.51 -32.03
C HIS C 282 -13.44 -2.14 -32.56
N PRO C 283 -12.65 -2.11 -33.66
CA PRO C 283 -12.13 -0.89 -34.27
C PRO C 283 -13.19 0.16 -34.62
N ALA C 284 -14.38 -0.25 -35.03
CA ALA C 284 -15.42 0.74 -35.40
C ALA C 284 -15.94 1.56 -34.21
N ASN C 285 -15.69 1.08 -32.99
CA ASN C 285 -16.24 1.73 -31.80
C ASN C 285 -15.20 2.47 -30.93
N VAL C 286 -14.08 2.87 -31.52
CA VAL C 286 -13.00 3.44 -30.70
C VAL C 286 -13.42 4.72 -29.96
N LYS C 287 -14.34 5.47 -30.56
CA LYS C 287 -14.91 6.66 -29.91
C LYS C 287 -15.68 6.30 -28.64
N HIS C 288 -16.34 5.15 -28.67
CA HIS C 288 -17.07 4.69 -27.49
C HIS C 288 -16.10 4.16 -26.46
N LEU C 289 -15.08 3.43 -26.91
CA LEU C 289 -14.02 2.99 -26.04
C LEU C 289 -13.38 4.20 -25.35
N GLU C 290 -13.16 5.28 -26.10
CA GLU C 290 -12.57 6.47 -25.53
C GLU C 290 -13.49 7.20 -24.56
N ALA C 291 -14.77 7.28 -24.89
CA ALA C 291 -15.75 7.82 -23.96
C ALA C 291 -15.78 6.99 -22.66
N LEU C 292 -15.85 5.66 -22.78
CA LEU C 292 -15.76 4.79 -21.60
C LEU C 292 -14.52 5.10 -20.78
N ARG C 293 -13.38 5.14 -21.46
CA ARG C 293 -12.11 5.47 -20.85
C ARG C 293 -12.14 6.82 -20.12
N LYS C 294 -12.75 7.83 -20.71
CA LYS C 294 -12.87 9.15 -20.07
C LYS C 294 -13.69 9.07 -18.79
N GLU C 295 -14.74 8.25 -18.81
CA GLU C 295 -15.63 8.08 -17.66
C GLU C 295 -14.97 7.38 -16.46
N ILE C 296 -14.13 6.40 -16.72
CA ILE C 296 -13.60 5.55 -15.65
C ILE C 296 -12.25 6.01 -15.13
N GLU C 297 -11.47 6.67 -15.99
CA GLU C 297 -10.18 7.18 -15.56
C GLU C 297 -10.26 8.28 -14.50
N GLU C 298 -11.48 8.71 -14.17
CA GLU C 298 -11.70 9.66 -13.07
C GLU C 298 -11.91 8.99 -11.71
N PHE C 299 -11.88 7.65 -11.68
CA PHE C 299 -12.17 6.92 -10.45
C PHE C 299 -10.91 6.57 -9.66
N PRO C 300 -11.07 6.35 -8.34
CA PRO C 300 -9.98 5.83 -7.51
C PRO C 300 -9.80 4.32 -7.73
N ALA C 301 -8.72 3.77 -7.21
CA ALA C 301 -8.39 2.36 -7.42
C ALA C 301 -9.46 1.42 -6.88
N GLN C 302 -10.09 1.82 -5.78
CA GLN C 302 -11.20 1.08 -5.20
C GLN C 302 -12.56 1.71 -5.53
N LEU C 303 -13.24 1.18 -6.53
CA LEU C 303 -14.56 1.68 -6.85
C LEU C 303 -15.49 1.60 -5.64
N ASN C 304 -16.50 2.48 -5.57
CA ASN C 304 -17.53 2.36 -4.54
C ASN C 304 -18.91 2.45 -5.14
N TYR C 305 -19.92 2.41 -4.27
CA TYR C 305 -21.32 2.40 -4.69
C TYR C 305 -21.70 3.58 -5.59
N ASN C 306 -21.24 4.77 -5.23
CA ASN C 306 -21.59 5.98 -6.00
C ASN C 306 -20.98 6.00 -7.41
N ASN C 307 -19.68 5.73 -7.50
CA ASN C 307 -18.98 5.49 -8.77
C ASN C 307 -19.79 4.65 -9.77
N VAL C 308 -20.16 3.44 -9.37
CA VAL C 308 -20.77 2.46 -10.31
C VAL C 308 -22.25 2.77 -10.54
N MET C 309 -22.95 3.16 -9.47
CA MET C 309 -24.39 3.38 -9.55
C MET C 309 -24.77 4.73 -10.13
N ASP C 310 -24.06 5.78 -9.72
CA ASP C 310 -24.43 7.13 -10.12
C ASP C 310 -23.50 7.77 -11.15
N GLU C 311 -22.25 7.29 -11.23
CA GLU C 311 -21.23 7.95 -12.08
C GLU C 311 -20.78 7.17 -13.32
N MET C 312 -21.53 6.14 -13.73
CA MET C 312 -21.19 5.42 -14.96
C MET C 312 -22.36 5.35 -15.95
N PRO C 313 -22.88 6.51 -16.37
CA PRO C 313 -23.98 6.53 -17.33
C PRO C 313 -23.60 5.93 -18.68
N PHE C 314 -22.40 6.19 -19.16
CA PHE C 314 -21.99 5.66 -20.47
C PHE C 314 -21.79 4.14 -20.46
N ALA C 315 -21.17 3.63 -19.41
CA ALA C 315 -21.04 2.18 -19.27
C ALA C 315 -22.42 1.50 -19.24
N GLU C 316 -23.36 2.09 -18.49
CA GLU C 316 -24.72 1.57 -18.43
C GLU C 316 -25.37 1.57 -19.79
N ARG C 317 -25.16 2.65 -20.56
CA ARG C 317 -25.54 2.70 -21.96
C ARG C 317 -24.92 1.59 -22.82
N CYS C 318 -23.64 1.28 -22.62
CA CYS C 318 -23.03 0.20 -23.39
C CYS C 318 -23.69 -1.15 -23.09
N ALA C 319 -23.88 -1.44 -21.81
CA ALA C 319 -24.52 -2.68 -21.42
C ALA C 319 -25.95 -2.77 -21.96
N ARG C 320 -26.73 -1.71 -21.79
CA ARG C 320 -28.13 -1.75 -22.21
C ARG C 320 -28.25 -1.86 -23.72
N GLU C 321 -27.35 -1.19 -24.43
CA GLU C 321 -27.37 -1.24 -25.89
C GLU C 321 -26.92 -2.59 -26.39
N SER C 322 -26.05 -3.26 -25.63
CA SER C 322 -25.68 -4.65 -25.91
C SER C 322 -26.86 -5.62 -25.78
N ILE C 323 -27.64 -5.43 -24.72
CA ILE C 323 -28.90 -6.16 -24.55
C ILE C 323 -29.93 -5.73 -25.59
N ARG C 324 -29.93 -4.45 -25.97
CA ARG C 324 -30.87 -3.96 -27.00
C ARG C 324 -30.61 -4.67 -28.35
N ARG C 325 -29.35 -4.68 -28.76
CA ARG C 325 -28.97 -5.30 -30.03
C ARG C 325 -29.19 -6.81 -30.01
N ASP C 326 -28.71 -7.46 -28.94
CA ASP C 326 -28.78 -8.92 -28.84
C ASP C 326 -29.34 -9.36 -27.49
N PRO C 327 -30.67 -9.27 -27.34
CA PRO C 327 -31.29 -9.60 -26.05
C PRO C 327 -31.01 -11.05 -25.66
N PRO C 328 -30.54 -11.28 -24.43
CA PRO C 328 -30.25 -12.69 -24.15
C PRO C 328 -31.52 -13.54 -24.06
N LEU C 329 -32.63 -12.93 -23.69
CA LEU C 329 -33.90 -13.65 -23.68
C LEU C 329 -34.73 -13.22 -24.89
N LEU C 330 -34.91 -14.13 -25.83
CA LEU C 330 -35.53 -13.79 -27.11
C LEU C 330 -37.02 -13.48 -27.03
N MET C 331 -37.74 -14.25 -26.22
CA MET C 331 -39.19 -14.33 -26.26
C MET C 331 -39.77 -14.49 -24.86
N LEU C 332 -40.63 -13.55 -24.47
CA LEU C 332 -41.35 -13.64 -23.19
C LEU C 332 -42.75 -14.11 -23.51
N MET C 333 -43.35 -14.87 -22.59
CA MET C 333 -44.67 -15.44 -22.85
C MET C 333 -45.62 -15.36 -21.66
N ARG C 334 -46.92 -15.39 -21.96
CA ARG C 334 -47.98 -15.50 -20.98
C ARG C 334 -49.05 -16.43 -21.52
N LYS C 335 -49.69 -17.17 -20.62
CA LYS C 335 -50.95 -17.83 -20.96
C LYS C 335 -52.09 -16.82 -20.86
N VAL C 336 -52.96 -16.81 -21.86
CA VAL C 336 -54.11 -15.92 -21.89
C VAL C 336 -55.30 -16.57 -21.17
N MET C 337 -55.61 -16.06 -19.99
CA MET C 337 -56.65 -16.64 -19.14
C MET C 337 -58.04 -16.04 -19.42
N ALA C 338 -58.07 -14.91 -20.13
CA ALA C 338 -59.32 -14.34 -20.65
C ALA C 338 -59.02 -13.47 -21.87
N ASP C 339 -59.96 -13.43 -22.81
CA ASP C 339 -59.80 -12.63 -24.03
C ASP C 339 -59.30 -11.24 -23.66
N VAL C 340 -58.41 -10.68 -24.48
CA VAL C 340 -57.81 -9.37 -24.20
C VAL C 340 -57.67 -8.56 -25.48
N LYS C 341 -57.94 -7.27 -25.39
CA LYS C 341 -57.78 -6.37 -26.52
C LYS C 341 -56.27 -6.08 -26.70
N VAL C 342 -55.79 -6.21 -27.93
CA VAL C 342 -54.43 -5.79 -28.27
C VAL C 342 -54.42 -5.03 -29.58
N GLY C 343 -53.97 -3.78 -29.52
CA GLY C 343 -54.07 -2.88 -30.66
C GLY C 343 -55.51 -2.80 -31.10
N SER C 344 -55.82 -3.47 -32.21
CA SER C 344 -57.18 -3.46 -32.73
C SER C 344 -57.77 -4.86 -32.85
N TYR C 345 -57.08 -5.84 -32.27
CA TYR C 345 -57.55 -7.23 -32.28
C TYR C 345 -57.87 -7.72 -30.88
N VAL C 346 -58.54 -8.85 -30.80
CA VAL C 346 -58.66 -9.56 -29.54
C VAL C 346 -57.89 -10.87 -29.60
N VAL C 347 -57.16 -11.15 -28.54
CA VAL C 347 -56.46 -12.43 -28.37
C VAL C 347 -57.25 -13.32 -27.43
N PRO C 348 -57.70 -14.49 -27.93
CA PRO C 348 -58.66 -15.32 -27.22
C PRO C 348 -58.03 -16.10 -26.07
N LYS C 349 -58.84 -16.42 -25.07
CA LYS C 349 -58.43 -17.30 -23.98
C LYS C 349 -57.88 -18.59 -24.55
N GLY C 350 -56.81 -19.10 -23.94
CA GLY C 350 -56.24 -20.38 -24.34
C GLY C 350 -55.03 -20.23 -25.25
N ASP C 351 -54.89 -19.07 -25.88
CA ASP C 351 -53.69 -18.77 -26.65
C ASP C 351 -52.51 -18.51 -25.72
N ILE C 352 -51.32 -18.76 -26.24
CA ILE C 352 -50.10 -18.22 -25.65
C ILE C 352 -49.82 -16.87 -26.32
N ILE C 353 -49.75 -15.80 -25.53
CA ILE C 353 -49.42 -14.51 -26.09
C ILE C 353 -47.96 -14.23 -25.79
N ALA C 354 -47.29 -13.59 -26.72
CA ALA C 354 -45.86 -13.40 -26.59
C ALA C 354 -45.45 -11.98 -26.98
N CYS C 355 -44.34 -11.54 -26.40
CA CYS C 355 -43.73 -10.28 -26.74
C CYS C 355 -42.24 -10.50 -26.74
N SER C 356 -41.62 -10.18 -27.88
CA SER C 356 -40.26 -10.63 -28.21
C SER C 356 -39.25 -9.48 -28.19
N PRO C 357 -38.37 -9.46 -27.18
CA PRO C 357 -37.33 -8.42 -27.18
C PRO C 357 -36.50 -8.41 -28.46
N LEU C 358 -36.23 -9.58 -29.04
CA LEU C 358 -35.51 -9.64 -30.31
C LEU C 358 -36.28 -8.94 -31.43
N LEU C 359 -37.57 -9.22 -31.55
CA LEU C 359 -38.37 -8.59 -32.58
C LEU C 359 -38.54 -7.09 -32.35
N SER C 360 -39.00 -6.71 -31.17
CA SER C 360 -39.23 -5.31 -30.87
C SER C 360 -37.95 -4.48 -30.97
N HIS C 361 -36.82 -5.04 -30.51
CA HIS C 361 -35.56 -4.30 -30.52
C HIS C 361 -35.06 -4.05 -31.93
N HIS C 362 -35.70 -4.68 -32.91
CA HIS C 362 -35.31 -4.51 -34.30
C HIS C 362 -36.41 -3.86 -35.13
N ASP C 363 -37.33 -3.21 -34.44
CA ASP C 363 -38.33 -2.37 -35.09
C ASP C 363 -37.66 -1.07 -35.55
N GLU C 364 -37.66 -0.83 -36.86
CA GLU C 364 -36.89 0.29 -37.44
C GLU C 364 -37.38 1.68 -37.03
N GLU C 365 -38.65 1.80 -36.66
CA GLU C 365 -39.15 3.05 -36.08
C GLU C 365 -38.55 3.30 -34.70
N ALA C 366 -38.55 2.28 -33.85
CA ALA C 366 -38.04 2.43 -32.48
C ALA C 366 -36.52 2.49 -32.45
N PHE C 367 -35.88 1.77 -33.37
CA PHE C 367 -34.43 1.60 -33.35
C PHE C 367 -33.88 1.57 -34.78
N PRO C 368 -33.76 2.74 -35.41
CA PRO C 368 -33.25 2.80 -36.78
C PRO C 368 -31.85 2.21 -36.86
N GLU C 369 -31.58 1.42 -37.89
CA GLU C 369 -30.27 0.78 -38.00
C GLU C 369 -30.03 -0.14 -36.80
N PRO C 370 -30.90 -1.13 -36.61
CA PRO C 370 -30.90 -1.90 -35.36
C PRO C 370 -29.65 -2.79 -35.18
N ARG C 371 -29.05 -3.24 -36.27
CA ARG C 371 -27.85 -4.08 -36.16
C ARG C 371 -26.62 -3.25 -35.79
N ARG C 372 -26.77 -1.94 -35.80
CA ARG C 372 -25.70 -1.04 -35.44
C ARG C 372 -25.64 -0.84 -33.93
N TRP C 373 -24.50 -1.13 -33.32
CA TRP C 373 -24.34 -0.95 -31.89
C TRP C 373 -23.97 0.50 -31.57
N ASP C 374 -24.88 1.23 -30.94
CA ASP C 374 -24.67 2.64 -30.63
C ASP C 374 -25.18 2.98 -29.23
N PRO C 375 -24.30 2.98 -28.22
CA PRO C 375 -24.74 3.25 -26.84
C PRO C 375 -25.37 4.63 -26.69
N GLU C 376 -25.10 5.52 -27.65
CA GLU C 376 -25.66 6.88 -27.62
C GLU C 376 -27.13 6.94 -28.08
N ARG C 377 -27.64 5.87 -28.68
CA ARG C 377 -29.05 5.87 -29.09
C ARG C 377 -29.99 5.93 -27.89
N ASP C 378 -31.17 6.49 -28.10
CA ASP C 378 -32.30 6.28 -27.21
C ASP C 378 -33.39 5.66 -28.06
N GLU C 379 -34.28 4.90 -27.42
CA GLU C 379 -35.47 4.38 -28.07
C GLU C 379 -36.30 5.53 -28.66
N LYS C 380 -36.70 5.37 -29.93
CA LYS C 380 -37.54 6.36 -30.59
C LYS C 380 -39.03 6.04 -30.41
N VAL C 381 -39.33 4.92 -29.77
CA VAL C 381 -40.70 4.67 -29.31
C VAL C 381 -40.71 4.33 -27.83
N GLU C 382 -41.58 4.99 -27.07
CA GLU C 382 -41.53 4.87 -25.62
C GLU C 382 -41.85 3.46 -25.15
N GLY C 383 -40.94 2.89 -24.35
CA GLY C 383 -41.17 1.57 -23.80
C GLY C 383 -40.79 0.46 -24.76
N ALA C 384 -40.17 0.81 -25.88
CA ALA C 384 -39.78 -0.17 -26.88
C ALA C 384 -38.69 -1.13 -26.40
N PHE C 385 -37.80 -0.63 -25.54
CA PHE C 385 -36.78 -1.47 -24.93
C PHE C 385 -37.38 -2.35 -23.85
N ILE C 386 -37.31 -3.66 -24.06
CA ILE C 386 -37.88 -4.63 -23.12
C ILE C 386 -36.87 -5.71 -22.74
N GLY C 387 -35.58 -5.35 -22.77
CA GLY C 387 -34.51 -6.32 -22.49
C GLY C 387 -34.65 -6.90 -21.10
N PHE C 388 -35.29 -6.15 -20.21
CA PHE C 388 -35.51 -6.56 -18.83
C PHE C 388 -37.00 -6.68 -18.54
N GLY C 389 -37.78 -6.87 -19.59
CA GLY C 389 -39.23 -6.93 -19.45
C GLY C 389 -39.78 -5.60 -19.00
N ALA C 390 -40.96 -5.62 -18.40
CA ALA C 390 -41.67 -4.41 -18.03
C ALA C 390 -42.88 -4.77 -17.16
N GLY C 391 -43.44 -3.75 -16.51
CA GLY C 391 -44.76 -3.87 -15.88
C GLY C 391 -44.77 -4.81 -14.69
N VAL C 392 -45.72 -5.74 -14.69
CA VAL C 392 -45.95 -6.56 -13.52
C VAL C 392 -44.81 -7.54 -13.25
N HIS C 393 -44.15 -7.99 -14.31
CA HIS C 393 -43.07 -8.96 -14.16
C HIS C 393 -41.71 -8.40 -14.57
N LYS C 394 -41.52 -7.10 -14.34
CA LYS C 394 -40.26 -6.45 -14.70
C LYS C 394 -39.13 -7.15 -13.95
N CYS C 395 -37.94 -7.20 -14.55
CA CYS C 395 -36.83 -7.90 -13.94
C CYS C 395 -36.45 -7.23 -12.63
N ILE C 396 -36.38 -7.99 -11.54
CA ILE C 396 -36.01 -7.39 -10.27
C ILE C 396 -34.52 -7.47 -10.00
N GLY C 397 -33.78 -8.17 -10.87
CA GLY C 397 -32.33 -8.33 -10.73
C GLY C 397 -31.59 -7.39 -11.66
N GLN C 398 -32.35 -6.59 -12.39
CA GLN C 398 -31.77 -5.67 -13.39
C GLN C 398 -30.62 -4.82 -12.83
N LYS C 399 -30.84 -4.20 -11.69
CA LYS C 399 -29.83 -3.36 -11.06
C LYS C 399 -28.60 -4.15 -10.63
N PHE C 400 -28.82 -5.36 -10.15
CA PHE C 400 -27.72 -6.16 -9.67
C PHE C 400 -26.85 -6.62 -10.84
N GLY C 401 -27.50 -7.11 -11.88
CA GLY C 401 -26.83 -7.57 -13.09
C GLY C 401 -25.95 -6.48 -13.66
N LEU C 402 -26.51 -5.28 -13.83
CA LEU C 402 -25.75 -4.17 -14.40
C LEU C 402 -24.62 -3.73 -13.50
N LEU C 403 -24.82 -3.83 -12.19
CA LEU C 403 -23.75 -3.52 -11.26
C LEU C 403 -22.55 -4.42 -11.53
N GLN C 404 -22.84 -5.70 -11.71
CA GLN C 404 -21.79 -6.64 -12.10
C GLN C 404 -21.14 -6.27 -13.44
N VAL C 405 -21.97 -6.02 -14.45
CA VAL C 405 -21.45 -5.70 -15.78
C VAL C 405 -20.52 -4.48 -15.73
N LYS C 406 -20.99 -3.42 -15.08
CA LYS C 406 -20.29 -2.16 -15.12
C LYS C 406 -18.99 -2.23 -14.33
N THR C 407 -19.00 -2.98 -13.24
CA THR C 407 -17.82 -3.11 -12.41
C THR C 407 -16.76 -3.86 -13.18
N ILE C 408 -17.18 -4.87 -13.94
CA ILE C 408 -16.26 -5.61 -14.80
C ILE C 408 -15.73 -4.72 -15.93
N LEU C 409 -16.63 -4.00 -16.60
CA LEU C 409 -16.16 -3.13 -17.68
C LEU C 409 -15.10 -2.14 -17.19
N ALA C 410 -15.34 -1.51 -16.04
CA ALA C 410 -14.46 -0.47 -15.53
C ALA C 410 -13.10 -1.03 -15.13
N THR C 411 -13.13 -2.18 -14.49
CA THR C 411 -11.91 -2.80 -13.98
C THR C 411 -11.05 -3.34 -15.12
N ALA C 412 -11.69 -3.96 -16.10
CA ALA C 412 -10.99 -4.48 -17.28
C ALA C 412 -10.33 -3.38 -18.14
N PHE C 413 -11.11 -2.43 -18.61
CA PHE C 413 -10.57 -1.42 -19.53
C PHE C 413 -9.72 -0.40 -18.81
N ARG C 414 -9.75 -0.41 -17.47
CA ARG C 414 -8.85 0.39 -16.67
C ARG C 414 -7.44 -0.14 -16.85
N SER C 415 -7.30 -1.46 -16.86
CA SER C 415 -5.98 -2.08 -16.83
C SER C 415 -5.58 -2.79 -18.13
N TYR C 416 -6.52 -3.00 -19.04
CA TYR C 416 -6.26 -3.79 -20.23
C TYR C 416 -6.80 -3.16 -21.49
N ASP C 417 -6.14 -3.45 -22.60
CA ASP C 417 -6.78 -3.40 -23.91
C ASP C 417 -7.04 -4.82 -24.41
N PHE C 418 -7.93 -4.93 -25.38
CA PHE C 418 -8.27 -6.21 -25.96
C PHE C 418 -8.29 -6.16 -27.47
N GLN C 419 -7.93 -7.26 -28.10
CA GLN C 419 -8.07 -7.40 -29.54
C GLN C 419 -8.92 -8.64 -29.89
N LEU C 420 -10.02 -8.39 -30.56
CA LEU C 420 -10.80 -9.44 -31.19
C LEU C 420 -9.86 -10.22 -32.09
N LEU C 421 -9.93 -11.54 -32.05
CA LEU C 421 -9.14 -12.30 -33.01
C LEU C 421 -9.97 -12.67 -34.23
N ARG C 422 -10.68 -11.66 -34.74
CA ARG C 422 -11.67 -11.82 -35.79
C ARG C 422 -11.89 -10.44 -36.38
N ASP C 423 -12.33 -10.40 -37.63
CA ASP C 423 -12.68 -9.15 -38.31
C ASP C 423 -13.94 -8.50 -37.74
N GLU C 424 -14.97 -9.31 -37.48
CA GLU C 424 -16.24 -8.80 -37.01
C GLU C 424 -16.61 -9.25 -35.60
N VAL C 425 -17.49 -8.48 -34.98
CA VAL C 425 -18.18 -8.89 -33.77
C VAL C 425 -18.85 -10.25 -34.02
N PRO C 426 -18.73 -11.17 -33.04
CA PRO C 426 -19.28 -12.51 -33.23
C PRO C 426 -20.77 -12.50 -33.54
N ASP C 427 -21.23 -13.46 -34.34
CA ASP C 427 -22.65 -13.68 -34.58
C ASP C 427 -23.32 -14.18 -33.31
N PRO C 428 -24.58 -13.77 -33.08
CA PRO C 428 -25.30 -14.40 -31.97
C PRO C 428 -25.52 -15.90 -32.25
N ASP C 429 -25.49 -16.73 -31.20
CA ASP C 429 -25.82 -18.15 -31.38
C ASP C 429 -27.22 -18.40 -30.79
N TYR C 430 -28.21 -18.52 -31.67
CA TYR C 430 -29.62 -18.60 -31.27
C TYR C 430 -30.07 -19.99 -30.80
N HIS C 431 -29.12 -20.92 -30.69
CA HIS C 431 -29.47 -22.31 -30.45
C HIS C 431 -29.44 -22.75 -28.99
N THR C 432 -29.13 -21.81 -28.09
CA THR C 432 -29.17 -22.07 -26.67
C THR C 432 -30.37 -21.37 -26.03
N MET C 433 -30.75 -21.80 -24.82
CA MET C 433 -31.91 -21.26 -24.12
C MET C 433 -31.71 -19.80 -23.77
N VAL C 434 -30.52 -19.44 -23.30
CA VAL C 434 -30.17 -18.03 -23.17
C VAL C 434 -29.14 -17.67 -24.24
N VAL C 435 -29.39 -16.59 -24.98
CA VAL C 435 -28.65 -16.32 -26.20
C VAL C 435 -27.49 -15.36 -25.99
N GLY C 436 -26.32 -15.78 -26.44
CA GLY C 436 -25.12 -14.96 -26.42
C GLY C 436 -24.36 -15.04 -27.73
N PRO C 437 -23.18 -14.40 -27.77
CA PRO C 437 -22.29 -14.49 -28.94
C PRO C 437 -21.75 -15.90 -29.04
N THR C 438 -21.60 -16.39 -30.26
CA THR C 438 -21.05 -17.73 -30.54
C THR C 438 -19.74 -17.94 -29.78
N ALA C 439 -19.72 -18.94 -28.91
CA ALA C 439 -18.61 -19.11 -27.98
C ALA C 439 -17.27 -19.35 -28.66
N SER C 440 -17.28 -20.06 -29.79
CA SER C 440 -16.05 -20.38 -30.51
C SER C 440 -15.45 -19.13 -31.16
N GLN C 441 -16.28 -18.11 -31.34
CA GLN C 441 -15.88 -16.87 -32.00
C GLN C 441 -15.41 -15.83 -30.98
N CYS C 442 -15.32 -16.21 -29.71
CA CYS C 442 -15.07 -15.22 -28.65
C CYS C 442 -13.65 -15.22 -28.12
N ARG C 443 -12.71 -15.73 -28.90
CA ARG C 443 -11.30 -15.66 -28.54
C ARG C 443 -10.74 -14.26 -28.76
N VAL C 444 -9.96 -13.83 -27.79
CA VAL C 444 -9.57 -12.45 -27.68
C VAL C 444 -8.14 -12.40 -27.11
N LYS C 445 -7.35 -11.41 -27.51
CA LYS C 445 -6.07 -11.13 -26.87
C LYS C 445 -6.22 -10.03 -25.83
N TYR C 446 -5.80 -10.27 -24.59
CA TYR C 446 -5.72 -9.16 -23.65
C TYR C 446 -4.35 -8.52 -23.83
N ILE C 447 -4.29 -7.20 -23.70
CA ILE C 447 -3.00 -6.52 -23.68
C ILE C 447 -2.90 -5.62 -22.46
N ARG C 448 -2.01 -5.98 -21.55
CA ARG C 448 -1.87 -5.22 -20.32
C ARG C 448 -1.45 -3.80 -20.64
N ARG C 449 -2.19 -2.81 -20.13
CA ARG C 449 -1.70 -1.45 -20.05
C ARG C 449 -0.87 -1.39 -18.78
N LYS C 450 0.45 -1.45 -18.94
CA LYS C 450 1.34 -1.84 -17.84
C LYS C 450 1.32 -0.86 -16.66
N LYS D 1 -16.21 -14.71 28.42
CA LYS D 1 -17.57 -14.26 27.96
C LYS D 1 -17.64 -14.00 26.44
N GLY D 2 -16.63 -13.32 25.89
CA GLY D 2 -16.65 -12.89 24.48
C GLY D 2 -15.97 -11.55 24.21
N LYS D 3 -15.40 -10.97 25.26
CA LYS D 3 -14.72 -9.71 25.14
C LYS D 3 -13.22 -9.88 24.90
N LEU D 4 -12.61 -8.78 24.49
CA LEU D 4 -11.17 -8.72 24.30
C LEU D 4 -10.47 -8.60 25.64
N PRO D 5 -9.24 -9.11 25.72
CA PRO D 5 -8.40 -8.90 26.89
C PRO D 5 -8.35 -7.41 27.22
N PRO D 6 -8.19 -7.05 28.50
CA PRO D 6 -7.98 -5.64 28.81
C PRO D 6 -6.69 -5.09 28.17
N VAL D 7 -6.73 -3.82 27.78
CA VAL D 7 -5.59 -3.15 27.14
C VAL D 7 -4.91 -2.18 28.11
N TYR D 8 -3.59 -2.27 28.23
CA TYR D 8 -2.91 -1.32 29.08
C TYR D 8 -3.03 0.07 28.43
N PRO D 9 -3.32 1.10 29.25
CA PRO D 9 -3.40 2.50 28.78
C PRO D 9 -2.15 2.94 28.02
N VAL D 10 -2.34 3.39 26.78
CA VAL D 10 -1.26 4.01 26.00
C VAL D 10 -1.13 5.50 26.36
N THR D 11 0.07 5.91 26.77
CA THR D 11 0.36 7.32 27.01
C THR D 11 1.19 7.95 25.87
N VAL D 12 2.21 7.24 25.40
CA VAL D 12 3.03 7.70 24.27
C VAL D 12 2.47 7.17 22.95
N PRO D 13 1.87 8.07 22.14
CA PRO D 13 0.88 7.72 21.13
C PRO D 13 1.40 7.02 19.88
N ILE D 14 2.70 7.06 19.63
CA ILE D 14 3.26 6.49 18.40
C ILE D 14 4.12 5.24 18.66
N LEU D 15 4.64 5.14 19.88
CA LEU D 15 5.55 4.04 20.25
C LEU D 15 4.84 2.99 21.08
N GLY D 16 3.76 3.41 21.76
CA GLY D 16 3.09 2.59 22.75
C GLY D 16 4.00 2.26 23.91
N HIS D 17 4.06 0.98 24.27
CA HIS D 17 4.71 0.57 25.49
C HIS D 17 6.12 0.07 25.26
N ILE D 18 6.59 0.15 24.00
CA ILE D 18 7.90 -0.41 23.69
C ILE D 18 8.99 0.12 24.60
N ILE D 19 8.88 1.40 24.98
CA ILE D 19 9.85 2.05 25.85
C ILE D 19 9.84 1.57 27.31
N GLN D 20 8.67 1.53 27.94
CA GLN D 20 8.58 0.94 29.28
C GLN D 20 9.03 -0.51 29.27
N PHE D 21 8.58 -1.26 28.28
CA PHE D 21 8.90 -2.68 28.21
C PHE D 21 10.41 -2.79 28.18
N GLY D 22 11.02 -2.11 27.20
CA GLY D 22 12.46 -2.17 26.97
C GLY D 22 13.29 -1.91 28.21
N LYS D 23 12.85 -0.96 29.03
CA LYS D 23 13.59 -0.56 30.22
C LYS D 23 13.54 -1.58 31.35
N SER D 24 12.37 -2.19 31.56
CA SER D 24 12.22 -3.24 32.55
C SER D 24 11.09 -4.15 32.15
N PRO D 25 11.38 -5.13 31.27
CA PRO D 25 10.35 -6.01 30.73
C PRO D 25 9.53 -6.73 31.81
N LEU D 26 10.18 -7.21 32.85
CA LEU D 26 9.46 -7.95 33.89
C LEU D 26 8.59 -7.05 34.74
N GLY D 27 9.18 -5.98 35.25
CA GLY D 27 8.47 -4.96 36.02
C GLY D 27 7.32 -4.38 35.23
N PHE D 28 7.55 -4.04 33.97
CA PHE D 28 6.47 -3.53 33.16
C PHE D 28 5.35 -4.57 33.01
N MET D 29 5.70 -5.80 32.63
CA MET D 29 4.69 -6.82 32.40
C MET D 29 3.92 -7.15 33.67
N GLN D 30 4.62 -7.23 34.80
CA GLN D 30 3.97 -7.41 36.10
C GLN D 30 3.01 -6.28 36.48
N GLU D 31 3.36 -5.05 36.11
CA GLU D 31 2.46 -3.93 36.41
C GLU D 31 1.17 -4.00 35.58
N CYS D 32 1.32 -4.35 34.31
CA CYS D 32 0.18 -4.58 33.47
C CYS D 32 -0.77 -5.58 34.13
N LYS D 33 -0.20 -6.73 34.51
CA LYS D 33 -0.93 -7.85 35.12
C LYS D 33 -1.74 -7.38 36.33
N ARG D 34 -1.08 -6.67 37.23
CA ARG D 34 -1.69 -6.12 38.42
C ARG D 34 -2.76 -5.09 38.06
N GLN D 35 -2.37 -4.04 37.35
CA GLN D 35 -3.27 -2.94 37.09
C GLN D 35 -4.52 -3.42 36.35
N LEU D 36 -4.37 -4.40 35.47
CA LEU D 36 -5.51 -4.85 34.67
C LEU D 36 -6.30 -6.03 35.27
N LYS D 37 -5.83 -6.53 36.42
CA LYS D 37 -6.48 -7.65 37.11
C LYS D 37 -6.63 -8.87 36.23
N SER D 38 -5.60 -9.16 35.43
CA SER D 38 -5.72 -10.27 34.49
C SER D 38 -4.34 -10.73 34.06
N GLY D 39 -4.16 -12.05 33.96
CA GLY D 39 -2.95 -12.62 33.41
C GLY D 39 -2.89 -12.60 31.90
N ILE D 40 -4.04 -12.40 31.25
CA ILE D 40 -4.13 -12.21 29.81
C ILE D 40 -4.45 -10.74 29.55
N PHE D 41 -3.59 -10.05 28.81
CA PHE D 41 -3.76 -8.61 28.66
C PHE D 41 -3.04 -8.21 27.39
N THR D 42 -3.34 -7.02 26.89
CA THR D 42 -2.81 -6.62 25.59
C THR D 42 -1.98 -5.35 25.72
N ILE D 43 -0.78 -5.36 25.15
CA ILE D 43 0.00 -4.14 25.07
C ILE D 43 0.14 -3.66 23.64
N ASN D 44 0.75 -2.50 23.47
CA ASN D 44 0.81 -1.84 22.17
C ASN D 44 2.27 -1.55 21.82
N ILE D 45 2.78 -2.18 20.75
CA ILE D 45 4.16 -2.02 20.34
C ILE D 45 4.24 -1.38 18.94
N VAL D 46 4.65 -0.11 18.90
CA VAL D 46 4.66 0.68 17.67
C VAL D 46 3.33 0.53 16.93
N GLY D 47 2.23 0.61 17.65
CA GLY D 47 0.92 0.56 17.03
C GLY D 47 0.34 -0.84 16.86
N LYS D 48 1.11 -1.88 17.13
CA LYS D 48 0.59 -3.25 16.99
C LYS D 48 0.11 -3.83 18.32
N ARG D 49 -1.06 -4.46 18.29
CA ARG D 49 -1.60 -5.17 19.47
C ARG D 49 -0.78 -6.42 19.78
N VAL D 50 -0.22 -6.48 20.99
CA VAL D 50 0.43 -7.71 21.43
C VAL D 50 -0.29 -8.25 22.64
N THR D 51 -0.95 -9.40 22.49
CA THR D 51 -1.68 -10.03 23.59
C THR D 51 -0.83 -11.08 24.31
N ILE D 52 -0.58 -10.84 25.58
CA ILE D 52 0.32 -11.70 26.33
C ILE D 52 -0.45 -12.72 27.18
N VAL D 53 -0.16 -14.00 26.97
CA VAL D 53 -0.72 -15.06 27.81
C VAL D 53 0.14 -15.15 29.06
N GLY D 54 -0.14 -14.29 30.03
CA GLY D 54 0.69 -14.17 31.20
C GLY D 54 0.17 -14.98 32.38
N ASP D 55 -0.76 -15.90 32.11
CA ASP D 55 -1.27 -16.79 33.14
C ASP D 55 -0.80 -18.21 32.85
N PRO D 56 0.09 -18.74 33.71
CA PRO D 56 0.60 -20.09 33.44
C PRO D 56 -0.48 -21.16 33.27
N HIS D 57 -1.64 -21.02 33.90
CA HIS D 57 -2.71 -22.02 33.76
C HIS D 57 -3.21 -22.11 32.33
N GLU D 58 -2.88 -21.11 31.53
CA GLU D 58 -3.38 -21.01 30.16
C GLU D 58 -2.28 -21.19 29.08
N HIS D 59 -1.07 -21.59 29.49
CA HIS D 59 0.02 -21.76 28.52
C HIS D 59 -0.39 -22.65 27.36
N SER D 60 -1.20 -23.67 27.62
CA SER D 60 -1.48 -24.62 26.58
C SER D 60 -2.24 -23.99 25.41
N ARG D 61 -2.93 -22.90 25.67
CA ARG D 61 -3.62 -22.15 24.63
C ARG D 61 -2.65 -21.48 23.66
N PHE D 62 -1.45 -21.21 24.11
CA PHE D 62 -0.40 -20.66 23.26
C PHE D 62 0.35 -21.77 22.55
N PHE D 63 0.75 -22.82 23.28
CA PHE D 63 1.73 -23.77 22.73
C PHE D 63 1.17 -24.92 21.87
N LEU D 64 -0.09 -25.28 22.13
CA LEU D 64 -0.72 -26.46 21.57
C LEU D 64 -1.47 -26.22 20.27
N PRO D 65 -2.05 -25.02 20.07
CA PRO D 65 -2.75 -24.89 18.80
C PRO D 65 -1.91 -25.08 17.57
N ARG D 66 -2.55 -25.62 16.57
CA ARG D 66 -1.94 -25.98 15.35
C ARG D 66 -1.51 -24.74 14.57
N ASN D 67 -0.61 -24.96 13.63
CA ASN D 67 -0.01 -23.88 12.84
C ASN D 67 -1.01 -23.00 12.08
N GLU D 68 -2.14 -23.59 11.69
CA GLU D 68 -3.17 -22.88 10.92
C GLU D 68 -3.95 -21.92 11.82
N VAL D 69 -3.75 -22.05 13.12
CA VAL D 69 -4.42 -21.21 14.08
C VAL D 69 -3.47 -20.17 14.70
N LEU D 70 -2.32 -20.64 15.20
CA LEU D 70 -1.27 -19.76 15.70
C LEU D 70 0.00 -20.07 14.94
N SER D 71 0.43 -19.11 14.14
CA SER D 71 1.54 -19.31 13.20
C SER D 71 2.75 -18.46 13.59
N PRO D 72 3.93 -19.11 13.72
CA PRO D 72 5.19 -18.38 13.92
C PRO D 72 5.80 -17.74 12.67
N ARG D 73 5.32 -18.10 11.49
CA ARG D 73 6.01 -17.72 10.25
C ARG D 73 6.25 -16.22 10.12
N GLU D 74 5.19 -15.44 10.28
CA GLU D 74 5.34 -14.01 10.08
C GLU D 74 6.15 -13.34 11.19
N VAL D 75 6.15 -13.94 12.38
CA VAL D 75 6.99 -13.43 13.48
C VAL D 75 8.47 -13.67 13.26
N TYR D 76 8.80 -14.77 12.64
CA TYR D 76 10.18 -15.10 12.46
C TYR D 76 10.64 -14.69 11.06
N SER D 77 9.85 -13.89 10.35
CA SER D 77 10.19 -13.57 8.97
C SER D 77 11.45 -12.70 8.83
N PHE D 78 11.80 -11.96 9.88
CA PHE D 78 12.98 -11.10 9.82
C PHE D 78 14.24 -11.97 9.73
N MET D 79 14.08 -13.28 9.99
CA MET D 79 15.22 -14.21 9.96
C MET D 79 15.38 -14.93 8.64
N VAL D 80 14.51 -14.62 7.68
CA VAL D 80 14.57 -15.24 6.37
C VAL D 80 15.93 -15.05 5.66
N PRO D 81 16.53 -13.86 5.79
CA PRO D 81 17.84 -13.73 5.14
C PRO D 81 18.90 -14.65 5.76
N VAL D 82 18.68 -15.02 7.02
CA VAL D 82 19.61 -15.92 7.66
C VAL D 82 19.34 -17.39 7.29
N PHE D 83 18.12 -17.87 7.55
CA PHE D 83 17.77 -19.26 7.23
C PHE D 83 17.82 -19.56 5.74
N GLY D 84 17.39 -18.60 4.93
CA GLY D 84 17.27 -18.81 3.49
C GLY D 84 15.80 -18.94 3.11
N GLU D 85 15.47 -18.59 1.87
CA GLU D 85 14.13 -18.85 1.34
C GLU D 85 13.84 -20.34 1.38
N GLY D 86 12.61 -20.72 1.73
CA GLY D 86 12.23 -22.14 1.75
C GLY D 86 12.83 -22.96 2.88
N VAL D 87 13.45 -22.28 3.85
CA VAL D 87 14.02 -22.98 4.99
C VAL D 87 13.22 -22.66 6.25
N ALA D 88 12.95 -23.68 7.06
CA ALA D 88 12.28 -23.50 8.35
C ALA D 88 10.88 -22.86 8.20
N TYR D 89 10.51 -21.94 9.09
CA TYR D 89 9.15 -21.38 9.11
C TYR D 89 8.75 -20.74 7.78
N ALA D 90 9.74 -20.34 6.99
CA ALA D 90 9.54 -19.87 5.60
C ALA D 90 9.03 -20.95 4.65
N ALA D 91 9.34 -22.22 4.92
CA ALA D 91 8.85 -23.29 4.05
C ALA D 91 7.40 -23.58 4.38
N PRO D 92 6.69 -24.25 3.53
CA PRO D 92 5.34 -24.64 3.89
C PRO D 92 5.43 -25.58 5.07
N TYR D 93 4.44 -25.60 5.93
CA TYR D 93 4.60 -26.25 7.22
C TYR D 93 4.96 -27.71 7.18
N PRO D 94 4.37 -28.49 6.30
CA PRO D 94 4.78 -29.88 6.19
C PRO D 94 6.27 -30.01 5.88
N ARG D 95 6.76 -29.20 4.96
CA ARG D 95 8.16 -29.24 4.60
C ARG D 95 9.07 -28.75 5.73
N MET D 96 8.65 -27.70 6.42
CA MET D 96 9.42 -27.20 7.55
C MET D 96 9.58 -28.30 8.59
N ARG D 97 8.47 -28.99 8.88
CA ARG D 97 8.49 -30.12 9.80
C ARG D 97 9.50 -31.20 9.37
N GLU D 98 9.55 -31.51 8.07
CA GLU D 98 10.52 -32.49 7.58
C GLU D 98 11.97 -32.05 7.82
N GLN D 99 12.23 -30.76 7.58
CA GLN D 99 13.56 -30.23 7.77
C GLN D 99 13.95 -30.29 9.24
N LEU D 100 13.05 -29.86 10.11
CA LEU D 100 13.36 -29.86 11.53
C LEU D 100 13.46 -31.30 12.07
N ASN D 101 12.69 -32.24 11.54
CA ASN D 101 12.90 -33.62 11.92
C ASN D 101 14.31 -34.10 11.55
N PHE D 102 14.77 -33.75 10.36
CA PHE D 102 16.12 -34.15 9.93
C PHE D 102 17.20 -33.61 10.87
N LEU D 103 17.04 -32.37 11.30
CA LEU D 103 17.95 -31.80 12.28
C LEU D 103 17.88 -32.58 13.60
N ALA D 104 16.67 -32.87 14.07
CA ALA D 104 16.51 -33.56 15.35
C ALA D 104 17.19 -34.91 15.27
N GLU D 105 17.09 -35.57 14.13
CA GLU D 105 17.68 -36.88 13.99
C GLU D 105 19.21 -36.83 13.98
N GLU D 106 19.78 -35.62 13.95
CA GLU D 106 21.22 -35.46 14.00
C GLU D 106 21.64 -35.22 15.44
N LEU D 107 20.64 -35.17 16.31
CA LEU D 107 20.88 -34.88 17.70
C LEU D 107 20.30 -35.99 18.60
N THR D 108 20.25 -37.22 18.09
CA THR D 108 19.69 -38.36 18.83
C THR D 108 20.64 -38.83 19.93
N ILE D 109 20.11 -39.48 20.97
CA ILE D 109 20.99 -40.00 22.01
C ILE D 109 22.01 -40.99 21.45
N ALA D 110 21.71 -41.64 20.33
CA ALA D 110 22.72 -42.50 19.69
C ALA D 110 23.97 -41.71 19.26
N LYS D 111 23.76 -40.49 18.76
CA LYS D 111 24.87 -39.58 18.45
C LYS D 111 25.57 -39.09 19.72
N PHE D 112 24.86 -39.04 20.85
CA PHE D 112 25.44 -38.54 22.11
C PHE D 112 26.60 -39.35 22.68
N GLN D 113 26.72 -40.63 22.30
CA GLN D 113 27.81 -41.50 22.79
C GLN D 113 29.17 -40.90 22.44
N ASN D 114 29.27 -40.40 21.23
CA ASN D 114 30.47 -39.77 20.73
C ASN D 114 30.60 -38.31 21.21
N PHE D 115 29.47 -37.66 21.49
CA PHE D 115 29.50 -36.22 21.80
C PHE D 115 30.19 -35.93 23.12
N VAL D 116 29.93 -36.79 24.11
CA VAL D 116 30.41 -36.55 25.46
C VAL D 116 31.93 -36.40 25.54
N PRO D 117 32.68 -37.38 24.99
CA PRO D 117 34.14 -37.21 24.99
C PRO D 117 34.64 -36.12 24.04
N ALA D 118 33.92 -35.85 22.96
CA ALA D 118 34.27 -34.71 22.09
C ALA D 118 34.11 -33.38 22.85
N ILE D 119 33.02 -33.25 23.61
CA ILE D 119 32.81 -32.06 24.41
C ILE D 119 33.86 -31.96 25.49
N GLN D 120 34.10 -33.06 26.20
CA GLN D 120 34.99 -32.97 27.34
C GLN D 120 36.41 -32.70 26.87
N HIS D 121 36.78 -33.32 25.75
CA HIS D 121 38.07 -33.06 25.10
C HIS D 121 38.33 -31.56 24.88
N GLU D 122 37.38 -30.87 24.24
CA GLU D 122 37.54 -29.44 23.96
C GLU D 122 37.49 -28.58 25.21
N VAL D 123 36.72 -29.01 26.22
CA VAL D 123 36.65 -28.25 27.47
C VAL D 123 38.01 -28.31 28.15
N ARG D 124 38.59 -29.50 28.20
CA ARG D 124 39.91 -29.62 28.82
C ARG D 124 40.99 -28.87 28.04
N LYS D 125 40.88 -28.87 26.72
CA LYS D 125 41.88 -28.15 25.92
C LYS D 125 41.79 -26.67 26.23
N PHE D 126 40.56 -26.14 26.26
CA PHE D 126 40.35 -24.77 26.69
C PHE D 126 40.91 -24.48 28.08
N MET D 127 40.56 -25.32 29.05
CA MET D 127 41.03 -25.09 30.41
C MET D 127 42.56 -25.15 30.50
N ALA D 128 43.17 -26.10 29.80
CA ALA D 128 44.62 -26.24 29.83
C ALA D 128 45.33 -25.00 29.27
N ALA D 129 44.77 -24.42 28.22
CA ALA D 129 45.34 -23.24 27.58
C ALA D 129 45.11 -21.93 28.36
N ASN D 130 43.98 -21.83 29.05
CA ASN D 130 43.48 -20.53 29.50
C ASN D 130 43.37 -20.41 31.02
N TRP D 131 43.10 -21.54 31.67
CA TRP D 131 42.98 -21.54 33.12
C TRP D 131 44.16 -22.32 33.69
N ASP D 132 45.37 -21.89 33.35
CA ASP D 132 46.57 -22.71 33.49
C ASP D 132 47.38 -22.45 34.75
N LYS D 133 47.09 -21.36 35.45
CA LYS D 133 47.79 -21.06 36.68
C LYS D 133 47.14 -21.76 37.85
N ASP D 134 47.72 -21.53 39.03
CA ASP D 134 47.15 -21.90 40.31
C ASP D 134 45.84 -21.16 40.51
N GLU D 135 45.81 -19.91 40.10
CA GLU D 135 44.60 -19.08 40.19
C GLU D 135 44.69 -17.98 39.15
N GLY D 136 43.55 -17.49 38.68
CA GLY D 136 43.56 -16.39 37.74
C GLY D 136 42.21 -15.74 37.58
N GLU D 137 42.19 -14.57 36.97
CA GLU D 137 40.97 -13.84 36.74
C GLU D 137 40.50 -13.97 35.28
N ILE D 138 39.21 -14.23 35.09
CA ILE D 138 38.66 -14.42 33.74
C ILE D 138 37.30 -13.75 33.61
N ASN D 139 36.83 -13.54 32.38
CA ASN D 139 35.41 -13.24 32.18
C ASN D 139 34.67 -14.55 31.88
N LEU D 140 33.81 -14.98 32.79
CA LEU D 140 33.23 -16.31 32.66
C LEU D 140 32.29 -16.42 31.47
N LEU D 141 31.57 -15.34 31.17
CA LEU D 141 30.61 -15.38 30.09
C LEU D 141 31.35 -15.55 28.79
N GLU D 142 32.43 -14.77 28.63
CA GLU D 142 33.27 -14.88 27.43
C GLU D 142 33.84 -16.29 27.30
N ASP D 143 34.42 -16.83 28.36
CA ASP D 143 35.01 -18.18 28.28
C ASP D 143 33.98 -19.30 28.05
N CYS D 144 32.84 -19.25 28.71
CA CYS D 144 31.80 -20.24 28.46
C CYS D 144 31.33 -20.19 27.00
N SER D 145 31.25 -18.98 26.47
CA SER D 145 30.78 -18.77 25.14
C SER D 145 31.77 -19.40 24.14
N THR D 146 33.08 -19.21 24.37
CA THR D 146 34.12 -19.90 23.57
C THR D 146 34.03 -21.41 23.67
N MET D 147 33.85 -21.92 24.90
CA MET D 147 33.76 -23.36 25.09
C MET D 147 32.58 -23.92 24.32
N ILE D 148 31.42 -23.26 24.41
CA ILE D 148 30.23 -23.70 23.72
C ILE D 148 30.41 -23.76 22.21
N ILE D 149 30.96 -22.71 21.58
CA ILE D 149 31.13 -22.82 20.13
C ILE D 149 32.15 -23.92 19.78
N ASN D 150 33.23 -24.02 20.56
CA ASN D 150 34.25 -25.02 20.24
C ASN D 150 33.73 -26.44 20.42
N THR D 151 32.99 -26.67 21.51
CA THR D 151 32.47 -28.01 21.80
C THR D 151 31.37 -28.39 20.82
N ALA D 152 30.50 -27.44 20.49
CA ALA D 152 29.50 -27.69 19.44
C ALA D 152 30.15 -28.10 18.11
N CYS D 153 31.15 -27.33 17.66
CA CYS D 153 31.82 -27.66 16.37
C CYS D 153 32.53 -29.00 16.45
N GLN D 154 33.23 -29.26 17.54
CA GLN D 154 33.81 -30.59 17.77
C GLN D 154 32.76 -31.73 17.69
N CYS D 155 31.55 -31.50 18.19
CA CYS D 155 30.48 -32.50 18.15
C CYS D 155 29.91 -32.71 16.76
N LEU D 156 29.56 -31.61 16.11
CA LEU D 156 28.71 -31.65 14.92
C LEU D 156 29.50 -31.78 13.61
N PHE D 157 30.76 -31.36 13.63
CA PHE D 157 31.54 -31.24 12.39
C PHE D 157 32.83 -32.03 12.42
N GLY D 158 33.13 -32.65 11.28
CA GLY D 158 34.33 -33.43 11.15
C GLY D 158 35.54 -32.53 11.17
N GLU D 159 36.69 -33.12 11.40
CA GLU D 159 37.94 -32.39 11.45
C GLU D 159 38.23 -31.57 10.20
N ASP D 160 37.85 -32.10 9.04
CA ASP D 160 38.12 -31.41 7.78
C ASP D 160 37.43 -30.05 7.76
N LEU D 161 36.21 -29.98 8.30
CA LEU D 161 35.43 -28.74 8.31
C LEU D 161 35.99 -27.76 9.33
N ARG D 162 36.30 -28.27 10.51
CA ARG D 162 36.93 -27.48 11.56
C ARG D 162 38.24 -26.83 11.08
N LYS D 163 38.97 -27.53 10.22
CA LYS D 163 40.22 -26.96 9.71
C LYS D 163 39.90 -25.72 8.90
N ARG D 164 39.12 -25.91 7.84
CA ARG D 164 38.77 -24.85 6.90
C ARG D 164 37.93 -23.76 7.55
N LEU D 165 37.19 -24.13 8.58
CA LEU D 165 36.21 -23.22 9.15
C LEU D 165 36.27 -23.41 10.65
N ASP D 166 37.28 -22.82 11.28
CA ASP D 166 37.47 -23.05 12.69
C ASP D 166 36.46 -22.21 13.49
N ALA D 167 36.23 -22.61 14.74
CA ALA D 167 35.27 -21.95 15.59
C ALA D 167 35.39 -20.43 15.46
N ARG D 168 36.61 -19.96 15.23
CA ARG D 168 36.88 -18.54 15.15
C ARG D 168 36.32 -17.92 13.84
N ARG D 169 36.61 -18.57 12.70
CA ARG D 169 36.05 -18.12 11.42
C ARG D 169 34.54 -18.27 11.39
N PHE D 170 34.07 -19.35 11.99
CA PHE D 170 32.64 -19.64 12.07
C PHE D 170 31.90 -18.56 12.86
N ALA D 171 32.42 -18.21 14.04
CA ALA D 171 31.85 -17.14 14.84
C ALA D 171 31.76 -15.80 14.09
N GLN D 172 32.80 -15.45 13.34
CA GLN D 172 32.81 -14.20 12.58
C GLN D 172 31.69 -14.17 11.51
N LEU D 173 31.52 -15.28 10.80
CA LEU D 173 30.47 -15.38 9.80
C LEU D 173 29.10 -15.24 10.45
N LEU D 174 28.92 -15.96 11.57
CA LEU D 174 27.62 -15.97 12.23
C LEU D 174 27.37 -14.60 12.82
N ALA D 175 28.41 -13.96 13.36
CA ALA D 175 28.25 -12.60 13.88
C ALA D 175 27.86 -11.61 12.79
N LYS D 176 28.39 -11.78 11.59
CA LYS D 176 28.01 -10.90 10.47
C LYS D 176 26.53 -11.09 10.13
N MET D 177 26.09 -12.33 10.00
CA MET D 177 24.68 -12.60 9.79
C MET D 177 23.81 -12.00 10.90
N GLU D 178 24.22 -12.23 12.15
CA GLU D 178 23.44 -11.82 13.31
C GLU D 178 23.30 -10.28 13.43
N SER D 179 24.37 -9.58 13.14
CA SER D 179 24.38 -8.13 13.30
C SER D 179 23.50 -7.43 12.28
N SER D 180 23.14 -8.16 11.24
CA SER D 180 22.29 -7.64 10.18
C SER D 180 20.80 -7.85 10.46
N LEU D 181 20.46 -8.58 11.52
CA LEU D 181 19.06 -8.86 11.85
C LEU D 181 18.38 -7.65 12.44
N ILE D 182 17.13 -7.44 12.06
CA ILE D 182 16.33 -6.38 12.65
C ILE D 182 15.01 -6.93 13.18
N PRO D 183 15.01 -7.33 14.47
CA PRO D 183 13.83 -7.93 15.09
C PRO D 183 12.65 -6.98 15.17
N ALA D 184 12.90 -5.67 15.09
CA ALA D 184 11.82 -4.67 15.06
C ALA D 184 10.89 -4.84 13.86
N ALA D 185 11.37 -5.55 12.84
CA ALA D 185 10.59 -5.83 11.64
C ALA D 185 9.30 -6.59 11.92
N VAL D 186 9.29 -7.40 12.96
CA VAL D 186 8.05 -8.01 13.46
C VAL D 186 6.93 -6.97 13.60
N PHE D 187 7.23 -5.84 14.21
CA PHE D 187 6.22 -4.79 14.46
C PHE D 187 6.19 -3.68 13.40
N LEU D 188 7.24 -3.61 12.58
CA LEU D 188 7.26 -2.69 11.44
C LEU D 188 7.54 -3.47 10.18
N PRO D 189 6.58 -4.29 9.72
CA PRO D 189 6.88 -5.22 8.63
C PRO D 189 7.40 -4.51 7.36
N ILE D 190 7.15 -3.21 7.25
CA ILE D 190 7.60 -2.45 6.08
C ILE D 190 9.11 -2.62 5.87
N LEU D 191 9.83 -2.87 6.95
CA LEU D 191 11.28 -3.12 6.89
C LEU D 191 11.73 -4.34 6.10
N LEU D 192 10.88 -5.34 5.93
CA LEU D 192 11.31 -6.52 5.19
C LEU D 192 11.12 -6.32 3.70
N LYS D 193 10.57 -5.16 3.34
CA LYS D 193 10.40 -4.80 1.93
C LYS D 193 11.45 -3.79 1.47
N LEU D 194 12.06 -3.06 2.41
CA LEU D 194 13.01 -2.01 2.05
C LEU D 194 14.37 -2.55 1.62
N PRO D 195 15.13 -1.75 0.85
CA PRO D 195 16.55 -2.00 0.69
C PRO D 195 17.36 -1.50 1.90
N LEU D 196 18.06 -2.43 2.52
CA LEU D 196 18.90 -2.14 3.68
C LEU D 196 20.30 -2.71 3.42
N PRO D 197 21.34 -2.03 3.95
CA PRO D 197 22.72 -2.53 3.83
C PRO D 197 22.88 -3.88 4.55
N GLN D 198 22.06 -4.09 5.57
CA GLN D 198 22.01 -5.36 6.29
C GLN D 198 21.79 -6.55 5.35
N SER D 199 20.92 -6.39 4.35
CA SER D 199 20.58 -7.51 3.48
C SER D 199 21.79 -8.04 2.77
N ALA D 200 22.57 -7.13 2.21
CA ALA D 200 23.77 -7.49 1.48
C ALA D 200 24.81 -8.07 2.43
N ARG D 201 24.90 -7.55 3.66
CA ARG D 201 25.91 -8.09 4.57
C ARG D 201 25.55 -9.50 4.98
N CYS D 202 24.28 -9.73 5.24
CA CYS D 202 23.80 -11.06 5.59
C CYS D 202 24.03 -12.03 4.44
N HIS D 203 23.58 -11.67 3.25
CA HIS D 203 23.73 -12.53 2.06
C HIS D 203 25.19 -12.82 1.74
N GLU D 204 26.06 -11.84 2.00
CA GLU D 204 27.50 -12.02 1.83
C GLU D 204 28.01 -13.14 2.73
N ALA D 205 27.59 -13.10 3.98
CA ALA D 205 28.12 -14.01 4.97
C ALA D 205 27.56 -15.41 4.73
N ARG D 206 26.27 -15.49 4.41
CA ARG D 206 25.63 -16.77 4.18
C ARG D 206 26.20 -17.44 2.94
N THR D 207 26.40 -16.65 1.89
CA THR D 207 26.95 -17.17 0.65
C THR D 207 28.36 -17.69 0.88
N GLU D 208 29.17 -16.99 1.68
CA GLU D 208 30.52 -17.46 1.96
C GLU D 208 30.49 -18.77 2.75
N LEU D 209 29.64 -18.85 3.76
CA LEU D 209 29.46 -20.11 4.48
C LEU D 209 29.10 -21.25 3.54
N GLN D 210 28.16 -20.98 2.64
CA GLN D 210 27.69 -22.02 1.75
C GLN D 210 28.78 -22.41 0.74
N LYS D 211 29.59 -21.44 0.32
CA LYS D 211 30.73 -21.80 -0.50
C LYS D 211 31.70 -22.71 0.25
N ILE D 212 32.03 -22.39 1.50
CA ILE D 212 32.93 -23.24 2.28
C ILE D 212 32.39 -24.67 2.46
N LEU D 213 31.08 -24.81 2.70
CA LEU D 213 30.46 -26.14 2.73
C LEU D 213 30.60 -26.86 1.40
N SER D 214 30.38 -26.14 0.30
CA SER D 214 30.54 -26.72 -1.02
C SER D 214 31.94 -27.32 -1.18
N GLU D 215 32.96 -26.55 -0.77
CA GLU D 215 34.36 -26.93 -0.91
C GLU D 215 34.75 -28.10 -0.01
N ILE D 216 34.24 -28.09 1.22
CA ILE D 216 34.31 -29.25 2.09
C ILE D 216 33.67 -30.50 1.47
N ILE D 217 32.47 -30.38 0.91
CA ILE D 217 31.85 -31.53 0.29
C ILE D 217 32.68 -32.12 -0.85
N ILE D 218 33.28 -31.24 -1.64
CA ILE D 218 34.13 -31.66 -2.76
C ILE D 218 35.42 -32.30 -2.24
N ALA D 219 36.03 -31.68 -1.23
CA ALA D 219 37.22 -32.26 -0.58
C ALA D 219 36.95 -33.67 -0.01
N ARG D 220 35.78 -33.85 0.59
CA ARG D 220 35.41 -35.16 1.12
C ARG D 220 35.28 -36.21 0.04
N LYS D 221 34.63 -35.85 -1.07
CA LYS D 221 34.53 -36.77 -2.20
C LYS D 221 35.92 -37.19 -2.65
N GLU D 222 36.86 -36.24 -2.64
CA GLU D 222 38.26 -36.51 -2.99
C GLU D 222 38.90 -37.53 -2.05
N GLU D 223 38.70 -37.35 -0.75
CA GLU D 223 38.95 -38.40 0.23
C GLU D 223 38.02 -39.63 0.10
N GLU D 224 36.75 -39.37 -0.20
CA GLU D 224 35.63 -40.29 0.06
C GLU D 224 35.56 -41.70 -0.57
N VAL D 225 35.84 -41.84 -1.87
CA VAL D 225 35.73 -43.16 -2.50
C VAL D 225 37.05 -43.90 -2.31
N ASN D 226 38.04 -43.18 -1.78
CA ASN D 226 39.33 -43.78 -1.48
C ASN D 226 39.27 -44.66 -0.24
N LYS D 227 38.10 -44.66 0.42
CA LYS D 227 37.93 -45.27 1.73
C LYS D 227 38.72 -44.46 2.75
N ASP D 228 39.52 -43.52 2.24
CA ASP D 228 40.33 -42.63 3.06
C ASP D 228 39.46 -41.57 3.72
N SER D 229 38.35 -41.24 3.07
CA SER D 229 37.29 -40.48 3.71
C SER D 229 36.13 -41.41 3.97
N SER D 230 35.70 -41.42 5.22
CA SER D 230 34.33 -41.74 5.57
C SER D 230 34.03 -40.88 6.77
N THR D 231 33.93 -39.56 6.54
CA THR D 231 33.63 -38.62 7.60
C THR D 231 32.13 -38.51 7.79
N SER D 232 31.67 -38.80 9.02
CA SER D 232 30.25 -38.76 9.33
C SER D 232 29.93 -37.71 10.40
N ASP D 233 29.15 -36.71 10.02
CA ASP D 233 28.85 -35.59 10.90
C ASP D 233 27.51 -34.95 10.53
N LEU D 234 27.26 -33.75 11.06
CA LEU D 234 25.97 -33.12 10.84
C LEU D 234 25.79 -32.76 9.35
N LEU D 235 26.88 -32.31 8.73
CA LEU D 235 26.88 -31.96 7.33
C LEU D 235 26.51 -33.20 6.49
N SER D 236 27.19 -34.32 6.73
CA SER D 236 26.97 -35.49 5.89
C SER D 236 25.63 -36.12 6.23
N GLY D 237 25.22 -36.05 7.50
CA GLY D 237 23.88 -36.50 7.85
C GLY D 237 22.79 -35.75 7.11
N LEU D 238 22.84 -34.42 7.15
CA LEU D 238 21.89 -33.58 6.44
C LEU D 238 21.90 -33.82 4.93
N LEU D 239 23.08 -33.95 4.34
CA LEU D 239 23.18 -34.22 2.89
C LEU D 239 22.58 -35.56 2.53
N SER D 240 22.49 -36.50 3.48
CA SER D 240 21.92 -37.80 3.17
C SER D 240 20.38 -37.82 3.25
N ALA D 241 19.80 -36.71 3.70
CA ALA D 241 18.35 -36.64 3.92
C ALA D 241 17.54 -36.67 2.63
N VAL D 242 16.44 -37.40 2.64
CA VAL D 242 15.54 -37.47 1.50
C VAL D 242 14.10 -37.20 1.94
N TYR D 243 13.48 -36.16 1.37
CA TYR D 243 12.13 -35.73 1.76
C TYR D 243 11.11 -36.77 1.33
N ARG D 244 9.92 -36.71 1.93
CA ARG D 244 8.88 -37.67 1.60
C ARG D 244 8.58 -37.70 0.10
N ASP D 245 8.60 -36.54 -0.56
CA ASP D 245 8.38 -36.48 -2.01
C ASP D 245 9.54 -37.09 -2.82
N GLY D 246 10.53 -37.66 -2.14
CA GLY D 246 11.63 -38.33 -2.83
C GLY D 246 12.85 -37.46 -3.11
N THR D 247 12.73 -36.15 -2.93
CA THR D 247 13.83 -35.23 -3.21
C THR D 247 14.86 -35.10 -2.08
N PRO D 248 16.13 -34.81 -2.43
CA PRO D 248 17.14 -34.57 -1.42
C PRO D 248 17.14 -33.12 -0.95
N MET D 249 17.60 -32.90 0.28
CA MET D 249 17.86 -31.55 0.77
C MET D 249 18.91 -30.89 -0.11
N SER D 250 18.62 -29.68 -0.59
CA SER D 250 19.57 -28.89 -1.35
C SER D 250 20.69 -28.40 -0.45
N LEU D 251 21.84 -28.09 -1.04
CA LEU D 251 22.93 -27.46 -0.29
C LEU D 251 22.39 -26.21 0.45
N HIS D 252 21.57 -25.44 -0.25
CA HIS D 252 20.96 -24.23 0.30
C HIS D 252 20.21 -24.50 1.63
N GLU D 253 19.45 -25.58 1.67
CA GLU D 253 18.68 -25.94 2.85
C GLU D 253 19.59 -26.49 3.95
N VAL D 254 20.58 -27.28 3.58
CA VAL D 254 21.58 -27.77 4.55
C VAL D 254 22.30 -26.63 5.25
N CYS D 255 22.77 -25.67 4.46
CA CYS D 255 23.40 -24.47 4.99
C CYS D 255 22.48 -23.81 6.02
N GLY D 256 21.22 -23.67 5.65
CA GLY D 256 20.21 -23.01 6.45
C GLY D 256 19.98 -23.72 7.76
N MET D 257 19.91 -25.05 7.69
CA MET D 257 19.72 -25.89 8.89
C MET D 257 20.95 -25.80 9.81
N ILE D 258 22.14 -25.71 9.22
CA ILE D 258 23.35 -25.60 10.03
C ILE D 258 23.38 -24.23 10.72
N VAL D 259 23.01 -23.18 9.98
CA VAL D 259 23.00 -21.84 10.53
C VAL D 259 21.98 -21.82 11.67
N ALA D 260 20.79 -22.39 11.42
CA ALA D 260 19.73 -22.42 12.42
C ALA D 260 20.23 -23.08 13.70
N ALA D 261 20.91 -24.20 13.55
CA ALA D 261 21.40 -24.94 14.71
C ALA D 261 22.45 -24.18 15.50
N MET D 262 23.35 -23.51 14.79
CA MET D 262 24.39 -22.72 15.41
C MET D 262 23.80 -21.50 16.09
N PHE D 263 22.88 -20.80 15.43
CA PHE D 263 22.20 -19.66 16.06
C PHE D 263 21.44 -20.10 17.29
N ALA D 264 20.77 -21.25 17.22
CA ALA D 264 19.86 -21.65 18.29
C ALA D 264 20.62 -21.83 19.60
N GLY D 265 21.73 -22.55 19.53
CA GLY D 265 22.46 -22.95 20.72
C GLY D 265 23.60 -22.08 21.17
N GLN D 266 24.09 -21.17 20.32
CA GLN D 266 25.32 -20.47 20.67
C GLN D 266 25.18 -19.63 21.92
N HIS D 267 24.27 -18.67 21.94
CA HIS D 267 24.15 -17.84 23.14
C HIS D 267 23.36 -18.53 24.27
N THR D 268 22.28 -19.22 23.91
CA THR D 268 21.42 -19.81 24.94
C THR D 268 22.22 -20.79 25.79
N SER D 269 23.00 -21.65 25.15
CA SER D 269 23.69 -22.70 25.89
C SER D 269 24.80 -22.07 26.71
N SER D 270 25.44 -21.08 26.11
CA SER D 270 26.55 -20.45 26.77
C SER D 270 26.07 -19.59 27.97
N ILE D 271 24.90 -18.94 27.84
CA ILE D 271 24.28 -18.20 28.95
C ILE D 271 23.80 -19.16 30.09
N THR D 272 23.21 -20.28 29.71
CA THR D 272 22.80 -21.28 30.70
C THR D 272 23.99 -21.81 31.54
N THR D 273 25.08 -22.13 30.85
CA THR D 273 26.30 -22.57 31.54
C THR D 273 26.84 -21.48 32.49
N THR D 274 26.93 -20.25 31.98
CA THR D 274 27.49 -19.13 32.77
C THR D 274 26.63 -18.90 34.02
N TRP D 275 25.32 -18.73 33.85
CA TRP D 275 24.48 -18.49 35.04
C TRP D 275 24.64 -19.65 36.01
N SER D 276 24.61 -20.89 35.50
CA SER D 276 24.68 -22.05 36.39
C SER D 276 25.92 -21.96 37.28
N MET D 277 27.07 -21.65 36.66
CA MET D 277 28.33 -21.52 37.39
C MET D 277 28.31 -20.36 38.33
N LEU D 278 27.71 -19.25 37.91
CA LEU D 278 27.69 -18.06 38.75
C LEU D 278 26.92 -18.38 40.03
N HIS D 279 25.77 -19.02 39.89
CA HIS D 279 25.01 -19.40 41.06
C HIS D 279 25.81 -20.36 41.93
N LEU D 280 26.34 -21.41 41.31
CA LEU D 280 27.01 -22.50 42.03
C LEU D 280 28.24 -22.05 42.82
N MET D 281 28.92 -21.02 42.34
CA MET D 281 30.04 -20.48 43.12
C MET D 281 29.62 -19.51 44.21
N HIS D 282 28.40 -18.98 44.15
CA HIS D 282 28.01 -17.97 45.15
C HIS D 282 27.92 -18.64 46.53
N PRO D 283 28.47 -17.99 47.60
CA PRO D 283 28.51 -18.69 48.89
C PRO D 283 27.14 -19.12 49.40
N ALA D 284 26.08 -18.41 49.02
CA ALA D 284 24.74 -18.78 49.51
C ALA D 284 24.34 -20.16 49.04
N ASN D 285 24.98 -20.61 47.97
CA ASN D 285 24.56 -21.84 47.32
C ASN D 285 25.51 -22.99 47.64
N VAL D 286 26.31 -22.83 48.70
CA VAL D 286 27.33 -23.83 48.98
C VAL D 286 26.77 -25.25 49.00
N LYS D 287 25.56 -25.39 49.52
CA LYS D 287 24.91 -26.69 49.61
C LYS D 287 24.65 -27.27 48.23
N HIS D 288 24.29 -26.41 47.29
CA HIS D 288 24.06 -26.89 45.91
C HIS D 288 25.37 -27.31 45.23
N LEU D 289 26.42 -26.54 45.47
CA LEU D 289 27.75 -26.92 45.00
C LEU D 289 28.18 -28.27 45.58
N GLU D 290 27.91 -28.52 46.85
CA GLU D 290 28.25 -29.82 47.40
C GLU D 290 27.47 -30.93 46.75
N ALA D 291 26.20 -30.73 46.55
CA ALA D 291 25.43 -31.78 45.90
C ALA D 291 25.96 -32.10 44.50
N LEU D 292 26.30 -31.06 43.72
CA LEU D 292 26.92 -31.27 42.41
C LEU D 292 28.22 -32.07 42.53
N ARG D 293 29.08 -31.66 43.46
CA ARG D 293 30.34 -32.36 43.71
C ARG D 293 30.12 -33.83 44.10
N LYS D 294 29.15 -34.10 44.97
CA LYS D 294 28.84 -35.49 45.32
C LYS D 294 28.30 -36.25 44.11
N GLU D 295 27.53 -35.58 43.27
CA GLU D 295 26.98 -36.19 42.05
C GLU D 295 28.07 -36.68 41.11
N ILE D 296 29.16 -35.92 41.02
CA ILE D 296 30.20 -36.24 40.05
C ILE D 296 31.41 -36.91 40.67
N GLU D 297 31.40 -37.02 42.00
CA GLU D 297 32.51 -37.53 42.82
C GLU D 297 33.19 -38.77 42.24
N GLU D 298 32.38 -39.69 41.74
CA GLU D 298 32.88 -41.02 41.38
C GLU D 298 32.79 -41.26 39.87
N PHE D 299 32.75 -40.16 39.12
CA PHE D 299 32.84 -40.24 37.65
C PHE D 299 34.29 -40.49 37.25
N PRO D 300 34.49 -41.21 36.13
CA PRO D 300 35.85 -41.41 35.66
C PRO D 300 36.43 -40.14 35.07
N ALA D 301 37.76 -40.11 34.96
CA ALA D 301 38.47 -39.01 34.33
C ALA D 301 37.90 -38.68 32.95
N GLN D 302 37.48 -39.72 32.24
CA GLN D 302 36.87 -39.55 30.94
C GLN D 302 35.41 -39.92 31.04
N LEU D 303 34.56 -38.89 30.99
CA LEU D 303 33.12 -39.04 31.13
C LEU D 303 32.54 -39.80 29.96
N ASN D 304 31.47 -40.54 30.23
CA ASN D 304 30.83 -41.30 29.16
C ASN D 304 29.39 -40.88 29.12
N TYR D 305 28.69 -41.31 28.07
CA TYR D 305 27.29 -40.95 27.90
C TYR D 305 26.45 -41.31 29.14
N ASN D 306 26.73 -42.44 29.77
CA ASN D 306 25.98 -42.86 30.95
C ASN D 306 26.10 -41.83 32.09
N ASN D 307 27.32 -41.39 32.38
CA ASN D 307 27.52 -40.38 33.41
C ASN D 307 26.66 -39.11 33.19
N VAL D 308 26.80 -38.51 32.02
CA VAL D 308 26.17 -37.23 31.78
C VAL D 308 24.66 -37.35 31.54
N MET D 309 24.23 -38.32 30.74
CA MET D 309 22.80 -38.39 30.42
C MET D 309 21.91 -38.99 31.52
N ASP D 310 22.45 -40.01 32.21
CA ASP D 310 21.65 -40.77 33.15
C ASP D 310 22.02 -40.48 34.59
N GLU D 311 23.22 -39.95 34.84
CA GLU D 311 23.69 -39.83 36.22
C GLU D 311 23.91 -38.40 36.70
N MET D 312 23.35 -37.41 36.01
CA MET D 312 23.52 -36.03 36.46
C MET D 312 22.18 -35.34 36.62
N PRO D 313 21.25 -35.93 37.42
CA PRO D 313 19.95 -35.25 37.49
C PRO D 313 20.03 -33.93 38.22
N PHE D 314 20.98 -33.80 39.14
CA PHE D 314 21.07 -32.57 39.92
C PHE D 314 21.67 -31.43 39.09
N ALA D 315 22.69 -31.75 38.30
CA ALA D 315 23.23 -30.75 37.40
C ALA D 315 22.16 -30.35 36.41
N GLU D 316 21.33 -31.28 35.96
CA GLU D 316 20.25 -30.90 35.07
C GLU D 316 19.32 -29.86 35.71
N ARG D 317 18.98 -30.10 36.98
CA ARG D 317 18.16 -29.17 37.76
C ARG D 317 18.81 -27.79 37.89
N CYS D 318 20.12 -27.77 38.08
CA CYS D 318 20.87 -26.52 38.11
C CYS D 318 20.72 -25.74 36.80
N ALA D 319 20.89 -26.42 35.67
CA ALA D 319 20.74 -25.78 34.37
C ALA D 319 19.30 -25.29 34.15
N ARG D 320 18.31 -26.12 34.47
CA ARG D 320 16.94 -25.73 34.15
C ARG D 320 16.49 -24.59 35.03
N GLU D 321 16.94 -24.60 36.28
CA GLU D 321 16.57 -23.56 37.22
C GLU D 321 17.24 -22.24 36.87
N SER D 322 18.44 -22.31 36.28
CA SER D 322 19.10 -21.10 35.78
C SER D 322 18.30 -20.49 34.65
N ILE D 323 17.76 -21.34 33.79
CA ILE D 323 16.88 -20.87 32.72
C ILE D 323 15.53 -20.46 33.29
N ARG D 324 15.10 -21.08 34.39
CA ARG D 324 13.82 -20.71 34.98
C ARG D 324 13.92 -19.27 35.48
N ARG D 325 14.94 -19.00 36.30
CA ARG D 325 15.13 -17.67 36.90
C ARG D 325 15.43 -16.58 35.86
N ASP D 326 16.31 -16.87 34.89
CA ASP D 326 16.65 -15.88 33.84
C ASP D 326 16.60 -16.49 32.46
N PRO D 327 15.39 -16.62 31.91
CA PRO D 327 15.33 -17.32 30.64
C PRO D 327 16.04 -16.50 29.55
N PRO D 328 16.85 -17.15 28.72
CA PRO D 328 17.58 -16.36 27.71
C PRO D 328 16.65 -15.82 26.62
N LEU D 329 15.51 -16.48 26.38
CA LEU D 329 14.51 -15.99 25.44
C LEU D 329 13.30 -15.49 26.23
N LEU D 330 13.10 -14.18 26.22
CA LEU D 330 12.16 -13.51 27.10
C LEU D 330 10.71 -13.69 26.67
N MET D 331 10.50 -13.80 25.36
CA MET D 331 9.16 -13.61 24.79
C MET D 331 9.00 -14.50 23.56
N LEU D 332 7.98 -15.36 23.55
CA LEU D 332 7.69 -16.11 22.35
C LEU D 332 6.43 -15.57 21.72
N MET D 333 6.37 -15.59 20.39
CA MET D 333 5.25 -14.94 19.70
C MET D 333 4.68 -15.80 18.57
N ARG D 334 3.40 -15.60 18.27
CA ARG D 334 2.77 -16.21 17.12
C ARG D 334 1.85 -15.17 16.52
N LYS D 335 1.53 -15.34 15.25
CA LYS D 335 0.49 -14.54 14.65
C LYS D 335 -0.84 -15.30 14.81
N VAL D 336 -1.87 -14.58 15.22
CA VAL D 336 -3.19 -15.18 15.41
C VAL D 336 -3.88 -15.23 14.05
N MET D 337 -4.13 -16.45 13.56
CA MET D 337 -4.62 -16.65 12.19
C MET D 337 -6.14 -16.75 12.13
N ALA D 338 -6.73 -16.98 13.30
CA ALA D 338 -8.18 -16.96 13.51
C ALA D 338 -8.42 -16.72 14.99
N ASP D 339 -9.57 -16.14 15.31
CA ASP D 339 -9.95 -15.89 16.70
C ASP D 339 -9.68 -17.13 17.54
N VAL D 340 -9.03 -16.94 18.67
CA VAL D 340 -8.85 -18.00 19.65
C VAL D 340 -9.35 -17.55 21.03
N LYS D 341 -10.12 -18.40 21.70
CA LYS D 341 -10.52 -18.12 23.07
C LYS D 341 -9.40 -18.53 24.02
N VAL D 342 -9.05 -17.63 24.93
CA VAL D 342 -7.98 -17.86 25.89
C VAL D 342 -8.50 -17.35 27.23
N GLY D 343 -8.61 -18.23 28.21
CA GLY D 343 -9.29 -17.88 29.45
C GLY D 343 -10.66 -17.36 29.09
N SER D 344 -11.04 -16.21 29.64
CA SER D 344 -12.39 -15.75 29.39
C SER D 344 -12.46 -14.75 28.24
N TYR D 345 -11.39 -14.71 27.43
CA TYR D 345 -11.28 -13.74 26.33
C TYR D 345 -11.21 -14.34 24.94
N VAL D 346 -11.53 -13.51 23.95
CA VAL D 346 -11.22 -13.85 22.58
C VAL D 346 -10.03 -13.00 22.16
N VAL D 347 -8.97 -13.65 21.68
CA VAL D 347 -7.86 -12.95 21.11
C VAL D 347 -8.11 -12.93 19.60
N PRO D 348 -8.30 -11.74 19.02
CA PRO D 348 -8.77 -11.63 17.64
C PRO D 348 -7.69 -11.92 16.61
N LYS D 349 -8.11 -12.59 15.54
CA LYS D 349 -7.27 -12.78 14.38
C LYS D 349 -6.54 -11.49 14.00
N GLY D 350 -5.26 -11.61 13.68
CA GLY D 350 -4.47 -10.46 13.27
C GLY D 350 -3.66 -9.91 14.43
N ASP D 351 -4.04 -10.28 15.65
CA ASP D 351 -3.22 -9.95 16.82
C ASP D 351 -1.89 -10.67 16.73
N ILE D 352 -0.90 -10.12 17.42
CA ILE D 352 0.21 -10.94 17.84
C ILE D 352 -0.09 -11.49 19.23
N ILE D 353 0.08 -12.79 19.39
CA ILE D 353 -0.06 -13.41 20.69
C ILE D 353 1.32 -13.88 21.17
N ALA D 354 1.59 -13.66 22.45
CA ALA D 354 2.89 -13.88 23.01
C ALA D 354 2.73 -14.69 24.30
N CYS D 355 3.76 -15.43 24.66
CA CYS D 355 3.83 -16.05 25.95
C CYS D 355 5.26 -15.83 26.40
N SER D 356 5.42 -15.28 27.59
CA SER D 356 6.72 -14.82 28.01
C SER D 356 7.33 -15.74 29.08
N PRO D 357 8.40 -16.46 28.73
CA PRO D 357 9.05 -17.20 29.80
C PRO D 357 9.49 -16.31 30.95
N LEU D 358 9.91 -15.09 30.65
CA LEU D 358 10.32 -14.19 31.72
C LEU D 358 9.17 -13.96 32.72
N LEU D 359 8.01 -13.57 32.21
CA LEU D 359 6.85 -13.30 33.07
C LEU D 359 6.30 -14.54 33.77
N SER D 360 6.16 -15.62 33.04
CA SER D 360 5.60 -16.84 33.60
C SER D 360 6.46 -17.45 34.68
N HIS D 361 7.78 -17.36 34.50
CA HIS D 361 8.72 -17.95 35.46
C HIS D 361 8.80 -17.12 36.73
N HIS D 362 8.12 -15.96 36.76
CA HIS D 362 8.05 -15.17 37.99
C HIS D 362 6.63 -15.05 38.51
N ASP D 363 5.72 -15.84 37.95
CA ASP D 363 4.42 -16.08 38.59
C ASP D 363 4.58 -16.72 39.98
N GLU D 364 4.07 -16.04 41.00
CA GLU D 364 4.36 -16.40 42.39
C GLU D 364 3.61 -17.63 42.89
N GLU D 365 2.49 -17.96 42.25
CA GLU D 365 1.84 -19.25 42.52
C GLU D 365 2.72 -20.37 41.98
N ALA D 366 3.17 -20.23 40.73
CA ALA D 366 4.00 -21.27 40.13
C ALA D 366 5.42 -21.39 40.72
N PHE D 367 6.03 -20.26 41.07
CA PHE D 367 7.43 -20.26 41.46
C PHE D 367 7.60 -19.31 42.62
N PRO D 368 7.31 -19.78 43.84
CA PRO D 368 7.36 -18.86 44.98
C PRO D 368 8.78 -18.35 45.17
N GLU D 369 8.90 -17.08 45.53
CA GLU D 369 10.19 -16.42 45.65
C GLU D 369 11.01 -16.58 44.38
N PRO D 370 10.47 -16.08 43.26
CA PRO D 370 11.03 -16.40 41.95
C PRO D 370 12.45 -15.88 41.71
N ARG D 371 12.91 -14.87 42.45
CA ARG D 371 14.31 -14.42 42.28
C ARG D 371 15.33 -15.28 43.03
N ARG D 372 14.85 -16.18 43.88
CA ARG D 372 15.75 -17.07 44.54
C ARG D 372 16.05 -18.25 43.64
N TRP D 373 17.32 -18.44 43.34
CA TRP D 373 17.77 -19.58 42.57
C TRP D 373 17.75 -20.81 43.47
N ASP D 374 16.92 -21.79 43.11
CA ASP D 374 16.79 -23.01 43.92
C ASP D 374 16.56 -24.22 43.04
N PRO D 375 17.62 -24.98 42.75
CA PRO D 375 17.56 -26.11 41.83
C PRO D 375 16.63 -27.18 42.34
N GLU D 376 16.36 -27.16 43.65
CA GLU D 376 15.49 -28.17 44.23
C GLU D 376 14.01 -27.89 43.99
N ARG D 377 13.66 -26.67 43.56
CA ARG D 377 12.25 -26.34 43.34
C ARG D 377 11.65 -27.13 42.19
N ASP D 378 10.32 -27.25 42.19
CA ASP D 378 9.55 -27.75 41.04
C ASP D 378 8.45 -26.73 40.78
N GLU D 379 8.06 -26.55 39.52
CA GLU D 379 6.92 -25.70 39.23
C GLU D 379 5.72 -26.11 40.10
N LYS D 380 4.98 -25.15 40.64
CA LYS D 380 3.78 -25.45 41.42
C LYS D 380 2.52 -25.30 40.58
N VAL D 381 2.69 -24.98 39.30
CA VAL D 381 1.60 -25.01 38.31
C VAL D 381 2.11 -25.83 37.13
N GLU D 382 1.37 -26.86 36.74
CA GLU D 382 1.82 -27.75 35.67
C GLU D 382 2.08 -27.03 34.34
N GLY D 383 3.27 -27.20 33.77
CA GLY D 383 3.61 -26.54 32.49
C GLY D 383 4.00 -25.06 32.63
N ALA D 384 4.19 -24.59 33.87
CA ALA D 384 4.63 -23.21 34.09
C ALA D 384 6.04 -22.91 33.55
N PHE D 385 6.96 -23.87 33.65
CA PHE D 385 8.28 -23.72 33.07
C PHE D 385 8.23 -23.87 31.56
N ILE D 386 8.67 -22.85 30.84
CA ILE D 386 8.58 -22.88 29.38
C ILE D 386 9.90 -22.36 28.80
N GLY D 387 11.00 -22.53 29.53
CA GLY D 387 12.25 -21.93 29.06
C GLY D 387 12.70 -22.54 27.74
N PHE D 388 12.19 -23.74 27.42
CA PHE D 388 12.45 -24.38 26.14
C PHE D 388 11.18 -24.49 25.32
N GLY D 389 10.20 -23.65 25.61
CA GLY D 389 8.95 -23.68 24.85
C GLY D 389 8.19 -24.93 25.18
N ALA D 390 7.21 -25.28 24.34
CA ALA D 390 6.38 -26.47 24.59
C ALA D 390 5.54 -26.74 23.37
N GLY D 391 4.83 -27.87 23.40
CA GLY D 391 3.88 -28.23 22.34
C GLY D 391 4.44 -28.20 20.93
N VAL D 392 3.74 -27.52 20.04
CA VAL D 392 4.02 -27.60 18.62
C VAL D 392 5.46 -27.24 18.23
N HIS D 393 5.98 -26.17 18.82
CA HIS D 393 7.29 -25.67 18.49
C HIS D 393 8.30 -25.83 19.61
N LYS D 394 8.17 -26.88 20.41
CA LYS D 394 9.09 -27.07 21.54
C LYS D 394 10.53 -27.26 21.04
N CYS D 395 11.49 -26.87 21.87
CA CYS D 395 12.88 -26.89 21.46
C CYS D 395 13.35 -28.30 21.11
N ILE D 396 13.91 -28.50 19.93
CA ILE D 396 14.41 -29.82 19.62
C ILE D 396 15.88 -29.99 20.01
N GLY D 397 16.52 -28.92 20.45
CA GLY D 397 17.92 -29.02 20.80
C GLY D 397 18.14 -29.00 22.28
N GLN D 398 17.04 -29.01 23.05
CA GLN D 398 17.10 -28.98 24.52
C GLN D 398 18.09 -29.99 25.11
N LYS D 399 18.06 -31.22 24.63
CA LYS D 399 18.91 -32.27 25.19
C LYS D 399 20.36 -32.05 24.83
N PHE D 400 20.61 -31.60 23.60
CA PHE D 400 21.97 -31.31 23.15
C PHE D 400 22.58 -30.13 23.92
N GLY D 401 21.80 -29.08 24.07
CA GLY D 401 22.25 -27.94 24.86
C GLY D 401 22.59 -28.33 26.29
N LEU D 402 21.69 -29.05 26.94
CA LEU D 402 21.91 -29.49 28.32
C LEU D 402 23.08 -30.45 28.43
N LEU D 403 23.32 -31.21 27.36
CA LEU D 403 24.45 -32.14 27.37
C LEU D 403 25.75 -31.34 27.45
N GLN D 404 25.83 -30.26 26.67
CA GLN D 404 27.00 -29.41 26.74
C GLN D 404 27.11 -28.70 28.09
N VAL D 405 25.99 -28.15 28.58
CA VAL D 405 26.05 -27.46 29.86
C VAL D 405 26.53 -28.41 30.95
N LYS D 406 25.91 -29.59 31.03
CA LYS D 406 26.27 -30.57 32.08
C LYS D 406 27.72 -31.08 31.99
N THR D 407 28.17 -31.40 30.78
CA THR D 407 29.58 -31.80 30.61
C THR D 407 30.55 -30.72 31.07
N ILE D 408 30.26 -29.45 30.76
CA ILE D 408 31.13 -28.35 31.17
C ILE D 408 31.12 -28.21 32.67
N LEU D 409 29.93 -28.30 33.27
CA LEU D 409 29.81 -28.20 34.72
C LEU D 409 30.64 -29.28 35.43
N ALA D 410 30.51 -30.53 34.98
CA ALA D 410 31.23 -31.63 35.62
C ALA D 410 32.73 -31.51 35.41
N THR D 411 33.13 -31.00 34.24
CA THR D 411 34.55 -30.91 33.96
C THR D 411 35.17 -29.74 34.70
N ALA D 412 34.53 -28.58 34.66
CA ALA D 412 35.06 -27.41 35.35
C ALA D 412 35.15 -27.64 36.87
N PHE D 413 34.06 -28.07 37.48
CA PHE D 413 34.00 -28.17 38.94
C PHE D 413 34.76 -29.35 39.53
N ARG D 414 35.01 -30.36 38.69
CA ARG D 414 35.92 -31.43 39.09
C ARG D 414 37.32 -30.89 39.35
N SER D 415 37.75 -29.92 38.54
CA SER D 415 39.15 -29.47 38.55
C SER D 415 39.40 -28.09 39.16
N TYR D 416 38.34 -27.30 39.29
CA TYR D 416 38.48 -25.92 39.72
C TYR D 416 37.45 -25.53 40.77
N ASP D 417 37.82 -24.57 41.61
CA ASP D 417 36.86 -23.73 42.30
C ASP D 417 36.79 -22.36 41.64
N PHE D 418 35.73 -21.62 41.96
CA PHE D 418 35.58 -20.29 41.41
C PHE D 418 35.12 -19.33 42.48
N GLN D 419 35.48 -18.07 42.31
CA GLN D 419 35.13 -17.05 43.27
C GLN D 419 34.58 -15.83 42.54
N LEU D 420 33.32 -15.52 42.80
CA LEU D 420 32.72 -14.25 42.40
C LEU D 420 33.59 -13.06 42.83
N LEU D 421 33.68 -12.03 42.00
CA LEU D 421 34.37 -10.81 42.38
C LEU D 421 33.36 -9.71 42.68
N ARG D 422 32.21 -10.09 43.23
CA ARG D 422 31.10 -9.20 43.57
C ARG D 422 30.33 -9.89 44.69
N ASP D 423 29.56 -9.12 45.46
CA ASP D 423 28.73 -9.66 46.54
C ASP D 423 27.60 -10.54 46.00
N GLU D 424 26.96 -10.08 44.93
CA GLU D 424 25.80 -10.76 44.39
C GLU D 424 26.05 -11.29 42.98
N VAL D 425 25.27 -12.28 42.61
CA VAL D 425 25.26 -12.76 41.24
C VAL D 425 24.94 -11.58 40.28
N PRO D 426 25.46 -11.61 39.04
CA PRO D 426 25.18 -10.50 38.10
C PRO D 426 23.69 -10.23 37.88
N ASP D 427 23.36 -8.98 37.58
CA ASP D 427 22.04 -8.61 37.04
C ASP D 427 21.89 -9.18 35.63
N PRO D 428 20.68 -9.56 35.24
CA PRO D 428 20.49 -9.88 33.83
C PRO D 428 20.65 -8.61 32.99
N ASP D 429 21.17 -8.72 31.77
CA ASP D 429 21.24 -7.58 30.84
C ASP D 429 20.15 -7.71 29.79
N TYR D 430 19.09 -6.93 29.91
CA TYR D 430 17.91 -7.08 29.04
C TYR D 430 18.06 -6.45 27.65
N HIS D 431 19.20 -5.81 27.40
CA HIS D 431 19.37 -5.05 26.17
C HIS D 431 19.67 -5.89 24.91
N THR D 432 20.01 -7.18 25.05
CA THR D 432 20.32 -7.99 23.88
C THR D 432 19.20 -8.96 23.47
N MET D 433 19.26 -9.50 22.25
CA MET D 433 18.23 -10.42 21.74
C MET D 433 18.15 -11.74 22.52
N VAL D 434 19.31 -12.29 22.84
CA VAL D 434 19.35 -13.39 23.80
C VAL D 434 19.91 -12.85 25.10
N VAL D 435 19.18 -13.04 26.18
CA VAL D 435 19.46 -12.34 27.43
C VAL D 435 20.34 -13.20 28.32
N GLY D 436 21.46 -12.63 28.78
CA GLY D 436 22.32 -13.31 29.73
C GLY D 436 22.72 -12.39 30.85
N PRO D 437 23.60 -12.86 31.72
CA PRO D 437 24.09 -12.00 32.78
C PRO D 437 24.92 -10.85 32.19
N THR D 438 24.86 -9.66 32.78
CA THR D 438 25.65 -8.52 32.36
C THR D 438 27.13 -8.88 32.23
N ALA D 439 27.67 -8.72 31.02
CA ALA D 439 29.02 -9.19 30.69
C ALA D 439 30.12 -8.55 31.55
N SER D 440 30.04 -7.25 31.77
CA SER D 440 31.04 -6.57 32.56
C SER D 440 31.05 -7.08 34.00
N GLN D 441 29.95 -7.71 34.42
CA GLN D 441 29.87 -8.19 35.81
C GLN D 441 30.32 -9.65 35.99
N CYS D 442 30.74 -10.29 34.90
CA CYS D 442 30.99 -11.74 34.91
C CYS D 442 32.44 -12.14 35.13
N ARG D 443 33.23 -11.23 35.70
CA ARG D 443 34.61 -11.54 36.02
C ARG D 443 34.71 -12.30 37.34
N VAL D 444 35.55 -13.32 37.31
CA VAL D 444 35.53 -14.42 38.24
C VAL D 444 36.99 -14.85 38.45
N LYS D 445 37.34 -15.29 39.67
CA LYS D 445 38.64 -15.94 39.87
C LYS D 445 38.45 -17.45 39.79
N TYR D 446 39.31 -18.13 39.03
CA TYR D 446 39.35 -19.60 39.07
C TYR D 446 40.50 -20.02 39.96
N ILE D 447 40.32 -21.15 40.63
CA ILE D 447 41.38 -21.69 41.50
C ILE D 447 41.51 -23.17 41.21
N ARG D 448 42.69 -23.56 40.75
CA ARG D 448 42.98 -24.97 40.44
C ARG D 448 42.82 -25.74 41.73
N ARG D 449 42.12 -26.86 41.69
CA ARG D 449 42.06 -27.75 42.85
C ARG D 449 43.25 -28.70 42.88
N LYS D 450 43.77 -28.93 44.08
CA LYS D 450 44.93 -29.81 44.24
C LYS D 450 44.80 -30.67 45.49
CHA HEM E . 31.68 15.37 2.03
CHB HEM E . 32.83 12.01 -1.28
CHC HEM E . 36.93 11.05 1.09
CHD HEM E . 35.49 13.89 4.67
C1A HEM E . 31.66 14.56 0.93
C2A HEM E . 30.64 14.60 -0.10
C3A HEM E . 30.97 13.67 -1.03
C4A HEM E . 32.19 13.02 -0.60
CMA HEM E . 30.19 13.34 -2.32
CAA HEM E . 29.45 15.59 -0.09
CBA HEM E . 28.35 15.07 0.84
CGA HEM E . 27.06 15.86 0.71
O1A HEM E . 26.98 16.80 -0.15
O2A HEM E . 26.12 15.51 1.45
C1B HEM E . 34.06 11.49 -0.95
C2B HEM E . 34.86 10.60 -1.79
C3B HEM E . 36.00 10.37 -1.12
C4B HEM E . 35.93 11.08 0.15
CMB HEM E . 34.48 10.04 -3.18
CAB HEM E . 37.18 9.49 -1.53
CBB HEM E . 37.36 9.11 -2.81
C1C HEM E . 36.90 11.70 2.29
C2C HEM E . 37.89 11.62 3.35
C3C HEM E . 37.47 12.43 4.33
C4C HEM E . 36.22 13.03 3.91
CMC HEM E . 39.22 10.79 3.35
CAC HEM E . 38.13 12.71 5.69
CBC HEM E . 39.02 11.86 6.22
C1D HEM E . 34.33 14.52 4.32
C2D HEM E . 33.62 15.44 5.18
C3D HEM E . 32.43 15.93 4.35
C4D HEM E . 32.56 15.25 3.07
CMD HEM E . 33.94 15.85 6.63
CAD HEM E . 31.34 16.90 4.80
CBD HEM E . 31.88 18.33 4.67
CGD HEM E . 30.83 19.30 5.14
O1D HEM E . 31.13 20.52 5.11
O2D HEM E . 29.73 18.87 5.57
NA HEM E . 32.60 13.59 0.60
NB HEM E . 34.74 11.76 0.22
NC HEM E . 35.89 12.57 2.66
ND HEM E . 33.70 14.44 3.08
FE HEM E . 34.23 13.11 1.62
CAA JKF F . 30.43 9.12 6.95
CAB JKF F . 31.60 8.49 2.73
CAC JKF F . 25.19 10.09 1.54
OAD JKF F . 24.31 7.62 2.05
FAE JKF F . 29.51 6.21 3.26
FAF JKF F . 26.13 6.34 6.50
CLAG JKF F . 30.36 15.13 8.64
CAH JKF F . 29.07 4.38 6.41
CAI JKF F . 29.62 4.81 5.21
CAJ JKF F . 27.87 4.91 6.85
CAK JKF F . 31.54 13.04 7.43
CAL JKF F . 29.25 13.43 6.82
CAM JKF F . 31.57 11.97 6.57
CAN JKF F . 29.27 12.34 5.96
CAO JKF F . 28.77 11.11 3.48
CAP JKF F . 32.19 11.97 3.66
CAQ JKF F . 27.59 10.73 2.87
CAR JKF F . 32.88 10.54 2.16
CAS JKF F . 25.95 6.95 3.44
CAT JKF F . 28.84 8.93 4.53
NAU JKF F . 33.01 11.79 2.61
OAV JKF F . 31.05 9.37 5.68
CAW JKF F . 30.38 13.77 7.56
CAX JKF F . 28.95 5.78 4.46
CAY JKF F . 27.21 5.87 6.09
CAZ JKF F . 30.46 11.61 5.82
CBA JKF F . 29.37 10.21 4.34
CBB JKF F . 27.12 7.28 4.10
CBC JKF F . 27.75 6.32 4.89
CBD JKF F . 31.58 10.81 3.84
CBE JKF F . 25.35 7.90 2.62
CBF JKF F . 27.67 8.56 3.89
CBG JKF F . 27.03 9.46 3.07
NBH JKF F . 31.99 9.92 2.93
NBI JKF F . 25.89 9.12 2.44
CBJ JKF F . 30.56 10.51 4.96
CHA HEM G . -23.32 21.91 -12.10
CHB HEM G . -22.95 21.82 -7.28
CHC HEM G . -18.20 22.79 -7.50
CHD HEM G . -18.71 23.50 -12.24
C1A HEM G . -23.63 21.79 -10.78
C2A HEM G . -24.93 21.46 -10.25
C3A HEM G . -24.82 21.45 -8.90
C4A HEM G . -23.46 21.76 -8.55
CMA HEM G . -25.99 21.15 -7.94
CAA HEM G . -26.22 21.19 -11.07
CBA HEM G . -26.83 22.54 -11.46
CGA HEM G . -28.09 22.28 -12.22
O1A HEM G . -28.41 21.09 -12.42
O2A HEM G . -28.81 23.22 -12.67
C1B HEM G . -21.64 22.02 -6.92
C2B HEM G . -21.09 21.92 -5.58
C3B HEM G . -19.78 22.17 -5.66
C4B HEM G . -19.45 22.44 -7.04
CMB HEM G . -21.91 21.54 -4.32
CAB HEM G . -18.72 22.19 -4.54
CBB HEM G . -19.01 21.69 -3.32
C1C HEM G . -17.93 23.13 -8.80
C2C HEM G . -16.66 23.56 -9.34
C3C HEM G . -16.82 23.75 -10.67
C4C HEM G . -18.19 23.43 -10.99
CMC HEM G . -15.35 23.77 -8.54
CAC HEM G . -15.81 24.22 -11.75
CBC HEM G . -14.56 24.61 -11.48
C1D HEM G . -19.96 23.13 -12.63
C2D HEM G . -20.45 23.26 -13.97
C3D HEM G . -21.89 22.79 -13.93
C4D HEM G . -22.13 22.41 -12.57
CMD HEM G . -19.64 23.82 -15.17
CAD HEM G . -22.89 22.71 -15.10
CBD HEM G . -22.67 21.35 -15.72
CGD HEM G . -23.46 21.25 -17.00
O1D HEM G . -23.10 20.33 -17.77
O2D HEM G . -24.41 22.06 -17.23
NA HEM G . -22.74 21.96 -9.72
NB HEM G . -20.61 22.34 -7.78
NC HEM G . -18.85 23.07 -9.82
ND HEM G . -20.97 22.63 -11.82
FE HEM G . -20.77 22.51 -9.78
CAA JKF H . -22.10 29.79 -11.60
CAB JKF H . -22.30 27.46 -7.91
CAC JKF H . -29.00 27.01 -9.09
OAD JKF H . -29.48 29.28 -7.78
FAE JKF H . -24.06 29.79 -7.01
FAF JKF H . -26.27 32.67 -9.54
CLAG JKF H . -22.37 26.71 -16.85
CAH JKF H . -23.35 33.14 -7.68
CAI JKF H . -23.23 31.87 -7.15
CAJ JKF H . -24.41 33.40 -8.52
CAK JKF H . -21.46 27.16 -14.32
CAL JKF H . -23.85 26.95 -14.51
CAM JKF H . -21.58 27.35 -12.97
CAN JKF H . -23.95 27.14 -13.13
CAO JKF H . -25.10 26.65 -10.62
CAP JKF H . -21.91 25.16 -10.67
CAQ JKF H . -26.38 26.80 -10.08
CAR JKF H . -21.54 25.17 -8.53
CAS JKF H . -27.45 30.24 -8.02
CAT JKF H . -24.54 28.81 -9.75
NAU JKF H . -21.46 24.43 -9.63
OAV JKF H . -22.10 28.72 -10.61
CAW JKF H . -22.58 26.97 -15.10
CAX JKF H . -24.16 30.89 -7.46
CAY JKF H . -25.36 32.43 -8.82
CAZ JKF H . -22.82 27.34 -12.34
CBA JKF H . -24.18 27.67 -10.47
CBB JKF H . -26.16 30.14 -8.55
CBC JKF H . -25.24 31.16 -8.30
CBD JKF H . -22.26 26.35 -10.18
CBE JKF H . -28.34 29.20 -8.23
CBF JKF H . -25.81 28.97 -9.22
CBG JKF H . -26.74 27.95 -9.40
NBH JKF H . -22.05 26.35 -8.86
NBI JKF H . -27.99 28.08 -8.90
CBJ JKF H . -22.87 27.54 -10.95
CHA HEM I . -37.69 -11.00 -14.94
CHB HEM I . -34.02 -10.26 -18.02
CHC HEM I . -30.86 -10.63 -14.41
CHD HEM I . -34.41 -11.88 -11.42
C1A HEM I . -36.99 -10.75 -16.10
C2A HEM I . -37.54 -10.58 -17.43
C3A HEM I . -36.52 -10.40 -18.26
C4A HEM I . -35.29 -10.41 -17.50
CMA HEM I . -36.56 -10.17 -19.78
CAA HEM I . -39.04 -10.65 -17.84
CBA HEM I . -39.47 -12.11 -17.97
CGA HEM I . -40.90 -12.21 -18.46
O1A HEM I . -41.52 -11.16 -18.72
O2A HEM I . -41.42 -13.35 -18.61
C1B HEM I . -32.85 -10.26 -17.33
C2B HEM I . -31.53 -9.88 -17.81
C3B HEM I . -30.67 -9.99 -16.80
C4B HEM I . -31.42 -10.41 -15.64
CMB HEM I . -31.18 -9.45 -19.26
CAB HEM I . -29.16 -9.72 -16.80
CBB HEM I . -28.62 -8.98 -17.78
C1C HEM I . -31.55 -11.00 -13.29
C2C HEM I . -30.94 -11.21 -12.00
C3C HEM I . -31.93 -11.55 -11.18
C4C HEM I . -33.17 -11.56 -11.92
CMC HEM I . -29.44 -11.07 -11.65
CAC HEM I . -31.76 -11.88 -9.69
CBC HEM I . -30.62 -12.46 -9.32
C1D HEM I . -35.59 -11.81 -12.10
C2D HEM I . -36.85 -12.25 -11.55
C3D HEM I . -37.88 -11.99 -12.65
C4D HEM I . -37.15 -11.40 -13.74
CMD HEM I . -37.10 -12.88 -10.16
CAD HEM I . -39.39 -12.27 -12.56
CBD HEM I . -40.00 -11.04 -11.92
CGD HEM I . -41.48 -11.22 -11.69
O1D HEM I . -42.10 -10.37 -11.00
O2D HEM I . -42.07 -12.20 -12.23
NA HEM I . -35.62 -10.65 -16.17
NB HEM I . -32.74 -10.57 -15.99
NC HEM I . -32.90 -11.23 -13.22
ND HEM I . -35.81 -11.31 -13.38
FE HEM I . -34.25 -10.95 -14.69
CAA JKF J . -34.81 -18.50 -14.28
CAB JKF J . -32.89 -15.67 -17.06
CAC JKF J . -38.05 -16.43 -21.18
OAD JKF J . -36.89 -18.50 -22.47
FAE JKF J . -32.79 -18.00 -18.48
FAF JKF J . -35.40 -21.72 -19.48
CLAG JKF J . -39.53 -16.28 -10.96
CAH JKF J . -32.13 -21.54 -17.97
CAI JKF J . -31.95 -20.16 -17.95
CAJ JKF J . -33.32 -22.06 -18.48
CAK JKF J . -36.96 -16.05 -12.00
CAL JKF J . -38.66 -16.62 -13.59
CAM JKF J . -36.03 -16.10 -13.04
CAN JKF J . -37.73 -16.66 -14.64
CAO JKF J . -36.77 -15.82 -17.23
CAP JKF J . -35.10 -13.96 -14.75
CAQ JKF J . -37.17 -16.08 -18.54
CAR JKF J . -33.37 -13.48 -15.96
CAS JKF J . -35.55 -19.19 -20.76
CAT JKF J . -35.26 -17.72 -17.37
NAU JKF J . -34.24 -12.99 -15.09
OAV JKF J . -34.39 -17.42 -15.10
CAW JKF J . -38.29 -16.31 -12.28
CAX JKF J . -32.95 -19.33 -18.47
CAY JKF J . -34.31 -21.23 -18.99
CAZ JKF J . -36.39 -16.40 -14.35
CBA JKF J . -35.84 -16.68 -16.64
CBB JKF J . -35.12 -19.01 -19.46
CBC JKF J . -34.15 -19.86 -18.95
CBD JKF J . -34.72 -15.05 -15.41
CBE JKF J . -36.51 -18.33 -21.31
CBF JKF J . -35.65 -17.95 -18.70
CBG JKF J . -36.62 -17.13 -19.28
NBH JKF J . -33.66 -14.76 -16.17
NBI JKF J . -37.02 -17.32 -20.57
CBJ JKF J . -35.40 -16.42 -15.36
CHA HEM K . 12.65 -23.90 19.85
CHB HEM K . 15.06 -22.39 23.75
CHC HEM K . 18.98 -24.82 22.29
CHD HEM K . 16.78 -25.83 18.12
C1A HEM K . 12.94 -23.27 21.03
C2A HEM K . 12.04 -22.48 21.86
C3A HEM K . 12.72 -22.07 22.93
C4A HEM K . 14.05 -22.61 22.82
CMA HEM K . 12.19 -21.21 24.09
CAA HEM K . 10.56 -22.16 21.56
CBA HEM K . 10.50 -21.05 20.51
CGA HEM K . 9.05 -20.66 20.25
O1A HEM K . 8.14 -21.22 20.93
O2A HEM K . 8.81 -19.81 19.36
C1B HEM K . 16.31 -22.94 23.73
C2B HEM K . 17.32 -22.85 24.77
C3B HEM K . 18.39 -23.54 24.35
C4B HEM K . 18.10 -24.06 23.04
CMB HEM K . 17.19 -22.12 26.13
CAB HEM K . 19.74 -23.76 25.08
CBB HEM K . 19.76 -23.78 26.42
C1C HEM K . 18.73 -25.27 21.04
C2C HEM K . 19.68 -25.95 20.17
C3C HEM K . 19.04 -26.23 19.03
C4C HEM K . 17.70 -25.73 19.13
CMC HEM K . 21.13 -26.32 20.59
CAC HEM K . 19.54 -26.96 17.76
CBC HEM K . 20.71 -27.58 17.81
C1D HEM K . 15.50 -25.37 18.19
C2D HEM K . 14.57 -25.41 17.08
C3D HEM K . 13.28 -24.84 17.63
C4D HEM K . 13.55 -24.49 19.01
CMD HEM K . 14.82 -25.95 15.66
CAD HEM K . 11.96 -24.65 16.85
CBD HEM K . 11.13 -25.90 17.04
CGD HEM K . 9.92 -25.92 16.13
O1D HEM K . 9.32 -27.03 15.98
O2D HEM K . 9.54 -24.86 15.56
NA HEM K . 14.16 -23.32 21.65
NB HEM K . 16.82 -23.68 22.69
NC HEM K . 17.54 -25.14 20.37
ND HEM K . 14.88 -24.81 19.31
FE HEM K . 15.85 -24.22 21.01
CAA JKF L . 17.40 -18.81 15.66
CAB JKF L . 17.76 -19.09 20.02
CAC JKF L . 11.96 -15.84 20.50
OAD JKF L . 13.10 -13.45 20.40
FAE JKF L . 18.09 -16.09 19.64
FAF JKF L . 16.11 -13.51 16.30
CLAG JKF L . 13.39 -22.97 13.12
CAH JKF L . 19.51 -14.36 16.87
CAI JKF L . 19.38 -15.14 18.01
CAJ JKF L . 18.37 -13.83 16.30
CAK JKF L . 15.42 -22.27 14.80
CAL JKF L . 13.43 -20.93 15.01
CAM JKF L . 16.00 -21.52 15.79
CAN JKF L . 14.04 -20.17 16.01
CAO JKF L . 14.09 -18.91 18.65
CAP JKF L . 15.83 -21.93 18.79
CAQ JKF L . 13.41 -17.86 19.26
CAR JKF L . 17.02 -21.42 20.54
CAS JKF L . 14.99 -14.03 19.22
CAT JKF L . 15.85 -17.39 17.99
NAU JKF L . 16.31 -22.38 19.96
OAV JKF L . 17.34 -19.38 16.99
CAW JKF L . 14.13 -21.98 14.39
CAX JKF L . 18.13 -15.35 18.57
CAY JKF L . 17.12 -14.04 16.86
CAZ JKF L . 15.34 -20.47 16.43
CBA JKF L . 15.31 -18.68 18.00
CBB JKF L . 15.71 -15.04 18.60
CBC JKF L . 16.97 -14.80 18.00
CBD JKF L . 16.29 -20.70 18.65
CBE JKF L . 13.76 -14.33 19.83
CBF JKF L . 15.17 -16.33 18.60
CBG JKF L . 13.94 -16.58 19.24
NBH JKF L . 17.02 -20.37 19.72
NBI JKF L . 13.26 -15.57 19.83
CBJ JKF L . 16.02 -19.77 17.44
#